data_7FD9
#
_entry.id   7FD9
#
_cell.length_a   1.00
_cell.length_b   1.00
_cell.length_c   1.00
_cell.angle_alpha   90.00
_cell.angle_beta   90.00
_cell.angle_gamma   90.00
#
_symmetry.space_group_name_H-M   'P 1'
#
loop_
_entity.id
_entity.type
_entity.pdbx_description
1 polymer 'Metabotropic glutamate receptor 5'
2 non-polymer 2-acetamido-2-deoxy-beta-D-glucopyranose
3 non-polymer 2-[(1S,2S)-2-carboxycyclopropyl]-3-(9H-xanthen-9-yl)-D-alanine
#
_entity_poly.entity_id   1
_entity_poly.type   'polypeptide(L)'
_entity_poly.pdbx_seq_one_letter_code
;DYKDDDDKHHHHHHHHHHLEVLFQGPQSSERRVVAHMPGDIIIGALFSVHHQPTVDKVHERKCGAVREQYGIQRVEAMLH
TLERINSDPTLLPNITLGCEIRDSCWHSAVALEQSIEFIRDSLISSEEEEGLVRCVDGSSSSFRSKKPIVGVIGPGSSSV
AIQVQNLLQLFNIPQIAYSATSMDLSDKTLFKYFMRVVPSDAQQARAMVDIVKRYNWTYVSAVHTEGNYGESGMEAFKDM
SAKEGICIAHSYKIYSNAGEQSFDKLLKKLTSHLPKARVVACFCEGMTVRGLLMAMRRLGLAGEFLLLGSDGWADRYDVT
DGYQREAVGGITIKLQSPDVKWFDDYYLKLRPETNLRNPWFQEFWQHRFQCRLEGFPQENSKYNKTCNSSLTLKTHHVQD
SKMGFVINAIYSMAYGLHNMQMSLCPGYAGLCDAMKPIDGRKLLESLMKTAFTGVSGDTILFDENGDSPGRYEIMNFKEM
GKDYFDYINVGSWDNGELKMDDDEVWSKKSNIIRSVCSEPCEKGQIKVIRKGEVSCCWTCTPCKENEYVFDEYTCKACQL
GSWPTDDLTGCDLIPVQYLRWGDPEPIAAVVFACLGLLATLFVTVVFIIYRDTPVVKSSSRELCYIILAGICLGYLCTFC
LIAKPKQIYCYLQRIGIGLSPAMSYSALVTKTNRIARILAGSKKKICTKKPRFMSACAQLVIAFILICIQLGIIVALFIM
EPPDIMHDYPSIREVYLICNTTNLGVVAPLGYNGLLILACTFYAFKTRNVPANFNEAKYIAFAMYTTCIIWLAFVPIYFG
SNYKAITMCFSVSLSATVLLGCMFVPKVYIILAKPERNVRSAFTTSTVVRMHVGDGKSSSAA
;
_entity_poly.pdbx_strand_id   A,B
#
loop_
_chem_comp.id
_chem_comp.type
_chem_comp.name
_chem_comp.formula
NAG D-saccharide, beta linking 2-acetamido-2-deoxy-beta-D-glucopyranose 'C8 H15 N O6'
Z99 non-polymer 2-[(1S,2S)-2-carboxycyclopropyl]-3-(9H-xanthen-9-yl)-D-alanine 'C20 H19 N O5'
#
# COMPACT_ATOMS: atom_id res chain seq x y z
N ARG A 31 -8.75 -59.19 3.54
CA ARG A 31 -9.67 -60.27 3.99
C ARG A 31 -11.12 -59.83 3.78
N ARG A 32 -11.37 -58.53 3.99
CA ARG A 32 -12.70 -57.95 3.96
C ARG A 32 -13.36 -58.23 2.60
N VAL A 33 -14.66 -58.54 2.65
CA VAL A 33 -15.40 -59.06 1.51
C VAL A 33 -15.62 -57.94 0.50
N VAL A 34 -15.41 -58.27 -0.78
CA VAL A 34 -15.47 -57.32 -1.87
C VAL A 34 -16.51 -57.80 -2.87
N ALA A 35 -17.46 -56.93 -3.23
CA ALA A 35 -18.44 -57.27 -4.26
C ALA A 35 -17.77 -57.16 -5.62
N HIS A 36 -17.58 -58.31 -6.27
CA HIS A 36 -16.76 -58.40 -7.47
C HIS A 36 -17.61 -58.79 -8.68
N MET A 37 -17.80 -57.82 -9.58
CA MET A 37 -18.45 -58.11 -10.86
C MET A 37 -17.38 -58.26 -11.93
N PRO A 38 -17.34 -59.38 -12.67
CA PRO A 38 -16.33 -59.60 -13.72
C PRO A 38 -16.50 -58.66 -14.90
N GLY A 39 -15.39 -58.38 -15.59
CA GLY A 39 -15.38 -57.53 -16.76
C GLY A 39 -14.01 -57.48 -17.44
N ASP A 40 -13.85 -56.54 -18.36
CA ASP A 40 -12.62 -56.34 -19.11
C ASP A 40 -11.95 -55.04 -18.68
N ILE A 41 -12.73 -53.96 -18.59
CA ILE A 41 -12.27 -52.70 -18.03
C ILE A 41 -12.98 -52.50 -16.70
N ILE A 42 -12.19 -52.44 -15.63
CA ILE A 42 -12.71 -52.64 -14.28
C ILE A 42 -12.65 -51.32 -13.50
N ILE A 43 -13.84 -50.85 -13.11
CA ILE A 43 -14.01 -49.62 -12.36
C ILE A 43 -14.27 -49.96 -10.89
N GLY A 44 -13.33 -49.58 -10.02
CA GLY A 44 -13.53 -49.74 -8.59
C GLY A 44 -14.48 -48.68 -8.02
N ALA A 45 -14.93 -48.88 -6.78
CA ALA A 45 -15.75 -47.90 -6.10
C ALA A 45 -15.70 -48.10 -4.58
N LEU A 46 -15.90 -47.00 -3.85
CA LEU A 46 -15.99 -47.01 -2.40
C LEU A 46 -17.33 -46.43 -1.98
N PHE A 47 -18.13 -47.28 -1.31
CA PHE A 47 -19.43 -46.90 -0.80
C PHE A 47 -19.49 -47.15 0.71
N SER A 48 -20.06 -46.18 1.42
CA SER A 48 -20.13 -46.20 2.88
C SER A 48 -21.15 -47.25 3.33
N VAL A 49 -20.73 -48.51 3.27
CA VAL A 49 -21.62 -49.63 3.53
C VAL A 49 -21.98 -49.69 5.02
N HIS A 50 -20.94 -49.69 5.86
CA HIS A 50 -21.15 -49.77 7.31
C HIS A 50 -21.04 -48.38 7.94
N HIS A 51 -21.47 -48.28 9.20
CA HIS A 51 -21.36 -47.05 9.97
C HIS A 51 -19.91 -46.77 10.32
N GLN A 52 -19.65 -45.54 10.74
CA GLN A 52 -18.34 -45.13 11.23
C GLN A 52 -18.03 -45.87 12.52
N PRO A 53 -16.88 -46.59 12.61
CA PRO A 53 -16.48 -47.22 13.86
C PRO A 53 -16.13 -46.16 14.89
N THR A 54 -16.43 -46.46 16.16
CA THR A 54 -16.21 -45.54 17.26
C THR A 54 -14.72 -45.46 17.59
N VAL A 55 -14.38 -44.67 18.62
CA VAL A 55 -13.01 -44.39 19.00
C VAL A 55 -12.30 -45.66 19.48
N ASP A 56 -13.07 -46.61 20.04
CA ASP A 56 -12.49 -47.78 20.69
C ASP A 56 -11.91 -48.76 19.66
N LYS A 57 -12.43 -48.70 18.43
CA LYS A 57 -12.02 -49.66 17.40
C LYS A 57 -11.47 -48.94 16.18
N VAL A 58 -10.62 -47.94 16.41
CA VAL A 58 -9.99 -47.20 15.32
C VAL A 58 -8.78 -47.98 14.79
N HIS A 59 -8.18 -48.82 15.65
CA HIS A 59 -7.00 -49.60 15.29
C HIS A 59 -7.39 -51.01 14.86
N GLU A 60 -8.35 -51.62 15.57
CA GLU A 60 -8.93 -52.89 15.19
C GLU A 60 -9.71 -52.75 13.89
N ARG A 61 -10.43 -51.62 13.74
CA ARG A 61 -11.21 -51.27 12.57
C ARG A 61 -12.33 -52.30 12.34
N LYS A 62 -13.16 -52.48 13.37
CA LYS A 62 -14.40 -53.21 13.24
C LYS A 62 -15.54 -52.21 13.18
N CYS A 63 -16.18 -52.11 12.01
CA CYS A 63 -17.18 -51.09 11.73
C CYS A 63 -18.51 -51.47 12.38
N GLY A 64 -19.45 -50.51 12.38
CA GLY A 64 -20.74 -50.65 13.05
C GLY A 64 -21.81 -51.24 12.14
N ALA A 65 -23.07 -50.85 12.42
CA ALA A 65 -24.24 -51.38 11.75
C ALA A 65 -24.24 -50.99 10.27
N VAL A 66 -24.96 -51.78 9.46
CA VAL A 66 -25.04 -51.56 8.03
C VAL A 66 -25.94 -50.36 7.75
N ARG A 67 -25.41 -49.40 6.98
CA ARG A 67 -26.18 -48.24 6.55
C ARG A 67 -27.14 -48.67 5.43
N GLU A 68 -28.40 -48.24 5.55
CA GLU A 68 -29.44 -48.59 4.59
C GLU A 68 -29.46 -47.57 3.44
N GLN A 69 -29.65 -46.31 3.80
CA GLN A 69 -29.90 -45.23 2.83
C GLN A 69 -28.62 -44.89 2.07
N TYR A 70 -27.48 -44.85 2.76
CA TYR A 70 -26.28 -44.32 2.14
C TYR A 70 -25.50 -45.43 1.46
N GLY A 71 -25.78 -46.67 1.86
CA GLY A 71 -24.90 -47.79 1.57
C GLY A 71 -25.39 -48.67 0.43
N ILE A 72 -26.08 -49.76 0.78
CA ILE A 72 -26.33 -50.88 -0.11
C ILE A 72 -27.19 -50.45 -1.31
N GLN A 73 -27.98 -49.40 -1.12
CA GLN A 73 -28.68 -48.79 -2.25
C GLN A 73 -27.69 -48.47 -3.37
N ARG A 74 -26.51 -47.93 -2.99
CA ARG A 74 -25.53 -47.46 -3.95
C ARG A 74 -24.80 -48.62 -4.61
N VAL A 75 -24.50 -49.68 -3.85
CA VAL A 75 -23.81 -50.84 -4.43
C VAL A 75 -24.73 -51.52 -5.44
N GLU A 76 -26.01 -51.70 -5.07
CA GLU A 76 -27.01 -52.23 -5.98
C GLU A 76 -27.12 -51.33 -7.21
N ALA A 77 -27.07 -50.01 -6.96
CA ALA A 77 -27.13 -49.00 -8.01
C ALA A 77 -26.06 -49.27 -9.05
N MET A 78 -24.79 -49.39 -8.61
CA MET A 78 -23.71 -49.46 -9.57
C MET A 78 -23.66 -50.83 -10.24
N LEU A 79 -24.03 -51.88 -9.51
CA LEU A 79 -24.09 -53.22 -10.08
C LEU A 79 -25.08 -53.25 -11.24
N HIS A 80 -26.30 -52.74 -11.01
CA HIS A 80 -27.33 -52.70 -12.03
C HIS A 80 -26.92 -51.78 -13.18
N THR A 81 -26.29 -50.65 -12.85
CA THR A 81 -25.88 -49.66 -13.84
C THR A 81 -24.82 -50.25 -14.78
N LEU A 82 -23.86 -50.99 -14.20
CA LEU A 82 -22.81 -51.62 -14.98
C LEU A 82 -23.39 -52.73 -15.85
N GLU A 83 -24.40 -53.45 -15.34
CA GLU A 83 -25.10 -54.46 -16.12
C GLU A 83 -25.76 -53.80 -17.33
N ARG A 84 -26.40 -52.64 -17.10
CA ARG A 84 -27.14 -51.94 -18.14
C ARG A 84 -26.18 -51.40 -19.20
N ILE A 85 -25.06 -50.80 -18.78
CA ILE A 85 -24.03 -50.31 -19.69
C ILE A 85 -23.46 -51.48 -20.48
N ASN A 86 -23.29 -52.64 -19.83
CA ASN A 86 -22.86 -53.86 -20.50
C ASN A 86 -23.89 -54.30 -21.55
N SER A 87 -25.16 -53.99 -21.30
CA SER A 87 -26.27 -54.40 -22.15
C SER A 87 -26.65 -53.31 -23.16
N ASP A 88 -25.93 -52.18 -23.14
CA ASP A 88 -26.21 -51.08 -24.04
C ASP A 88 -25.18 -51.06 -25.17
N PRO A 89 -25.58 -51.35 -26.43
CA PRO A 89 -24.67 -51.24 -27.58
C PRO A 89 -24.30 -49.80 -27.97
N THR A 90 -24.89 -48.82 -27.28
CA THR A 90 -24.76 -47.42 -27.62
C THR A 90 -23.34 -46.91 -27.35
N LEU A 91 -22.68 -47.50 -26.35
CA LEU A 91 -21.32 -47.13 -25.99
C LEU A 91 -20.56 -48.35 -25.50
N LEU A 92 -19.24 -48.37 -25.73
CA LEU A 92 -18.36 -49.47 -25.41
C LEU A 92 -18.94 -50.78 -25.95
N PRO A 93 -18.91 -51.02 -27.28
CA PRO A 93 -19.61 -52.16 -27.88
C PRO A 93 -19.09 -53.52 -27.41
N ASN A 94 -17.78 -53.73 -27.56
CA ASN A 94 -17.16 -55.01 -27.26
C ASN A 94 -16.33 -54.91 -25.98
N ILE A 95 -16.83 -54.15 -25.01
CA ILE A 95 -16.16 -53.93 -23.74
C ILE A 95 -17.12 -54.26 -22.60
N THR A 96 -16.67 -55.11 -21.68
CA THR A 96 -17.44 -55.50 -20.51
C THR A 96 -16.81 -54.87 -19.27
N LEU A 97 -17.64 -54.21 -18.45
CA LEU A 97 -17.17 -53.47 -17.29
C LEU A 97 -17.50 -54.23 -16.01
N GLY A 98 -16.44 -54.61 -15.29
CA GLY A 98 -16.56 -55.15 -13.94
C GLY A 98 -16.31 -54.08 -12.87
N CYS A 99 -16.44 -54.50 -11.61
CA CYS A 99 -16.21 -53.57 -10.50
C CYS A 99 -15.85 -54.33 -9.23
N GLU A 100 -15.20 -53.62 -8.32
CA GLU A 100 -14.99 -54.08 -6.95
C GLU A 100 -15.58 -53.06 -5.98
N ILE A 101 -16.48 -53.55 -5.13
CA ILE A 101 -17.03 -52.74 -4.05
C ILE A 101 -16.34 -53.14 -2.76
N ARG A 102 -15.71 -52.13 -2.15
CA ARG A 102 -15.05 -52.28 -0.87
C ARG A 102 -15.70 -51.32 0.13
N ASP A 103 -15.96 -51.84 1.33
CA ASP A 103 -16.55 -51.06 2.40
C ASP A 103 -15.66 -49.85 2.70
N SER A 104 -16.29 -48.68 2.79
CA SER A 104 -15.58 -47.44 3.09
C SER A 104 -15.75 -47.02 4.54
N CYS A 105 -16.81 -47.50 5.20
CA CYS A 105 -17.06 -47.32 6.63
C CYS A 105 -17.10 -45.86 7.05
N TRP A 106 -17.14 -44.93 6.07
CA TRP A 106 -17.28 -43.50 6.33
C TRP A 106 -16.07 -42.96 7.09
N HIS A 107 -15.08 -43.82 7.35
CA HIS A 107 -13.90 -43.45 8.12
C HIS A 107 -12.66 -43.50 7.22
N SER A 108 -11.74 -42.57 7.47
CA SER A 108 -10.57 -42.36 6.62
C SER A 108 -9.69 -43.61 6.59
N ALA A 109 -9.50 -44.25 7.75
CA ALA A 109 -8.56 -45.35 7.90
C ALA A 109 -8.97 -46.53 7.03
N VAL A 110 -10.26 -46.90 7.09
CA VAL A 110 -10.76 -48.07 6.38
C VAL A 110 -10.71 -47.81 4.87
N ALA A 111 -11.10 -46.58 4.47
CA ALA A 111 -11.06 -46.20 3.06
C ALA A 111 -9.62 -46.28 2.53
N LEU A 112 -8.65 -45.86 3.35
CA LEU A 112 -7.25 -45.90 2.96
C LEU A 112 -6.76 -47.34 2.83
N GLU A 113 -7.21 -48.22 3.73
CA GLU A 113 -6.87 -49.65 3.65
C GLU A 113 -7.35 -50.23 2.32
N GLN A 114 -8.62 -49.95 1.99
CA GLN A 114 -9.23 -50.48 0.78
C GLN A 114 -8.56 -49.91 -0.47
N SER A 115 -8.21 -48.61 -0.42
CA SER A 115 -7.54 -47.96 -1.53
C SER A 115 -6.15 -48.56 -1.75
N ILE A 116 -5.47 -48.92 -0.66
CA ILE A 116 -4.20 -49.63 -0.72
C ILE A 116 -4.38 -50.96 -1.45
N GLU A 117 -5.47 -51.67 -1.13
CA GLU A 117 -5.77 -52.93 -1.78
C GLU A 117 -5.95 -52.72 -3.28
N PHE A 118 -6.71 -51.68 -3.64
CA PHE A 118 -6.92 -51.31 -5.04
C PHE A 118 -5.59 -51.09 -5.76
N ILE A 119 -4.73 -50.25 -5.16
CA ILE A 119 -3.48 -49.84 -5.76
C ILE A 119 -2.57 -51.05 -5.95
N ARG A 120 -2.48 -51.92 -4.93
CA ARG A 120 -1.59 -53.07 -5.03
C ARG A 120 -2.08 -54.04 -6.09
N ASP A 121 -3.41 -54.22 -6.19
CA ASP A 121 -3.98 -55.05 -7.23
C ASP A 121 -3.59 -54.52 -8.61
N SER A 122 -3.71 -53.21 -8.80
CA SER A 122 -3.38 -52.56 -10.06
C SER A 122 -1.89 -52.71 -10.38
N LEU A 123 -1.04 -52.64 -9.35
CA LEU A 123 0.40 -52.71 -9.52
C LEU A 123 0.84 -54.12 -9.90
N ILE A 124 0.34 -55.13 -9.18
CA ILE A 124 0.71 -56.52 -9.43
C ILE A 124 0.09 -56.99 -10.74
N SER A 125 -0.95 -56.30 -11.21
CA SER A 125 -1.57 -56.60 -12.50
C SER A 125 -0.58 -56.37 -13.64
N SER A 126 0.20 -55.28 -13.54
CA SER A 126 1.17 -54.88 -14.56
C SER A 126 2.30 -55.92 -14.67
N LYS A 146 -7.08 -58.60 -9.03
CA LYS A 146 -6.28 -59.46 -9.94
C LYS A 146 -6.20 -58.82 -11.32
N LYS A 147 -6.97 -57.74 -11.52
CA LYS A 147 -7.01 -57.00 -12.78
C LYS A 147 -6.85 -55.51 -12.47
N PRO A 148 -6.23 -54.71 -13.38
CA PRO A 148 -5.92 -53.31 -13.07
C PRO A 148 -7.18 -52.46 -12.95
N ILE A 149 -7.26 -51.71 -11.85
CA ILE A 149 -8.36 -50.77 -11.65
C ILE A 149 -8.10 -49.54 -12.53
N VAL A 150 -9.09 -49.20 -13.36
CA VAL A 150 -8.94 -48.12 -14.31
C VAL A 150 -9.28 -46.79 -13.63
N GLY A 151 -10.30 -46.82 -12.76
CA GLY A 151 -10.76 -45.66 -12.03
C GLY A 151 -11.59 -46.06 -10.81
N VAL A 152 -12.00 -45.06 -10.02
CA VAL A 152 -12.65 -45.31 -8.74
C VAL A 152 -13.72 -44.25 -8.52
N ILE A 153 -14.84 -44.70 -7.95
CA ILE A 153 -15.91 -43.80 -7.56
C ILE A 153 -15.66 -43.39 -6.10
N GLY A 154 -15.51 -42.07 -5.91
CA GLY A 154 -15.02 -41.48 -4.68
C GLY A 154 -15.90 -41.79 -3.47
N PRO A 155 -15.34 -41.78 -2.25
CA PRO A 155 -16.14 -41.97 -1.03
C PRO A 155 -17.10 -40.81 -0.81
N GLY A 156 -18.09 -41.04 0.06
CA GLY A 156 -19.14 -40.06 0.34
C GLY A 156 -18.61 -38.75 0.90
N SER A 157 -18.14 -38.81 2.15
CA SER A 157 -17.70 -37.63 2.88
C SER A 157 -16.51 -36.99 2.17
N SER A 158 -16.42 -35.66 2.28
CA SER A 158 -15.34 -34.92 1.67
C SER A 158 -14.03 -35.13 2.44
N SER A 159 -14.13 -35.23 3.76
CA SER A 159 -12.96 -35.38 4.63
C SER A 159 -12.29 -36.74 4.43
N VAL A 160 -13.00 -37.66 3.75
CA VAL A 160 -12.44 -38.97 3.43
C VAL A 160 -11.95 -38.96 1.99
N ALA A 161 -12.75 -38.33 1.10
CA ALA A 161 -12.41 -38.24 -0.32
C ALA A 161 -11.09 -37.50 -0.52
N ILE A 162 -10.82 -36.50 0.34
CA ILE A 162 -9.59 -35.71 0.25
C ILE A 162 -8.36 -36.60 0.44
N GLN A 163 -8.40 -37.47 1.46
CA GLN A 163 -7.28 -38.34 1.77
C GLN A 163 -7.15 -39.45 0.72
N VAL A 164 -8.29 -39.99 0.28
CA VAL A 164 -8.28 -41.02 -0.74
C VAL A 164 -7.69 -40.46 -2.02
N GLN A 165 -7.95 -39.17 -2.30
CA GLN A 165 -7.38 -38.49 -3.44
C GLN A 165 -5.88 -38.31 -3.28
N ASN A 166 -5.45 -37.93 -2.06
CA ASN A 166 -4.02 -37.78 -1.77
C ASN A 166 -3.28 -39.09 -2.04
N LEU A 167 -3.96 -40.22 -1.84
CA LEU A 167 -3.34 -41.52 -2.07
C LEU A 167 -3.35 -41.88 -3.55
N LEU A 168 -4.49 -41.64 -4.22
CA LEU A 168 -4.68 -42.08 -5.60
C LEU A 168 -3.91 -41.24 -6.60
N GLN A 169 -3.64 -39.97 -6.25
CA GLN A 169 -2.96 -39.02 -7.12
C GLN A 169 -1.58 -39.55 -7.53
N LEU A 170 -0.98 -40.41 -6.70
CA LEU A 170 0.38 -40.86 -6.91
C LEU A 170 0.44 -42.02 -7.91
N PHE A 171 -0.72 -42.57 -8.29
CA PHE A 171 -0.74 -43.76 -9.13
C PHE A 171 -1.53 -43.57 -10.42
N ASN A 172 -1.93 -42.32 -10.70
CA ASN A 172 -2.67 -41.99 -11.91
C ASN A 172 -3.97 -42.80 -11.95
N ILE A 173 -4.77 -42.67 -10.89
CA ILE A 173 -6.05 -43.34 -10.78
C ILE A 173 -7.15 -42.28 -10.69
N PRO A 174 -7.90 -42.03 -11.78
CA PRO A 174 -8.96 -41.03 -11.79
C PRO A 174 -10.08 -41.39 -10.82
N GLN A 175 -10.43 -40.44 -9.95
CA GLN A 175 -11.48 -40.61 -8.96
C GLN A 175 -12.62 -39.66 -9.26
N ILE A 176 -13.86 -40.18 -9.19
CA ILE A 176 -15.05 -39.37 -9.34
C ILE A 176 -15.88 -39.46 -8.06
N ALA A 177 -16.21 -38.30 -7.49
CA ALA A 177 -16.97 -38.22 -6.26
C ALA A 177 -18.44 -37.88 -6.55
N TYR A 178 -19.32 -38.35 -5.67
CA TYR A 178 -20.75 -38.14 -5.80
C TYR A 178 -21.32 -37.41 -4.58
N SER A 179 -20.51 -37.22 -3.53
CA SER A 179 -20.98 -36.53 -2.34
C SER A 179 -19.98 -35.51 -1.79
N ALA A 180 -18.74 -35.54 -2.27
CA ALA A 180 -17.70 -34.62 -1.80
C ALA A 180 -18.01 -33.21 -2.32
N THR A 181 -18.43 -32.32 -1.41
CA THR A 181 -18.85 -30.99 -1.79
C THR A 181 -17.94 -29.91 -1.22
N SER A 182 -16.83 -30.32 -0.58
CA SER A 182 -15.87 -29.36 -0.03
C SER A 182 -15.17 -28.63 -1.17
N MET A 183 -14.96 -27.32 -1.00
CA MET A 183 -14.43 -26.49 -2.07
C MET A 183 -12.90 -26.42 -2.05
N ASP A 184 -12.27 -27.13 -1.10
CA ASP A 184 -10.82 -27.24 -1.12
C ASP A 184 -10.38 -28.31 -2.13
N LEU A 185 -11.35 -29.03 -2.69
CA LEU A 185 -11.10 -30.04 -3.72
C LEU A 185 -11.17 -29.44 -5.13
N SER A 186 -11.44 -28.14 -5.23
CA SER A 186 -11.50 -27.45 -6.51
C SER A 186 -10.10 -27.27 -7.12
N ASP A 187 -9.07 -27.29 -6.26
CA ASP A 187 -7.70 -27.10 -6.69
C ASP A 187 -7.25 -28.26 -7.57
N LYS A 188 -6.39 -27.95 -8.53
CA LYS A 188 -5.79 -28.95 -9.41
C LYS A 188 -4.28 -29.03 -9.19
N THR A 189 -3.74 -28.05 -8.46
CA THR A 189 -2.35 -28.06 -8.00
C THR A 189 -2.17 -29.17 -6.96
N LEU A 190 -3.21 -29.40 -6.17
CA LEU A 190 -3.14 -30.32 -5.03
C LEU A 190 -3.82 -31.65 -5.34
N PHE A 191 -5.02 -31.59 -5.95
CA PHE A 191 -5.78 -32.78 -6.26
C PHE A 191 -6.05 -32.83 -7.75
N LYS A 192 -5.10 -33.39 -8.50
CA LYS A 192 -5.18 -33.36 -9.95
C LYS A 192 -6.27 -34.31 -10.46
N TYR A 193 -6.33 -35.52 -9.89
CA TYR A 193 -7.17 -36.57 -10.44
C TYR A 193 -8.49 -36.68 -9.68
N PHE A 194 -9.24 -35.56 -9.68
CA PHE A 194 -10.49 -35.52 -8.94
C PHE A 194 -11.61 -34.96 -9.81
N MET A 195 -12.74 -35.66 -9.82
CA MET A 195 -13.89 -35.28 -10.63
C MET A 195 -15.14 -35.29 -9.77
N ARG A 196 -15.94 -34.24 -9.88
CA ARG A 196 -17.15 -34.11 -9.09
C ARG A 196 -18.36 -33.95 -10.00
N VAL A 197 -19.35 -34.82 -9.80
CA VAL A 197 -20.64 -34.69 -10.47
C VAL A 197 -21.57 -33.85 -9.58
N VAL A 198 -21.10 -33.51 -8.38
CA VAL A 198 -21.82 -32.60 -7.50
C VAL A 198 -21.11 -31.25 -7.51
N PRO A 199 -21.84 -30.12 -7.40
CA PRO A 199 -21.20 -28.82 -7.27
C PRO A 199 -20.70 -28.58 -5.85
N SER A 200 -19.60 -27.82 -5.75
CA SER A 200 -19.00 -27.47 -4.47
C SER A 200 -19.92 -26.55 -3.67
N ASP A 201 -19.58 -26.37 -2.39
CA ASP A 201 -20.30 -25.46 -1.51
C ASP A 201 -20.15 -24.01 -2.00
N ALA A 202 -19.10 -23.73 -2.78
CA ALA A 202 -18.92 -22.42 -3.39
C ALA A 202 -20.13 -22.06 -4.23
N GLN A 203 -20.74 -23.06 -4.88
CA GLN A 203 -21.89 -22.80 -5.74
C GLN A 203 -23.17 -22.67 -4.91
N GLN A 204 -23.21 -23.26 -3.71
CA GLN A 204 -24.28 -22.97 -2.77
C GLN A 204 -24.23 -21.49 -2.38
N ALA A 205 -23.01 -20.99 -2.12
CA ALA A 205 -22.81 -19.58 -1.79
C ALA A 205 -23.21 -18.71 -2.97
N ARG A 206 -22.90 -19.16 -4.20
CA ARG A 206 -23.27 -18.46 -5.42
C ARG A 206 -24.79 -18.36 -5.53
N ALA A 207 -25.50 -19.46 -5.23
CA ALA A 207 -26.94 -19.49 -5.30
C ALA A 207 -27.57 -18.54 -4.27
N MET A 208 -27.02 -18.54 -3.05
CA MET A 208 -27.53 -17.68 -1.99
C MET A 208 -27.33 -16.21 -2.37
N VAL A 209 -26.15 -15.87 -2.88
CA VAL A 209 -25.88 -14.49 -3.27
C VAL A 209 -26.77 -14.08 -4.44
N ASP A 210 -27.07 -15.04 -5.33
CA ASP A 210 -27.94 -14.79 -6.48
C ASP A 210 -29.36 -14.47 -6.03
N ILE A 211 -29.88 -15.24 -5.07
CA ILE A 211 -31.24 -15.01 -4.61
C ILE A 211 -31.32 -13.71 -3.81
N VAL A 212 -30.25 -13.37 -3.07
CA VAL A 212 -30.20 -12.12 -2.33
C VAL A 212 -30.22 -10.96 -3.33
N LYS A 213 -29.45 -11.10 -4.41
CA LYS A 213 -29.42 -10.13 -5.50
C LYS A 213 -30.82 -9.98 -6.10
N ARG A 214 -31.51 -11.11 -6.28
CA ARG A 214 -32.86 -11.15 -6.85
C ARG A 214 -33.82 -10.36 -5.98
N TYR A 215 -33.72 -10.53 -4.66
CA TYR A 215 -34.60 -9.86 -3.71
C TYR A 215 -34.08 -8.48 -3.33
N ASN A 216 -32.89 -8.11 -3.84
CA ASN A 216 -32.40 -6.74 -3.82
C ASN A 216 -32.14 -6.28 -2.38
N TRP A 217 -31.28 -7.03 -1.68
CA TRP A 217 -30.88 -6.69 -0.32
C TRP A 217 -29.40 -6.35 -0.28
N THR A 218 -29.01 -5.49 0.67
CA THR A 218 -27.64 -5.02 0.76
C THR A 218 -27.03 -5.36 2.11
N TYR A 219 -27.68 -4.92 3.19
CA TYR A 219 -27.14 -5.05 4.54
C TYR A 219 -27.74 -6.27 5.22
N VAL A 220 -27.15 -7.44 4.94
CA VAL A 220 -27.63 -8.71 5.46
C VAL A 220 -26.63 -9.22 6.49
N SER A 221 -27.15 -9.87 7.54
CA SER A 221 -26.32 -10.52 8.54
C SER A 221 -25.83 -11.85 8.01
N ALA A 222 -24.66 -12.29 8.48
CA ALA A 222 -24.06 -13.53 8.03
C ALA A 222 -23.49 -14.30 9.21
N VAL A 223 -24.02 -15.51 9.42
CA VAL A 223 -23.47 -16.44 10.41
C VAL A 223 -23.13 -17.74 9.69
N HIS A 224 -22.23 -18.53 10.29
CA HIS A 224 -21.77 -19.76 9.67
C HIS A 224 -21.31 -20.72 10.76
N THR A 225 -21.57 -22.01 10.54
CA THR A 225 -21.00 -23.05 11.40
C THR A 225 -19.48 -22.98 11.31
N GLU A 226 -18.81 -23.18 12.44
CA GLU A 226 -17.36 -23.20 12.49
C GLU A 226 -16.86 -24.61 12.27
N GLY A 227 -15.86 -24.73 11.38
CA GLY A 227 -15.29 -26.01 10.98
C GLY A 227 -14.88 -25.96 9.51
N ASN A 228 -14.76 -27.14 8.90
CA ASN A 228 -14.34 -27.27 7.52
C ASN A 228 -15.41 -26.69 6.58
N TYR A 229 -16.67 -26.96 6.91
CA TYR A 229 -17.80 -26.69 6.03
C TYR A 229 -18.16 -25.22 6.05
N GLY A 230 -18.66 -24.77 7.21
CA GLY A 230 -19.26 -23.45 7.36
C GLY A 230 -18.26 -22.33 7.14
N GLU A 231 -17.03 -22.51 7.65
CA GLU A 231 -16.02 -21.47 7.59
C GLU A 231 -15.68 -21.17 6.14
N SER A 232 -15.36 -22.22 5.36
CA SER A 232 -15.02 -22.08 3.96
C SER A 232 -16.21 -21.57 3.16
N GLY A 233 -17.42 -22.00 3.53
CA GLY A 233 -18.65 -21.55 2.88
C GLY A 233 -18.84 -20.04 3.02
N MET A 234 -18.64 -19.53 4.24
CA MET A 234 -18.75 -18.11 4.50
C MET A 234 -17.64 -17.33 3.79
N GLU A 235 -16.44 -17.92 3.68
CA GLU A 235 -15.37 -17.30 2.91
C GLU A 235 -15.79 -17.11 1.46
N ALA A 236 -16.38 -18.16 0.88
CA ALA A 236 -16.85 -18.12 -0.50
C ALA A 236 -17.97 -17.10 -0.66
N PHE A 237 -18.89 -17.06 0.32
CA PHE A 237 -20.04 -16.19 0.26
C PHE A 237 -19.62 -14.72 0.30
N LYS A 238 -18.69 -14.39 1.20
CA LYS A 238 -18.20 -13.03 1.33
C LYS A 238 -17.28 -12.66 0.18
N ASP A 239 -16.67 -13.67 -0.45
CA ASP A 239 -15.89 -13.47 -1.66
C ASP A 239 -16.82 -13.00 -2.78
N MET A 240 -17.98 -13.66 -2.91
CA MET A 240 -18.90 -13.38 -4.00
C MET A 240 -19.86 -12.24 -3.64
N SER A 241 -19.81 -11.75 -2.39
CA SER A 241 -20.61 -10.62 -1.95
C SER A 241 -19.98 -9.31 -2.44
N ALA A 242 -18.65 -9.22 -2.41
CA ALA A 242 -17.93 -8.03 -2.82
C ALA A 242 -18.14 -7.75 -4.31
N LYS A 243 -18.43 -8.80 -5.08
CA LYS A 243 -18.69 -8.68 -6.51
C LYS A 243 -20.12 -8.20 -6.77
N GLU A 244 -20.93 -8.08 -5.71
CA GLU A 244 -22.32 -7.67 -5.83
C GLU A 244 -22.64 -6.45 -4.96
N GLY A 245 -21.68 -6.03 -4.13
CA GLY A 245 -21.81 -4.87 -3.27
C GLY A 245 -22.68 -5.13 -2.04
N ILE A 246 -23.01 -6.40 -1.79
CA ILE A 246 -23.80 -6.77 -0.62
C ILE A 246 -22.94 -6.65 0.63
N CYS A 247 -23.45 -5.91 1.62
CA CYS A 247 -22.76 -5.72 2.88
C CYS A 247 -23.07 -6.88 3.83
N ILE A 248 -22.17 -7.05 4.82
CA ILE A 248 -22.31 -8.06 5.85
C ILE A 248 -22.32 -7.35 7.20
N ALA A 249 -23.33 -7.66 8.04
CA ALA A 249 -23.43 -7.10 9.37
C ALA A 249 -22.23 -7.50 10.21
N HIS A 250 -22.11 -8.81 10.47
CA HIS A 250 -21.03 -9.36 11.29
C HIS A 250 -20.98 -10.87 11.13
N SER A 251 -19.81 -11.37 10.68
CA SER A 251 -19.60 -12.78 10.42
C SER A 251 -19.50 -13.56 11.73
N TYR A 252 -20.67 -13.80 12.37
CA TYR A 252 -20.74 -14.55 13.60
C TYR A 252 -20.34 -16.00 13.34
N LYS A 253 -19.83 -16.66 14.39
CA LYS A 253 -19.19 -17.96 14.27
C LYS A 253 -19.40 -18.74 15.56
N ILE A 254 -20.25 -19.76 15.50
CA ILE A 254 -20.60 -20.58 16.66
C ILE A 254 -20.49 -22.06 16.30
N TYR A 255 -20.47 -22.90 17.33
CA TYR A 255 -20.49 -24.35 17.16
C TYR A 255 -21.92 -24.87 17.15
N SER A 256 -22.05 -26.18 16.97
CA SER A 256 -23.30 -26.91 17.12
C SER A 256 -23.43 -27.46 18.53
N ASN A 257 -22.35 -27.35 19.32
CA ASN A 257 -22.31 -27.88 20.68
C ASN A 257 -22.28 -26.76 21.72
N ALA A 258 -22.39 -25.50 21.26
CA ALA A 258 -22.38 -24.33 22.13
C ALA A 258 -23.61 -24.35 23.04
N GLY A 259 -23.43 -23.81 24.26
CA GLY A 259 -24.47 -23.75 25.26
C GLY A 259 -25.64 -22.88 24.83
N GLU A 260 -26.81 -23.14 25.42
CA GLU A 260 -28.02 -22.36 25.21
C GLU A 260 -27.76 -20.88 25.48
N GLN A 261 -26.92 -20.60 26.48
CA GLN A 261 -26.48 -19.26 26.83
C GLN A 261 -25.68 -18.67 25.67
N SER A 262 -24.80 -19.49 25.07
CA SER A 262 -23.97 -19.08 23.95
C SER A 262 -24.85 -18.73 22.74
N PHE A 263 -25.88 -19.56 22.50
CA PHE A 263 -26.82 -19.34 21.41
C PHE A 263 -27.61 -18.05 21.64
N ASP A 264 -28.00 -17.81 22.90
CA ASP A 264 -28.74 -16.61 23.28
C ASP A 264 -27.87 -15.37 23.04
N LYS A 265 -26.59 -15.47 23.39
CA LYS A 265 -25.63 -14.39 23.19
C LYS A 265 -25.49 -14.10 21.70
N LEU A 266 -25.43 -15.16 20.88
CA LEU A 266 -25.31 -15.03 19.44
C LEU A 266 -26.55 -14.35 18.87
N LEU A 267 -27.73 -14.73 19.37
CA LEU A 267 -28.99 -14.15 18.92
C LEU A 267 -29.04 -12.67 19.26
N LYS A 268 -28.57 -12.30 20.47
CA LYS A 268 -28.52 -10.92 20.91
C LYS A 268 -27.57 -10.12 20.02
N LYS A 269 -26.43 -10.72 19.68
CA LYS A 269 -25.43 -10.08 18.83
C LYS A 269 -26.03 -9.81 17.44
N LEU A 270 -26.78 -10.78 16.90
CA LEU A 270 -27.41 -10.64 15.60
C LEU A 270 -28.49 -9.57 15.64
N THR A 271 -29.29 -9.55 16.72
CA THR A 271 -30.40 -8.63 16.88
C THR A 271 -29.93 -7.21 17.21
N SER A 272 -28.64 -7.07 17.57
CA SER A 272 -28.06 -5.75 17.83
C SER A 272 -28.24 -4.83 16.64
N HIS A 273 -28.31 -5.42 15.44
CA HIS A 273 -28.54 -4.68 14.20
C HIS A 273 -29.86 -5.11 13.54
N LEU A 274 -30.80 -5.62 14.34
CA LEU A 274 -32.06 -6.17 13.85
C LEU A 274 -32.86 -5.16 13.02
N PRO A 275 -33.08 -3.89 13.46
CA PRO A 275 -33.84 -2.92 12.66
C PRO A 275 -33.31 -2.72 11.24
N LYS A 276 -31.99 -2.75 11.09
CA LYS A 276 -31.37 -2.47 9.80
C LYS A 276 -31.20 -3.77 9.01
N ALA A 277 -30.76 -4.84 9.68
CA ALA A 277 -30.48 -6.11 9.04
C ALA A 277 -31.52 -7.15 9.47
N ARG A 278 -32.24 -7.71 8.47
CA ARG A 278 -33.33 -8.63 8.73
C ARG A 278 -33.04 -10.02 8.15
N VAL A 279 -32.37 -10.05 6.98
CA VAL A 279 -32.02 -11.30 6.34
C VAL A 279 -30.69 -11.79 6.90
N VAL A 280 -30.75 -12.89 7.66
CA VAL A 280 -29.56 -13.52 8.20
C VAL A 280 -29.26 -14.78 7.40
N ALA A 281 -28.14 -14.75 6.67
CA ALA A 281 -27.69 -15.92 5.94
C ALA A 281 -26.82 -16.79 6.84
N CYS A 282 -27.34 -17.97 7.20
CA CYS A 282 -26.53 -18.95 7.90
C CYS A 282 -26.02 -19.97 6.89
N PHE A 283 -24.69 -20.01 6.69
CA PHE A 283 -24.06 -21.16 6.05
C PHE A 283 -23.92 -22.24 7.13
N CYS A 284 -25.06 -22.82 7.50
CA CYS A 284 -25.27 -23.41 8.81
C CYS A 284 -25.50 -24.91 8.69
N GLU A 285 -25.03 -25.64 9.71
CA GLU A 285 -25.45 -27.00 10.00
C GLU A 285 -26.83 -26.96 10.66
N GLY A 286 -27.58 -28.06 10.53
CA GLY A 286 -28.91 -28.20 11.10
C GLY A 286 -28.95 -27.93 12.60
N MET A 287 -27.94 -28.42 13.33
CA MET A 287 -27.90 -28.25 14.77
C MET A 287 -27.72 -26.77 15.13
N THR A 288 -26.96 -26.03 14.31
CA THR A 288 -26.84 -24.59 14.46
C THR A 288 -28.20 -23.93 14.29
N VAL A 289 -28.99 -24.43 13.32
CA VAL A 289 -30.32 -23.90 13.05
C VAL A 289 -31.21 -24.11 14.28
N ARG A 290 -31.16 -25.32 14.86
CA ARG A 290 -31.96 -25.65 16.04
C ARG A 290 -31.55 -24.78 17.22
N GLY A 291 -30.23 -24.52 17.35
CA GLY A 291 -29.70 -23.65 18.38
C GLY A 291 -30.24 -22.22 18.26
N LEU A 292 -30.22 -21.70 17.03
CA LEU A 292 -30.73 -20.36 16.74
C LEU A 292 -32.23 -20.30 17.00
N LEU A 293 -32.95 -21.42 16.77
CA LEU A 293 -34.39 -21.44 16.99
C LEU A 293 -34.71 -21.50 18.48
N MET A 294 -33.92 -22.26 19.24
CA MET A 294 -33.98 -22.22 20.70
C MET A 294 -33.82 -20.78 21.19
N ALA A 295 -32.81 -20.09 20.63
CA ALA A 295 -32.50 -18.72 21.03
C ALA A 295 -33.65 -17.78 20.66
N MET A 296 -34.25 -17.98 19.49
CA MET A 296 -35.33 -17.12 19.01
C MET A 296 -36.58 -17.29 19.87
N ARG A 297 -36.89 -18.54 20.27
CA ARG A 297 -38.04 -18.79 21.13
C ARG A 297 -37.82 -18.20 22.52
N ARG A 298 -36.57 -18.32 23.02
CA ARG A 298 -36.22 -17.79 24.34
C ARG A 298 -36.35 -16.27 24.35
N LEU A 299 -35.70 -15.60 23.38
CA LEU A 299 -35.65 -14.14 23.32
C LEU A 299 -36.97 -13.57 22.79
N GLY A 300 -37.70 -14.37 21.99
CA GLY A 300 -38.96 -13.95 21.38
C GLY A 300 -38.78 -12.81 20.39
N LEU A 301 -37.65 -12.81 19.67
CA LEU A 301 -37.31 -11.77 18.71
C LEU A 301 -37.55 -12.27 17.28
N ALA A 302 -38.60 -13.09 17.11
CA ALA A 302 -38.95 -13.68 15.83
C ALA A 302 -39.49 -12.60 14.88
N GLY A 303 -39.84 -13.03 13.66
CA GLY A 303 -40.49 -12.17 12.69
C GLY A 303 -39.48 -11.49 11.76
N GLU A 304 -38.65 -10.60 12.34
CA GLU A 304 -37.69 -9.81 11.58
C GLU A 304 -36.53 -10.67 11.08
N PHE A 305 -36.20 -11.72 11.85
CA PHE A 305 -35.12 -12.62 11.52
C PHE A 305 -35.54 -13.54 10.37
N LEU A 306 -35.07 -13.20 9.17
CA LEU A 306 -35.27 -14.07 8.01
C LEU A 306 -34.10 -15.05 7.93
N LEU A 307 -34.40 -16.31 8.22
CA LEU A 307 -33.37 -17.34 8.25
C LEU A 307 -33.13 -17.87 6.84
N LEU A 308 -32.18 -17.26 6.14
CA LEU A 308 -31.71 -17.77 4.86
C LEU A 308 -30.60 -18.79 5.12
N GLY A 309 -30.93 -20.07 4.91
CA GLY A 309 -30.02 -21.15 5.22
C GLY A 309 -29.50 -21.86 3.97
N SER A 310 -28.25 -22.32 4.04
CA SER A 310 -27.67 -23.21 3.05
C SER A 310 -28.15 -24.63 3.32
N ASP A 311 -27.46 -25.62 2.73
CA ASP A 311 -27.87 -27.01 2.81
C ASP A 311 -27.71 -27.54 4.23
N GLY A 312 -28.42 -26.89 5.16
CA GLY A 312 -28.59 -27.37 6.52
C GLY A 312 -29.97 -27.98 6.69
N TRP A 313 -30.91 -27.16 7.19
CA TRP A 313 -32.31 -27.52 7.27
C TRP A 313 -32.92 -27.45 5.87
N ALA A 314 -32.45 -28.35 4.99
CA ALA A 314 -32.85 -28.32 3.59
C ALA A 314 -34.28 -28.86 3.42
N ASP A 315 -34.47 -30.12 3.79
CA ASP A 315 -35.80 -30.72 3.89
C ASP A 315 -35.95 -31.40 5.25
N ARG A 316 -34.90 -31.32 6.08
CA ARG A 316 -34.83 -32.00 7.36
C ARG A 316 -35.76 -31.32 8.35
N TYR A 317 -37.05 -31.72 8.33
CA TYR A 317 -38.05 -31.14 9.20
C TYR A 317 -37.73 -31.44 10.67
N ASP A 318 -36.95 -32.50 10.92
CA ASP A 318 -36.53 -32.88 12.26
C ASP A 318 -35.72 -31.76 12.90
N VAL A 319 -35.12 -30.90 12.06
CA VAL A 319 -34.39 -29.73 12.52
C VAL A 319 -35.37 -28.77 13.21
N THR A 320 -36.55 -28.61 12.61
CA THR A 320 -37.48 -27.56 13.02
C THR A 320 -38.78 -28.13 13.59
N ASP A 321 -38.82 -29.44 13.88
CA ASP A 321 -39.98 -30.04 14.54
C ASP A 321 -40.15 -29.41 15.92
N GLY A 322 -41.39 -28.98 16.22
CA GLY A 322 -41.73 -28.31 17.46
C GLY A 322 -41.56 -26.80 17.38
N TYR A 323 -40.84 -26.31 16.35
CA TYR A 323 -40.56 -24.89 16.18
C TYR A 323 -41.08 -24.41 14.83
N GLN A 324 -42.26 -24.90 14.43
CA GLN A 324 -42.86 -24.58 13.15
C GLN A 324 -43.11 -23.07 13.06
N ARG A 325 -43.64 -22.50 14.14
CA ARG A 325 -43.96 -21.08 14.20
C ARG A 325 -42.70 -20.22 14.36
N GLU A 326 -41.58 -20.86 14.72
CA GLU A 326 -40.38 -20.14 15.12
C GLU A 326 -39.71 -19.46 13.91
N ALA A 327 -39.52 -20.23 12.83
CA ALA A 327 -38.74 -19.77 11.69
C ALA A 327 -39.51 -19.96 10.38
N VAL A 328 -40.80 -19.56 10.39
CA VAL A 328 -41.61 -19.56 9.19
C VAL A 328 -41.01 -18.54 8.21
N GLY A 329 -41.13 -18.84 6.90
CA GLY A 329 -40.73 -17.93 5.85
C GLY A 329 -39.24 -18.01 5.50
N GLY A 330 -38.51 -18.91 6.17
CA GLY A 330 -37.10 -19.13 5.89
C GLY A 330 -36.87 -19.70 4.49
N ILE A 331 -35.66 -19.46 3.96
CA ILE A 331 -35.29 -19.91 2.63
C ILE A 331 -34.08 -20.85 2.73
N THR A 332 -34.20 -22.00 2.08
CA THR A 332 -33.17 -23.03 2.08
C THR A 332 -32.93 -23.55 0.66
N ILE A 333 -31.86 -24.33 0.51
CA ILE A 333 -31.45 -24.86 -0.79
C ILE A 333 -31.23 -26.36 -0.66
N LYS A 334 -31.63 -27.09 -1.72
CA LYS A 334 -31.29 -28.50 -1.85
C LYS A 334 -30.62 -28.74 -3.20
N LEU A 335 -29.83 -29.82 -3.26
CA LEU A 335 -29.38 -30.38 -4.52
C LEU A 335 -30.58 -30.98 -5.24
N GLN A 336 -30.64 -30.78 -6.57
CA GLN A 336 -31.69 -31.36 -7.40
C GLN A 336 -31.50 -32.88 -7.43
N SER A 337 -32.50 -33.61 -6.94
CA SER A 337 -32.44 -35.05 -6.82
C SER A 337 -33.61 -35.71 -7.55
N PRO A 338 -33.54 -35.89 -8.88
CA PRO A 338 -34.59 -36.59 -9.62
C PRO A 338 -34.70 -38.04 -9.19
N ASP A 339 -35.89 -38.40 -8.68
CA ASP A 339 -36.16 -39.77 -8.24
C ASP A 339 -36.07 -40.71 -9.43
N VAL A 340 -34.99 -41.51 -9.45
CA VAL A 340 -34.72 -42.38 -10.58
C VAL A 340 -35.50 -43.68 -10.39
N LYS A 341 -36.37 -43.99 -11.36
CA LYS A 341 -37.20 -45.19 -11.33
C LYS A 341 -36.42 -46.43 -11.75
N TRP A 342 -35.28 -46.23 -12.44
CA TRP A 342 -34.41 -47.33 -12.83
C TRP A 342 -34.06 -48.19 -11.62
N PHE A 343 -33.55 -47.53 -10.58
CA PHE A 343 -33.15 -48.19 -9.35
C PHE A 343 -34.36 -48.76 -8.62
N ASP A 344 -35.50 -48.06 -8.70
CA ASP A 344 -36.73 -48.51 -8.07
C ASP A 344 -37.14 -49.89 -8.60
N ASP A 345 -37.04 -50.07 -9.93
CA ASP A 345 -37.40 -51.32 -10.57
C ASP A 345 -36.31 -52.37 -10.33
N TYR A 346 -35.04 -51.95 -10.36
CA TYR A 346 -33.91 -52.86 -10.24
C TYR A 346 -33.75 -53.36 -8.80
N TYR A 347 -34.37 -52.67 -7.83
CA TYR A 347 -34.05 -52.87 -6.42
C TYR A 347 -35.21 -53.48 -5.64
N LEU A 348 -36.45 -53.14 -6.00
CA LEU A 348 -37.61 -53.60 -5.25
C LEU A 348 -37.85 -55.10 -5.46
N LYS A 349 -37.28 -55.67 -6.54
CA LYS A 349 -37.47 -57.07 -6.88
C LYS A 349 -36.25 -57.89 -6.43
N LEU A 350 -35.54 -57.40 -5.41
CA LEU A 350 -34.33 -58.06 -4.94
C LEU A 350 -34.63 -58.82 -3.64
N ARG A 351 -34.53 -60.15 -3.74
CA ARG A 351 -34.68 -61.04 -2.60
C ARG A 351 -33.32 -61.52 -2.13
N PRO A 352 -33.12 -61.81 -0.83
CA PRO A 352 -31.82 -62.27 -0.32
C PRO A 352 -31.24 -63.49 -1.05
N GLU A 353 -32.11 -64.43 -1.45
CA GLU A 353 -31.66 -65.66 -2.06
C GLU A 353 -31.19 -65.41 -3.49
N THR A 354 -31.89 -64.54 -4.21
CA THR A 354 -31.63 -64.28 -5.61
C THR A 354 -30.37 -63.44 -5.77
N ASN A 355 -30.22 -62.44 -4.89
CA ASN A 355 -29.14 -61.47 -4.97
C ASN A 355 -27.89 -62.04 -4.31
N LEU A 356 -27.23 -62.96 -5.02
CA LEU A 356 -26.07 -63.68 -4.51
C LEU A 356 -24.78 -62.88 -4.72
N ARG A 357 -24.78 -62.01 -5.74
CA ARG A 357 -23.58 -61.28 -6.16
C ARG A 357 -23.16 -60.26 -5.10
N ASN A 358 -24.13 -59.66 -4.42
CA ASN A 358 -23.86 -58.72 -3.34
C ASN A 358 -23.65 -59.52 -2.05
N PRO A 359 -22.44 -59.53 -1.46
CA PRO A 359 -22.15 -60.39 -0.30
C PRO A 359 -22.87 -60.01 0.99
N TRP A 360 -22.82 -58.73 1.37
CA TRP A 360 -23.34 -58.29 2.64
C TRP A 360 -24.84 -57.98 2.57
N PHE A 361 -25.40 -57.95 1.35
CA PHE A 361 -26.83 -57.70 1.17
C PHE A 361 -27.66 -58.60 2.07
N GLN A 362 -27.35 -59.91 2.04
CA GLN A 362 -27.99 -60.90 2.89
C GLN A 362 -28.02 -60.41 4.33
N GLU A 363 -26.85 -60.02 4.86
CA GLU A 363 -26.71 -59.55 6.23
C GLU A 363 -27.64 -58.35 6.44
N PHE A 364 -27.63 -57.42 5.48
CA PHE A 364 -28.48 -56.24 5.50
C PHE A 364 -29.92 -56.63 5.77
N TRP A 365 -30.38 -57.70 5.12
CA TRP A 365 -31.74 -58.19 5.27
C TRP A 365 -32.07 -58.39 6.74
N GLN A 366 -31.21 -59.14 7.46
CA GLN A 366 -31.44 -59.45 8.87
C GLN A 366 -31.50 -58.18 9.70
N HIS A 367 -30.78 -57.13 9.27
CA HIS A 367 -30.80 -55.88 10.02
C HIS A 367 -31.96 -54.99 9.57
N ARG A 368 -32.39 -55.14 8.32
CA ARG A 368 -33.42 -54.29 7.75
C ARG A 368 -34.77 -54.59 8.41
N PHE A 369 -35.00 -55.87 8.73
CA PHE A 369 -36.29 -56.32 9.22
C PHE A 369 -36.22 -56.92 10.62
N GLN A 370 -35.04 -56.92 11.23
CA GLN A 370 -34.81 -57.43 12.58
C GLN A 370 -35.23 -58.90 12.69
N CYS A 371 -35.15 -59.63 11.56
CA CYS A 371 -35.47 -61.04 11.52
C CYS A 371 -34.21 -61.84 11.18
N ARG A 372 -34.03 -62.98 11.85
CA ARG A 372 -32.89 -63.85 11.60
C ARG A 372 -33.29 -64.92 10.59
N LEU A 373 -32.73 -64.84 9.39
CA LEU A 373 -32.94 -65.87 8.37
C LEU A 373 -32.00 -67.04 8.64
N GLU A 374 -32.52 -68.01 9.43
CA GLU A 374 -31.77 -69.19 9.85
C GLU A 374 -31.34 -70.01 8.63
N GLY A 375 -32.25 -70.14 7.66
CA GLY A 375 -32.01 -70.87 6.42
C GLY A 375 -30.83 -70.31 5.63
N PHE A 376 -30.72 -68.98 5.61
CA PHE A 376 -29.65 -68.27 4.92
C PHE A 376 -28.32 -68.53 5.64
N PRO A 377 -27.18 -68.61 4.90
CA PRO A 377 -25.87 -68.84 5.53
C PRO A 377 -25.50 -67.78 6.58
N GLN A 378 -25.91 -66.53 6.34
CA GLN A 378 -25.68 -65.44 7.27
C GLN A 378 -26.76 -65.46 8.36
N GLU A 379 -26.78 -66.56 9.13
CA GLU A 379 -27.75 -66.76 10.19
C GLU A 379 -27.26 -66.05 11.46
N ASN A 380 -27.43 -64.73 11.47
CA ASN A 380 -27.07 -63.88 12.60
C ASN A 380 -27.97 -64.22 13.79
N SER A 381 -27.35 -64.32 14.97
CA SER A 381 -28.02 -64.76 16.18
C SER A 381 -28.67 -63.58 16.93
N LYS A 382 -28.42 -62.36 16.45
CA LYS A 382 -28.88 -61.13 17.09
C LYS A 382 -30.41 -61.09 17.10
N TYR A 383 -31.01 -61.40 15.94
CA TYR A 383 -32.46 -61.33 15.76
C TYR A 383 -33.10 -62.61 16.30
N ASN A 384 -34.22 -62.44 17.02
CA ASN A 384 -34.91 -63.55 17.65
C ASN A 384 -35.79 -64.26 16.61
N LYS A 385 -36.75 -63.53 16.04
CA LYS A 385 -37.74 -64.05 15.12
C LYS A 385 -37.08 -64.46 13.79
N THR A 386 -37.77 -65.32 13.04
CA THR A 386 -37.34 -65.76 11.72
C THR A 386 -37.88 -64.82 10.66
N CYS A 387 -37.43 -65.00 9.41
CA CYS A 387 -37.84 -64.18 8.28
C CYS A 387 -38.90 -64.91 7.47
N ASN A 388 -40.10 -64.32 7.42
CA ASN A 388 -41.20 -64.84 6.62
C ASN A 388 -40.96 -64.53 5.15
N SER A 389 -41.28 -65.51 4.28
CA SER A 389 -41.11 -65.41 2.84
C SER A 389 -42.02 -64.32 2.27
N SER A 390 -43.12 -64.03 2.97
CA SER A 390 -44.12 -63.05 2.54
C SER A 390 -43.60 -61.62 2.71
N LEU A 391 -42.53 -61.45 3.51
CA LEU A 391 -42.03 -60.14 3.86
C LEU A 391 -41.24 -59.55 2.70
N THR A 392 -41.81 -58.51 2.08
CA THR A 392 -41.24 -57.84 0.93
C THR A 392 -40.47 -56.59 1.37
N LEU A 393 -39.91 -55.85 0.41
CA LEU A 393 -39.00 -54.75 0.68
C LEU A 393 -39.63 -53.39 0.33
N LYS A 394 -40.73 -53.40 -0.44
CA LYS A 394 -41.37 -52.20 -0.97
C LYS A 394 -41.86 -51.28 0.16
N THR A 395 -42.11 -51.85 1.34
CA THR A 395 -42.59 -51.10 2.48
C THR A 395 -41.50 -50.15 2.97
N HIS A 396 -41.89 -48.89 3.25
CA HIS A 396 -41.03 -47.85 3.79
C HIS A 396 -39.82 -47.58 2.88
N HIS A 397 -40.01 -47.80 1.57
CA HIS A 397 -38.91 -47.66 0.62
C HIS A 397 -38.68 -46.18 0.31
N VAL A 398 -37.57 -45.64 0.80
CA VAL A 398 -37.13 -44.30 0.48
C VAL A 398 -35.68 -44.40 0.01
N GLN A 399 -35.47 -44.08 -1.27
CA GLN A 399 -34.13 -44.10 -1.84
C GLN A 399 -33.35 -42.88 -1.36
N ASP A 400 -32.02 -42.94 -1.52
CA ASP A 400 -31.11 -41.90 -1.07
C ASP A 400 -31.32 -40.62 -1.88
N SER A 401 -30.94 -39.50 -1.28
CA SER A 401 -31.13 -38.18 -1.85
C SER A 401 -30.04 -37.83 -2.87
N LYS A 402 -29.11 -38.76 -3.13
CA LYS A 402 -28.00 -38.51 -4.03
C LYS A 402 -27.87 -39.62 -5.06
N MET A 403 -28.99 -40.31 -5.35
CA MET A 403 -29.05 -41.43 -6.26
C MET A 403 -28.67 -41.00 -7.68
N GLY A 404 -29.26 -39.88 -8.12
CA GLY A 404 -28.97 -39.29 -9.42
C GLY A 404 -27.48 -39.04 -9.60
N PHE A 405 -26.84 -38.57 -8.52
CA PHE A 405 -25.43 -38.22 -8.52
C PHE A 405 -24.57 -39.46 -8.72
N VAL A 406 -24.92 -40.56 -8.04
CA VAL A 406 -24.17 -41.80 -8.14
C VAL A 406 -24.24 -42.30 -9.59
N ILE A 407 -25.45 -42.34 -10.14
CA ILE A 407 -25.66 -42.84 -11.49
C ILE A 407 -24.94 -41.95 -12.49
N ASN A 408 -24.96 -40.64 -12.24
CA ASN A 408 -24.30 -39.66 -13.08
C ASN A 408 -22.80 -39.87 -13.08
N ALA A 409 -22.22 -40.17 -11.91
CA ALA A 409 -20.79 -40.43 -11.80
C ALA A 409 -20.41 -41.68 -12.59
N ILE A 410 -21.24 -42.72 -12.49
CA ILE A 410 -20.96 -43.98 -13.17
C ILE A 410 -20.96 -43.75 -14.68
N TYR A 411 -22.01 -43.10 -15.19
CA TYR A 411 -22.10 -42.76 -16.60
C TYR A 411 -20.97 -41.81 -17.01
N SER A 412 -20.53 -40.95 -16.08
CA SER A 412 -19.45 -40.03 -16.38
C SER A 412 -18.16 -40.78 -16.70
N MET A 413 -17.83 -41.78 -15.87
CA MET A 413 -16.65 -42.60 -16.10
C MET A 413 -16.83 -43.42 -17.36
N ALA A 414 -18.04 -43.96 -17.58
CA ALA A 414 -18.31 -44.77 -18.77
C ALA A 414 -18.10 -43.95 -20.04
N TYR A 415 -18.58 -42.69 -20.03
CA TYR A 415 -18.45 -41.82 -21.18
C TYR A 415 -17.01 -41.34 -21.37
N GLY A 416 -16.28 -41.16 -20.26
CA GLY A 416 -14.86 -40.87 -20.32
C GLY A 416 -14.09 -41.97 -21.04
N LEU A 417 -14.36 -43.22 -20.65
CA LEU A 417 -13.75 -44.38 -21.26
C LEU A 417 -14.13 -44.47 -22.73
N HIS A 418 -15.42 -44.22 -23.03
CA HIS A 418 -15.93 -44.29 -24.40
C HIS A 418 -15.26 -43.24 -25.29
N ASN A 419 -15.13 -42.02 -24.75
CA ASN A 419 -14.53 -40.91 -25.48
C ASN A 419 -13.06 -41.19 -25.78
N MET A 420 -12.33 -41.71 -24.77
CA MET A 420 -10.93 -42.03 -24.92
C MET A 420 -10.76 -43.18 -25.93
N GLN A 421 -11.68 -44.15 -25.88
CA GLN A 421 -11.69 -45.27 -26.82
C GLN A 421 -11.85 -44.76 -28.25
N MET A 422 -12.82 -43.86 -28.47
CA MET A 422 -13.06 -43.28 -29.78
C MET A 422 -11.87 -42.44 -30.24
N SER A 423 -11.15 -41.84 -29.28
CA SER A 423 -10.00 -40.99 -29.59
C SER A 423 -8.78 -41.81 -29.99
N LEU A 424 -8.62 -43.02 -29.42
CA LEU A 424 -7.40 -43.79 -29.59
C LEU A 424 -7.61 -45.15 -30.25
N CYS A 425 -8.84 -45.68 -30.17
CA CYS A 425 -9.12 -47.00 -30.72
C CYS A 425 -10.33 -46.93 -31.67
N PRO A 426 -10.21 -46.29 -32.85
CA PRO A 426 -11.33 -46.22 -33.80
C PRO A 426 -11.44 -47.45 -34.70
N GLY A 427 -10.69 -48.50 -34.35
CA GLY A 427 -10.64 -49.72 -35.12
C GLY A 427 -11.50 -50.82 -34.50
N TYR A 428 -10.85 -51.74 -33.77
CA TYR A 428 -11.51 -52.86 -33.13
C TYR A 428 -12.54 -52.35 -32.12
N ALA A 429 -13.72 -52.97 -32.16
CA ALA A 429 -14.85 -52.63 -31.31
C ALA A 429 -14.52 -52.89 -29.84
N GLY A 430 -13.48 -53.70 -29.56
CA GLY A 430 -13.06 -53.98 -28.20
C GLY A 430 -11.87 -53.13 -27.79
N LEU A 431 -10.81 -53.79 -27.31
CA LEU A 431 -9.61 -53.14 -26.82
C LEU A 431 -8.55 -53.12 -27.91
N CYS A 432 -8.11 -51.91 -28.27
CA CYS A 432 -7.04 -51.75 -29.25
C CYS A 432 -5.68 -51.89 -28.56
N ASP A 433 -4.61 -51.70 -29.34
CA ASP A 433 -3.24 -51.81 -28.87
C ASP A 433 -2.93 -50.70 -27.85
N ALA A 434 -3.39 -49.49 -28.15
CA ALA A 434 -3.02 -48.30 -27.39
C ALA A 434 -3.88 -48.14 -26.13
N MET A 435 -4.54 -49.21 -25.69
CA MET A 435 -5.40 -49.16 -24.51
C MET A 435 -5.02 -50.25 -23.51
N LYS A 436 -4.37 -51.33 -23.98
CA LYS A 436 -4.01 -52.45 -23.12
C LYS A 436 -3.29 -51.99 -21.86
N PRO A 437 -2.21 -51.16 -21.92
CA PRO A 437 -1.68 -50.52 -20.72
C PRO A 437 -2.35 -49.17 -20.48
N ILE A 438 -3.63 -49.22 -20.09
CA ILE A 438 -4.43 -48.02 -19.84
C ILE A 438 -3.77 -47.17 -18.77
N ASP A 439 -3.63 -45.89 -19.06
CA ASP A 439 -2.95 -44.94 -18.20
C ASP A 439 -3.92 -43.84 -17.78
N GLY A 440 -3.72 -43.35 -16.55
CA GLY A 440 -4.64 -42.42 -15.91
C GLY A 440 -4.60 -41.03 -16.53
N ARG A 441 -3.47 -40.65 -17.12
CA ARG A 441 -3.26 -39.32 -17.67
C ARG A 441 -4.26 -39.06 -18.81
N LYS A 442 -4.30 -39.98 -19.77
CA LYS A 442 -5.14 -39.86 -20.95
C LYS A 442 -6.61 -40.03 -20.58
N LEU A 443 -6.89 -40.91 -19.61
CA LEU A 443 -8.26 -41.10 -19.14
C LEU A 443 -8.77 -39.80 -18.50
N LEU A 444 -7.92 -39.15 -17.70
CA LEU A 444 -8.33 -37.88 -17.09
C LEU A 444 -8.49 -36.80 -18.15
N GLU A 445 -7.63 -36.82 -19.17
CA GLU A 445 -7.72 -35.86 -20.26
C GLU A 445 -9.07 -35.99 -20.98
N SER A 446 -9.50 -37.23 -21.21
CA SER A 446 -10.80 -37.51 -21.81
C SER A 446 -11.93 -37.05 -20.87
N LEU A 447 -11.77 -37.32 -19.57
CA LEU A 447 -12.78 -36.99 -18.57
C LEU A 447 -12.95 -35.48 -18.41
N MET A 448 -11.88 -34.71 -18.63
CA MET A 448 -11.99 -33.26 -18.54
C MET A 448 -12.87 -32.73 -19.67
N LYS A 449 -12.64 -33.22 -20.89
CA LYS A 449 -13.38 -32.79 -22.07
C LYS A 449 -14.46 -33.81 -22.41
N THR A 450 -15.38 -34.03 -21.45
CA THR A 450 -16.52 -34.91 -21.67
C THR A 450 -17.81 -34.18 -21.28
N ALA A 451 -18.89 -34.56 -21.97
CA ALA A 451 -20.24 -34.07 -21.70
C ALA A 451 -21.24 -35.07 -22.29
N PHE A 452 -22.42 -35.16 -21.66
CA PHE A 452 -23.48 -36.07 -22.06
C PHE A 452 -24.75 -35.73 -21.28
N THR A 453 -25.87 -36.31 -21.73
CA THR A 453 -27.13 -36.19 -21.03
C THR A 453 -27.19 -37.24 -19.93
N GLY A 454 -27.22 -36.77 -18.67
CA GLY A 454 -27.20 -37.63 -17.50
C GLY A 454 -28.55 -38.29 -17.24
N VAL A 455 -28.56 -39.23 -16.29
CA VAL A 455 -29.75 -39.95 -15.89
C VAL A 455 -30.77 -38.99 -15.28
N SER A 456 -30.28 -37.89 -14.69
CA SER A 456 -31.12 -36.86 -14.09
C SER A 456 -32.00 -36.20 -15.15
N GLY A 457 -31.45 -36.02 -16.36
CA GLY A 457 -32.20 -35.41 -17.46
C GLY A 457 -31.41 -34.34 -18.20
N ASP A 458 -30.57 -33.61 -17.46
CA ASP A 458 -29.77 -32.53 -18.03
C ASP A 458 -28.35 -33.01 -18.32
N THR A 459 -27.55 -32.11 -18.90
CA THR A 459 -26.18 -32.39 -19.31
C THR A 459 -25.24 -32.27 -18.10
N ILE A 460 -24.05 -32.87 -18.23
CA ILE A 460 -23.00 -32.78 -17.24
C ILE A 460 -21.74 -32.27 -17.92
N LEU A 461 -21.31 -31.07 -17.51
CA LEU A 461 -20.10 -30.46 -18.02
C LEU A 461 -19.05 -30.37 -16.92
N PHE A 462 -17.80 -30.62 -17.29
CA PHE A 462 -16.66 -30.51 -16.39
C PHE A 462 -15.79 -29.33 -16.81
N ASP A 463 -15.73 -28.31 -15.96
CA ASP A 463 -14.92 -27.13 -16.22
C ASP A 463 -13.45 -27.44 -15.90
N GLU A 464 -12.62 -26.39 -15.87
CA GLU A 464 -11.18 -26.50 -15.67
C GLU A 464 -10.86 -27.17 -14.33
N ASN A 465 -11.74 -26.99 -13.34
CA ASN A 465 -11.50 -27.44 -11.98
C ASN A 465 -12.21 -28.76 -11.68
N GLY A 466 -12.64 -29.47 -12.73
CA GLY A 466 -13.29 -30.77 -12.57
C GLY A 466 -14.52 -30.74 -11.67
N ASP A 467 -15.41 -29.78 -11.95
CA ASP A 467 -16.65 -29.62 -11.19
C ASP A 467 -17.83 -29.58 -12.15
N SER A 468 -18.90 -30.28 -11.79
CA SER A 468 -20.16 -30.21 -12.52
C SER A 468 -20.86 -28.91 -12.16
N PRO A 469 -21.68 -28.33 -13.07
CA PRO A 469 -22.40 -27.08 -12.77
C PRO A 469 -23.47 -27.31 -11.70
N GLY A 470 -23.77 -26.24 -10.96
CA GLY A 470 -24.77 -26.26 -9.89
C GLY A 470 -26.17 -26.56 -10.41
N ARG A 471 -26.95 -27.25 -9.58
CA ARG A 471 -28.33 -27.59 -9.88
C ARG A 471 -29.10 -27.70 -8.57
N TYR A 472 -29.76 -26.60 -8.19
CA TYR A 472 -30.35 -26.44 -6.88
C TYR A 472 -31.83 -26.16 -6.96
N GLU A 473 -32.55 -26.57 -5.91
CA GLU A 473 -33.95 -26.21 -5.73
C GLU A 473 -34.08 -25.35 -4.47
N ILE A 474 -34.67 -24.16 -4.65
CA ILE A 474 -34.92 -23.22 -3.58
C ILE A 474 -36.26 -23.60 -2.93
N MET A 475 -36.27 -23.68 -1.60
CA MET A 475 -37.49 -24.03 -0.88
C MET A 475 -37.72 -23.09 0.29
N ASN A 476 -39.00 -22.95 0.64
CA ASN A 476 -39.46 -22.07 1.69
C ASN A 476 -40.23 -22.88 2.72
N PHE A 477 -39.98 -22.58 3.99
CA PHE A 477 -40.72 -23.17 5.10
C PHE A 477 -41.96 -22.33 5.37
N LYS A 478 -43.03 -22.63 4.62
CA LYS A 478 -44.26 -21.85 4.66
C LYS A 478 -45.27 -22.49 5.61
N GLU A 479 -46.27 -21.69 6.01
CA GLU A 479 -47.30 -22.14 6.92
C GLU A 479 -48.57 -22.46 6.14
N MET A 480 -49.19 -23.61 6.48
CA MET A 480 -50.48 -23.99 5.94
C MET A 480 -51.60 -23.27 6.69
N GLY A 481 -52.84 -23.72 6.48
CA GLY A 481 -54.02 -23.16 7.13
C GLY A 481 -53.91 -23.21 8.66
N LYS A 482 -53.87 -24.43 9.20
CA LYS A 482 -53.68 -24.66 10.62
C LYS A 482 -52.17 -24.77 10.91
N ASP A 483 -51.83 -25.22 12.11
CA ASP A 483 -50.44 -25.40 12.51
C ASP A 483 -49.87 -26.63 11.80
N TYR A 484 -49.67 -26.50 10.48
CA TYR A 484 -49.17 -27.57 9.63
C TYR A 484 -48.15 -27.02 8.64
N PHE A 485 -47.25 -26.17 9.14
CA PHE A 485 -46.20 -25.56 8.34
C PHE A 485 -45.26 -26.63 7.79
N ASP A 486 -44.88 -26.49 6.51
CA ASP A 486 -44.03 -27.45 5.83
C ASP A 486 -43.19 -26.75 4.77
N TYR A 487 -42.30 -27.52 4.14
CA TYR A 487 -41.45 -27.03 3.07
C TYR A 487 -42.19 -27.11 1.73
N ILE A 488 -42.05 -26.04 0.94
CA ILE A 488 -42.60 -25.99 -0.41
C ILE A 488 -41.52 -25.45 -1.36
N ASN A 489 -41.45 -26.05 -2.55
CA ASN A 489 -40.55 -25.61 -3.60
C ASN A 489 -41.00 -24.24 -4.10
N VAL A 490 -40.03 -23.34 -4.31
CA VAL A 490 -40.32 -21.98 -4.74
C VAL A 490 -39.44 -21.60 -5.92
N GLY A 491 -38.92 -22.62 -6.62
CA GLY A 491 -38.16 -22.40 -7.84
C GLY A 491 -36.80 -23.12 -7.82
N SER A 492 -36.01 -22.85 -8.86
CA SER A 492 -34.75 -23.54 -9.08
C SER A 492 -33.64 -22.56 -9.41
N TRP A 493 -32.41 -23.04 -9.25
CA TRP A 493 -31.19 -22.35 -9.66
C TRP A 493 -30.34 -23.32 -10.47
N ASP A 494 -29.87 -22.87 -11.63
CA ASP A 494 -29.18 -23.79 -12.54
C ASP A 494 -28.08 -23.06 -13.30
N ASN A 495 -26.83 -23.44 -13.00
CA ASN A 495 -25.66 -23.08 -13.79
C ASN A 495 -25.46 -21.56 -13.85
N GLY A 496 -26.26 -20.80 -13.09
CA GLY A 496 -26.18 -19.35 -13.11
C GLY A 496 -27.54 -18.67 -13.26
N GLU A 497 -28.44 -19.29 -14.06
CA GLU A 497 -29.77 -18.75 -14.25
C GLU A 497 -30.67 -19.15 -13.09
N LEU A 498 -31.27 -18.15 -12.46
CA LEU A 498 -32.18 -18.36 -11.35
C LEU A 498 -33.61 -18.18 -11.83
N LYS A 499 -34.41 -19.23 -11.64
CA LYS A 499 -35.83 -19.21 -11.98
C LYS A 499 -36.62 -19.42 -10.70
N MET A 500 -36.89 -18.31 -10.00
CA MET A 500 -37.60 -18.34 -8.73
C MET A 500 -39.07 -18.01 -8.97
N ASP A 501 -39.92 -18.44 -8.03
CA ASP A 501 -41.34 -18.17 -8.06
C ASP A 501 -41.68 -17.15 -6.98
N ASP A 502 -41.54 -15.87 -7.33
CA ASP A 502 -41.66 -14.76 -6.39
C ASP A 502 -43.08 -14.66 -5.85
N ASP A 503 -44.08 -14.90 -6.71
CA ASP A 503 -45.49 -14.82 -6.36
C ASP A 503 -45.84 -15.86 -5.29
N GLU A 504 -45.03 -16.92 -5.19
CA GLU A 504 -45.29 -18.00 -4.26
C GLU A 504 -44.98 -17.57 -2.83
N VAL A 505 -44.04 -16.63 -2.67
CA VAL A 505 -43.53 -16.27 -1.36
C VAL A 505 -44.11 -14.92 -0.95
N TRP A 506 -44.65 -14.89 0.28
CA TRP A 506 -45.35 -13.75 0.90
C TRP A 506 -46.77 -13.59 0.35
N SER A 507 -47.03 -14.18 -0.83
CA SER A 507 -48.32 -14.15 -1.52
C SER A 507 -48.82 -12.73 -1.80
N LYS A 508 -47.95 -11.74 -1.55
CA LYS A 508 -48.24 -10.32 -1.75
C LYS A 508 -46.92 -9.55 -1.85
N LYS A 509 -47.01 -8.21 -1.98
CA LYS A 509 -45.84 -7.35 -2.11
C LYS A 509 -45.39 -6.83 -0.74
N SER A 510 -45.71 -7.60 0.31
CA SER A 510 -45.40 -7.23 1.69
C SER A 510 -44.25 -8.07 2.24
N ASN A 511 -43.22 -8.26 1.40
CA ASN A 511 -42.06 -9.05 1.73
C ASN A 511 -41.25 -8.38 2.84
N ILE A 512 -40.19 -9.05 3.28
CA ILE A 512 -39.23 -8.44 4.20
C ILE A 512 -38.59 -7.25 3.49
N ILE A 513 -38.60 -6.10 4.17
CA ILE A 513 -38.05 -4.86 3.62
C ILE A 513 -36.58 -5.07 3.27
N ARG A 514 -36.12 -4.32 2.26
CA ARG A 514 -34.74 -4.38 1.79
C ARG A 514 -33.82 -3.97 2.93
N SER A 515 -33.17 -4.97 3.54
CA SER A 515 -32.24 -4.75 4.64
C SER A 515 -31.04 -3.96 4.11
N VAL A 516 -31.09 -2.63 4.32
CA VAL A 516 -30.09 -1.72 3.79
C VAL A 516 -29.75 -0.68 4.86
N CYS A 517 -28.49 -0.21 4.83
CA CYS A 517 -28.01 0.84 5.73
C CYS A 517 -28.16 2.21 5.07
N SER A 518 -28.58 2.23 3.79
CA SER A 518 -28.66 3.47 3.01
C SER A 518 -30.00 3.55 2.30
N GLU A 519 -30.90 4.38 2.85
CA GLU A 519 -32.13 4.77 2.19
C GLU A 519 -31.76 5.56 0.93
N PRO A 520 -32.53 5.45 -0.18
CA PRO A 520 -32.21 6.18 -1.41
C PRO A 520 -32.17 7.68 -1.16
N CYS A 521 -31.02 8.29 -1.49
CA CYS A 521 -30.78 9.71 -1.22
C CYS A 521 -31.66 10.56 -2.14
N GLU A 522 -31.95 11.79 -1.67
CA GLU A 522 -32.70 12.78 -2.42
C GLU A 522 -31.91 13.18 -3.67
N LYS A 523 -32.61 13.20 -4.81
CA LYS A 523 -32.04 13.43 -6.13
C LYS A 523 -31.53 14.87 -6.26
N GLY A 524 -31.95 15.75 -5.34
CA GLY A 524 -31.59 17.16 -5.34
C GLY A 524 -30.10 17.37 -5.11
N GLN A 525 -29.66 17.19 -3.85
CA GLN A 525 -28.28 17.46 -3.47
C GLN A 525 -27.77 16.46 -2.44
N ILE A 526 -28.58 15.47 -2.05
CA ILE A 526 -28.20 14.53 -1.01
C ILE A 526 -27.09 13.62 -1.55
N LYS A 527 -25.94 13.66 -0.87
CA LYS A 527 -24.77 12.87 -1.26
C LYS A 527 -24.47 11.83 -0.19
N VAL A 528 -23.95 10.68 -0.63
CA VAL A 528 -23.58 9.58 0.24
C VAL A 528 -22.36 9.96 1.06
N ILE A 529 -22.20 9.31 2.22
CA ILE A 529 -21.05 9.50 3.10
C ILE A 529 -20.42 8.15 3.40
N ARG A 530 -19.36 8.17 4.22
CA ARG A 530 -18.68 6.97 4.67
C ARG A 530 -18.50 7.03 6.19
N LYS A 531 -19.36 6.30 6.90
CA LYS A 531 -19.38 6.28 8.36
C LYS A 531 -18.20 5.47 8.90
N GLY A 532 -17.57 4.65 8.04
CA GLY A 532 -16.41 3.85 8.40
C GLY A 532 -16.78 2.46 8.91
N GLU A 533 -18.09 2.20 9.05
CA GLU A 533 -18.60 0.93 9.56
C GLU A 533 -18.66 -0.09 8.43
N VAL A 534 -19.43 0.25 7.39
CA VAL A 534 -19.61 -0.62 6.23
C VAL A 534 -19.45 0.20 4.95
N SER A 535 -19.60 -0.47 3.80
CA SER A 535 -19.45 0.15 2.49
C SER A 535 -20.80 0.59 1.90
N CYS A 536 -21.87 0.49 2.70
CA CYS A 536 -23.20 0.86 2.25
C CYS A 536 -23.99 1.55 3.36
N CYS A 537 -23.28 2.29 4.23
CA CYS A 537 -23.94 3.07 5.27
C CYS A 537 -23.86 4.55 4.91
N TRP A 538 -24.85 5.02 4.13
CA TRP A 538 -24.89 6.39 3.67
C TRP A 538 -25.69 7.25 4.65
N THR A 539 -25.16 8.46 4.91
CA THR A 539 -25.94 9.53 5.51
C THR A 539 -26.12 10.59 4.43
N CYS A 540 -27.34 10.65 3.86
CA CYS A 540 -27.62 11.44 2.67
C CYS A 540 -27.63 12.92 2.99
N THR A 541 -26.47 13.46 3.38
CA THR A 541 -26.32 14.87 3.68
C THR A 541 -26.32 15.64 2.37
N PRO A 542 -27.09 16.76 2.26
CA PRO A 542 -27.16 17.52 1.03
C PRO A 542 -25.83 18.24 0.73
N CYS A 543 -25.57 18.45 -0.56
CA CYS A 543 -24.42 19.22 -1.01
C CYS A 543 -24.69 20.71 -0.80
N LYS A 544 -23.63 21.51 -0.90
CA LYS A 544 -23.71 22.96 -0.75
C LYS A 544 -24.64 23.54 -1.82
N GLU A 545 -25.24 24.69 -1.50
CA GLU A 545 -26.17 25.39 -2.37
C GLU A 545 -25.55 25.68 -3.73
N ASN A 546 -24.22 25.84 -3.77
CA ASN A 546 -23.50 26.15 -4.98
C ASN A 546 -22.87 24.89 -5.60
N GLU A 547 -23.07 23.74 -4.93
CA GLU A 547 -22.45 22.49 -5.36
C GLU A 547 -23.39 21.71 -6.27
N TYR A 548 -22.81 20.75 -7.01
CA TYR A 548 -23.52 19.91 -7.94
C TYR A 548 -23.23 18.44 -7.64
N VAL A 549 -24.01 17.54 -8.27
CA VAL A 549 -23.86 16.11 -8.09
C VAL A 549 -22.76 15.61 -9.02
N PHE A 550 -21.51 15.63 -8.50
CA PHE A 550 -20.35 15.18 -9.23
C PHE A 550 -20.38 13.66 -9.39
N ASP A 551 -20.67 12.95 -8.29
CA ASP A 551 -20.72 11.50 -8.26
C ASP A 551 -21.77 11.07 -7.24
N GLU A 552 -22.08 9.77 -7.24
CA GLU A 552 -23.03 9.17 -6.31
C GLU A 552 -22.50 9.26 -4.87
N TYR A 553 -21.19 9.03 -4.71
CA TYR A 553 -20.54 8.99 -3.40
C TYR A 553 -19.64 10.21 -3.19
N THR A 554 -19.35 10.95 -4.28
CA THR A 554 -18.47 12.11 -4.23
C THR A 554 -19.22 13.35 -4.73
N CYS A 555 -19.02 14.47 -4.03
CA CYS A 555 -19.67 15.73 -4.36
C CYS A 555 -18.63 16.80 -4.66
N LYS A 556 -19.02 17.79 -5.48
CA LYS A 556 -18.16 18.88 -5.87
C LYS A 556 -18.99 20.11 -6.23
N ALA A 557 -18.34 21.27 -6.23
CA ALA A 557 -18.90 22.53 -6.69
C ALA A 557 -18.09 23.05 -7.87
N CYS A 558 -18.79 23.43 -8.95
CA CYS A 558 -18.16 23.79 -10.20
C CYS A 558 -17.53 25.19 -10.10
N GLN A 559 -17.07 25.70 -11.26
CA GLN A 559 -16.31 26.94 -11.35
C GLN A 559 -17.15 28.14 -10.91
N LEU A 560 -16.48 29.30 -10.80
CA LEU A 560 -17.09 30.55 -10.37
C LEU A 560 -18.12 31.00 -11.41
N GLY A 561 -19.18 31.66 -10.91
CA GLY A 561 -20.21 32.22 -11.76
C GLY A 561 -21.31 31.21 -12.11
N SER A 562 -20.89 29.98 -12.43
CA SER A 562 -21.82 28.91 -12.76
C SER A 562 -22.60 28.48 -11.52
N TRP A 563 -23.91 28.31 -11.68
CA TRP A 563 -24.81 27.97 -10.59
C TRP A 563 -25.54 26.68 -10.96
N PRO A 564 -25.78 25.75 -9.99
CA PRO A 564 -26.40 24.46 -10.31
C PRO A 564 -27.82 24.56 -10.84
N THR A 565 -28.26 23.51 -11.53
CA THR A 565 -29.59 23.41 -12.12
C THR A 565 -30.63 23.12 -11.04
N ASP A 566 -31.86 22.80 -11.48
CA ASP A 566 -32.97 22.50 -10.59
C ASP A 566 -32.65 21.30 -9.71
N ASP A 567 -32.17 20.21 -10.33
CA ASP A 567 -31.91 18.95 -9.66
C ASP A 567 -30.41 18.74 -9.44
N LEU A 568 -29.62 19.80 -9.66
CA LEU A 568 -28.16 19.83 -9.51
C LEU A 568 -27.50 18.73 -10.33
N THR A 569 -28.06 18.49 -11.53
CA THR A 569 -27.48 17.58 -12.52
C THR A 569 -26.12 18.11 -12.94
N GLY A 570 -26.02 19.42 -13.17
CA GLY A 570 -24.78 20.11 -13.47
C GLY A 570 -24.80 21.54 -12.93
N CYS A 571 -24.28 22.47 -13.75
CA CYS A 571 -24.38 23.90 -13.49
C CYS A 571 -24.32 24.67 -14.80
N ASP A 572 -24.83 25.90 -14.79
CA ASP A 572 -24.87 26.76 -15.96
C ASP A 572 -24.50 28.18 -15.57
N LEU A 573 -23.99 28.95 -16.53
CA LEU A 573 -23.52 30.31 -16.31
C LEU A 573 -24.70 31.28 -16.34
N ILE A 574 -24.87 32.02 -15.24
CA ILE A 574 -25.94 32.99 -15.08
C ILE A 574 -25.70 34.15 -16.04
N PRO A 575 -26.77 34.77 -16.62
CA PRO A 575 -26.62 35.94 -17.47
C PRO A 575 -26.06 37.14 -16.70
N VAL A 576 -25.27 37.97 -17.39
CA VAL A 576 -24.64 39.15 -16.81
C VAL A 576 -25.67 40.27 -16.67
N GLN A 577 -25.33 41.30 -15.90
CA GLN A 577 -26.20 42.46 -15.68
C GLN A 577 -26.34 43.25 -16.97
N TYR A 578 -27.46 43.98 -17.06
CA TYR A 578 -27.83 44.73 -18.25
C TYR A 578 -27.56 46.22 -18.08
N LEU A 579 -27.86 46.76 -16.88
CA LEU A 579 -27.55 48.12 -16.45
C LEU A 579 -28.19 49.16 -17.37
N ARG A 580 -29.38 48.83 -17.89
CA ARG A 580 -30.27 49.81 -18.51
C ARG A 580 -31.69 49.44 -18.09
N TRP A 581 -32.10 49.98 -16.93
CA TRP A 581 -33.28 49.52 -16.22
C TRP A 581 -34.18 50.68 -15.83
N GLY A 582 -35.44 50.37 -15.54
CA GLY A 582 -36.41 51.32 -15.02
C GLY A 582 -36.37 51.40 -13.49
N ASP A 583 -35.26 50.91 -12.91
CA ASP A 583 -35.03 50.94 -11.47
C ASP A 583 -35.10 52.38 -10.98
N PRO A 584 -35.70 52.65 -9.79
CA PRO A 584 -35.89 54.01 -9.29
C PRO A 584 -34.62 54.89 -9.27
N GLU A 585 -33.48 54.31 -8.89
CA GLU A 585 -32.25 55.07 -8.77
C GLU A 585 -31.70 55.44 -10.15
N PRO A 586 -31.55 54.51 -11.12
CA PRO A 586 -31.17 54.87 -12.49
C PRO A 586 -32.10 55.90 -13.13
N ILE A 587 -33.42 55.76 -12.93
CA ILE A 587 -34.37 56.68 -13.52
C ILE A 587 -34.28 58.05 -12.86
N ALA A 588 -33.99 58.09 -11.55
CA ALA A 588 -33.80 59.34 -10.84
C ALA A 588 -32.56 60.06 -11.38
N ALA A 589 -31.49 59.30 -11.65
CA ALA A 589 -30.27 59.83 -12.23
C ALA A 589 -30.56 60.40 -13.62
N VAL A 590 -31.36 59.67 -14.42
CA VAL A 590 -31.70 60.09 -15.77
C VAL A 590 -32.50 61.38 -15.73
N VAL A 591 -33.46 61.48 -14.79
CA VAL A 591 -34.31 62.65 -14.64
C VAL A 591 -33.45 63.86 -14.25
N PHE A 592 -32.52 63.65 -13.31
CA PHE A 592 -31.62 64.70 -12.86
C PHE A 592 -30.75 65.20 -14.02
N ALA A 593 -30.24 64.25 -14.82
CA ALA A 593 -29.38 64.57 -15.94
C ALA A 593 -30.15 65.35 -17.01
N CYS A 594 -31.40 64.97 -17.27
CA CYS A 594 -32.23 65.65 -18.24
C CYS A 594 -32.53 67.08 -17.79
N LEU A 595 -32.86 67.24 -16.50
CA LEU A 595 -33.14 68.56 -15.95
C LEU A 595 -31.90 69.45 -16.04
N GLY A 596 -30.74 68.86 -15.73
CA GLY A 596 -29.46 69.54 -15.82
C GLY A 596 -29.14 69.99 -17.24
N LEU A 597 -29.42 69.11 -18.21
CA LEU A 597 -29.18 69.42 -19.62
C LEU A 597 -30.08 70.56 -20.08
N LEU A 598 -31.35 70.54 -19.66
CA LEU A 598 -32.28 71.60 -20.04
C LEU A 598 -31.82 72.94 -19.46
N ALA A 599 -31.43 72.93 -18.18
CA ALA A 599 -30.98 74.13 -17.49
C ALA A 599 -29.71 74.68 -18.13
N THR A 600 -28.76 73.78 -18.44
CA THR A 600 -27.49 74.14 -19.05
C THR A 600 -27.72 74.76 -20.43
N LEU A 601 -28.61 74.16 -21.22
CA LEU A 601 -28.91 74.64 -22.56
C LEU A 601 -29.52 76.03 -22.49
N PHE A 602 -30.46 76.22 -21.56
CA PHE A 602 -31.15 77.49 -21.38
C PHE A 602 -30.15 78.59 -21.02
N VAL A 603 -29.30 78.32 -20.02
CA VAL A 603 -28.34 79.29 -19.53
C VAL A 603 -27.29 79.59 -20.59
N THR A 604 -26.91 78.56 -21.36
CA THR A 604 -25.92 78.71 -22.43
C THR A 604 -26.46 79.65 -23.50
N VAL A 605 -27.72 79.45 -23.89
CA VAL A 605 -28.37 80.27 -24.90
C VAL A 605 -28.47 81.71 -24.41
N VAL A 606 -28.88 81.89 -23.15
CA VAL A 606 -29.10 83.20 -22.56
C VAL A 606 -27.76 83.96 -22.51
N PHE A 607 -26.69 83.26 -22.10
CA PHE A 607 -25.38 83.88 -21.95
C PHE A 607 -24.73 84.15 -23.31
N ILE A 608 -25.03 83.34 -24.33
CA ILE A 608 -24.51 83.54 -25.67
C ILE A 608 -25.15 84.79 -26.28
N ILE A 609 -26.46 84.93 -26.11
CA ILE A 609 -27.20 86.08 -26.64
C ILE A 609 -26.74 87.35 -25.93
N TYR A 610 -26.94 87.39 -24.61
CA TYR A 610 -26.56 88.55 -23.82
C TYR A 610 -25.12 88.39 -23.35
N ARG A 611 -24.19 88.80 -24.22
CA ARG A 611 -22.77 88.64 -23.98
C ARG A 611 -22.08 89.97 -23.68
N ASP A 612 -22.88 90.98 -23.27
CA ASP A 612 -22.35 92.32 -23.03
C ASP A 612 -22.94 92.96 -21.77
N THR A 613 -23.90 92.28 -21.14
CA THR A 613 -24.58 92.81 -19.96
C THR A 613 -23.62 92.90 -18.78
N PRO A 614 -23.78 93.87 -17.84
CA PRO A 614 -22.91 93.99 -16.68
C PRO A 614 -22.84 92.73 -15.81
N VAL A 615 -23.97 92.02 -15.69
CA VAL A 615 -24.03 90.78 -14.93
C VAL A 615 -23.14 89.72 -15.59
N VAL A 616 -23.22 89.63 -16.93
CA VAL A 616 -22.38 88.71 -17.68
C VAL A 616 -20.94 89.23 -17.68
N LYS A 617 -20.77 90.55 -17.81
CA LYS A 617 -19.47 91.20 -17.82
C LYS A 617 -18.78 91.05 -16.45
N SER A 618 -19.57 90.83 -15.39
CA SER A 618 -19.04 90.64 -14.04
C SER A 618 -18.07 89.46 -13.99
N SER A 619 -18.39 88.41 -14.77
CA SER A 619 -17.54 87.22 -14.91
C SER A 619 -16.84 87.26 -16.26
N SER A 620 -15.91 86.31 -16.46
CA SER A 620 -15.19 86.17 -17.72
C SER A 620 -16.17 85.77 -18.83
N ARG A 621 -16.34 86.68 -19.79
CA ARG A 621 -17.30 86.51 -20.87
C ARG A 621 -16.77 85.57 -21.96
N GLU A 622 -15.61 84.93 -21.71
CA GLU A 622 -15.00 84.03 -22.68
C GLU A 622 -14.76 82.65 -22.09
N LEU A 623 -14.40 82.60 -20.80
CA LEU A 623 -14.00 81.35 -20.16
C LEU A 623 -15.20 80.53 -19.71
N CYS A 624 -16.39 81.15 -19.66
CA CYS A 624 -17.61 80.49 -19.20
C CYS A 624 -18.06 79.41 -20.18
N TYR A 625 -17.63 79.51 -21.45
CA TYR A 625 -17.96 78.51 -22.46
C TYR A 625 -17.30 77.17 -22.12
N ILE A 626 -16.08 77.23 -21.57
CA ILE A 626 -15.36 76.06 -21.10
C ILE A 626 -16.15 75.40 -19.97
N ILE A 627 -16.66 76.21 -19.03
CA ILE A 627 -17.48 75.74 -17.92
C ILE A 627 -18.72 75.02 -18.46
N LEU A 628 -19.40 75.64 -19.44
CA LEU A 628 -20.63 75.10 -19.97
C LEU A 628 -20.38 73.77 -20.67
N ALA A 629 -19.30 73.70 -21.46
CA ALA A 629 -18.96 72.48 -22.18
C ALA A 629 -18.61 71.35 -21.20
N GLY A 630 -17.85 71.69 -20.16
CA GLY A 630 -17.50 70.74 -19.09
C GLY A 630 -18.74 70.20 -18.39
N ILE A 631 -19.68 71.10 -18.07
CA ILE A 631 -20.91 70.74 -17.36
C ILE A 631 -21.76 69.82 -18.24
N CYS A 632 -21.88 70.14 -19.53
CA CYS A 632 -22.70 69.35 -20.43
C CYS A 632 -22.10 67.97 -20.63
N LEU A 633 -20.77 67.90 -20.75
CA LEU A 633 -20.09 66.62 -20.91
C LEU A 633 -20.25 65.77 -19.65
N GLY A 634 -20.16 66.41 -18.47
CA GLY A 634 -20.40 65.75 -17.19
C GLY A 634 -21.81 65.17 -17.09
N TYR A 635 -22.80 65.92 -17.56
CA TYR A 635 -24.17 65.46 -17.59
C TYR A 635 -24.33 64.24 -18.51
N LEU A 636 -23.72 64.31 -19.71
CA LEU A 636 -23.78 63.21 -20.67
C LEU A 636 -23.04 61.97 -20.16
N CYS A 637 -22.12 62.16 -19.20
CA CYS A 637 -21.42 61.05 -18.57
C CYS A 637 -22.40 60.10 -17.89
N THR A 638 -23.45 60.66 -17.28
CA THR A 638 -24.48 59.87 -16.59
C THR A 638 -25.14 58.90 -17.56
N PHE A 639 -25.52 59.41 -18.74
CA PHE A 639 -26.09 58.60 -19.81
C PHE A 639 -25.06 57.61 -20.36
N CYS A 640 -23.78 58.01 -20.36
CA CYS A 640 -22.70 57.15 -20.85
C CYS A 640 -22.59 55.89 -20.00
N LEU A 641 -22.62 56.05 -18.67
CA LEU A 641 -22.45 54.93 -17.75
C LEU A 641 -23.64 53.97 -17.85
N ILE A 642 -24.86 54.52 -17.93
CA ILE A 642 -26.07 53.71 -17.91
C ILE A 642 -26.39 53.24 -19.33
N ALA A 643 -25.80 52.10 -19.69
CA ALA A 643 -26.01 51.41 -20.96
C ALA A 643 -25.40 50.02 -20.89
N LYS A 644 -25.42 49.30 -22.01
CA LYS A 644 -24.70 48.04 -22.15
C LYS A 644 -23.20 48.33 -22.12
N PRO A 645 -22.45 47.74 -21.16
CA PRO A 645 -21.03 48.07 -21.00
C PRO A 645 -20.14 47.46 -22.08
N LYS A 646 -20.21 48.05 -23.28
CA LYS A 646 -19.44 47.61 -24.43
C LYS A 646 -17.99 48.04 -24.28
N GLN A 647 -17.10 47.47 -25.09
CA GLN A 647 -15.68 47.82 -25.10
C GLN A 647 -15.51 49.29 -25.45
N ILE A 648 -16.22 49.72 -26.50
CA ILE A 648 -16.22 51.12 -26.93
C ILE A 648 -16.80 52.00 -25.83
N TYR A 649 -17.85 51.52 -25.16
CA TYR A 649 -18.44 52.22 -24.03
C TYR A 649 -17.50 52.22 -22.85
N CYS A 650 -16.75 51.11 -22.67
CA CYS A 650 -15.72 51.02 -21.64
C CYS A 650 -14.67 52.10 -21.85
N TYR A 651 -14.36 52.42 -23.11
CA TYR A 651 -13.48 53.53 -23.44
C TYR A 651 -14.14 54.87 -23.09
N LEU A 652 -15.33 55.11 -23.67
CA LEU A 652 -15.94 56.42 -23.70
C LEU A 652 -16.33 56.89 -22.29
N GLN A 653 -16.81 55.96 -21.45
CA GLN A 653 -17.27 56.27 -20.10
C GLN A 653 -16.12 56.84 -19.28
N ARG A 654 -14.98 56.13 -19.27
CA ARG A 654 -13.80 56.56 -18.53
C ARG A 654 -13.27 57.87 -19.10
N ILE A 655 -13.28 57.99 -20.45
CA ILE A 655 -12.81 59.19 -21.12
C ILE A 655 -13.60 60.40 -20.60
N GLY A 656 -14.93 60.29 -20.61
CA GLY A 656 -15.80 61.37 -20.20
C GLY A 656 -15.63 61.72 -18.72
N ILE A 657 -15.65 60.70 -17.86
CA ILE A 657 -15.62 60.90 -16.41
C ILE A 657 -14.26 61.44 -16.00
N GLY A 658 -13.25 61.23 -16.84
CA GLY A 658 -11.93 61.80 -16.63
C GLY A 658 -11.85 63.25 -17.07
N LEU A 659 -12.35 63.53 -18.28
CA LEU A 659 -12.13 64.81 -18.94
C LEU A 659 -13.03 65.90 -18.34
N SER A 660 -14.35 65.65 -18.30
CA SER A 660 -15.32 66.68 -17.97
C SER A 660 -15.06 67.34 -16.62
N PRO A 661 -14.88 66.59 -15.49
CA PRO A 661 -14.62 67.23 -14.20
C PRO A 661 -13.28 67.96 -14.19
N ALA A 662 -12.27 67.36 -14.82
CA ALA A 662 -10.94 67.97 -14.89
C ALA A 662 -11.01 69.30 -15.64
N MET A 663 -11.74 69.33 -16.76
CA MET A 663 -11.89 70.52 -17.59
C MET A 663 -12.61 71.61 -16.82
N SER A 664 -13.73 71.25 -16.15
CA SER A 664 -14.54 72.19 -15.40
C SER A 664 -13.71 72.83 -14.28
N TYR A 665 -12.99 71.99 -13.51
CA TYR A 665 -12.21 72.46 -12.38
C TYR A 665 -10.95 73.19 -12.82
N SER A 666 -10.42 72.88 -14.01
CA SER A 666 -9.31 73.62 -14.57
C SER A 666 -9.73 75.05 -14.89
N ALA A 667 -10.92 75.20 -15.49
CA ALA A 667 -11.47 76.52 -15.75
C ALA A 667 -11.72 77.25 -14.43
N LEU A 668 -12.19 76.51 -13.41
CA LEU A 668 -12.47 77.08 -12.10
C LEU A 668 -11.19 77.59 -11.45
N VAL A 669 -10.11 76.82 -11.54
CA VAL A 669 -8.83 77.19 -10.93
C VAL A 669 -8.23 78.39 -11.66
N THR A 670 -8.40 78.46 -12.99
CA THR A 670 -7.94 79.60 -13.75
C THR A 670 -8.69 80.86 -13.32
N LYS A 671 -10.02 80.74 -13.12
CA LYS A 671 -10.85 81.84 -12.68
C LYS A 671 -10.42 82.32 -11.30
N THR A 672 -10.14 81.37 -10.40
CA THR A 672 -9.74 81.69 -9.03
C THR A 672 -8.38 82.38 -9.02
N ASN A 673 -7.47 81.93 -9.91
CA ASN A 673 -6.16 82.56 -10.07
C ASN A 673 -6.31 83.99 -10.58
N ARG A 674 -7.26 84.20 -11.51
CA ARG A 674 -7.55 85.53 -12.04
C ARG A 674 -8.04 86.44 -10.91
N ILE A 675 -8.94 85.91 -10.06
CA ILE A 675 -9.47 86.64 -8.91
C ILE A 675 -8.33 86.99 -7.94
N ALA A 676 -7.43 86.03 -7.71
CA ALA A 676 -6.29 86.23 -6.83
C ALA A 676 -5.37 87.34 -7.36
N ARG A 677 -5.19 87.37 -8.68
CA ARG A 677 -4.44 88.44 -9.35
C ARG A 677 -5.15 89.78 -9.16
N ILE A 678 -6.49 89.75 -9.16
CA ILE A 678 -7.30 90.94 -8.93
C ILE A 678 -7.15 91.38 -7.48
N LEU A 679 -7.39 90.46 -6.54
CA LEU A 679 -7.32 90.75 -5.12
C LEU A 679 -6.26 89.86 -4.46
N ALA A 696 -7.95 87.90 -23.39
CA ALA A 696 -7.32 86.97 -22.42
C ALA A 696 -6.86 85.71 -23.14
N CYS A 697 -5.69 85.82 -23.79
CA CYS A 697 -5.09 84.74 -24.57
C CYS A 697 -3.98 84.06 -23.77
N ALA A 698 -4.17 83.97 -22.45
CA ALA A 698 -3.18 83.41 -21.55
C ALA A 698 -3.71 82.13 -20.88
N GLN A 699 -4.89 82.24 -20.24
CA GLN A 699 -5.44 81.19 -19.41
C GLN A 699 -6.02 80.05 -20.26
N LEU A 700 -6.28 80.32 -21.54
CA LEU A 700 -6.82 79.32 -22.46
C LEU A 700 -5.82 78.17 -22.63
N VAL A 701 -4.55 78.52 -22.78
CA VAL A 701 -3.48 77.55 -22.96
C VAL A 701 -3.29 76.75 -21.68
N ILE A 702 -3.42 77.43 -20.52
CA ILE A 702 -3.31 76.80 -19.22
C ILE A 702 -4.40 75.74 -19.06
N ALA A 703 -5.64 76.12 -19.43
CA ALA A 703 -6.79 75.21 -19.34
C ALA A 703 -6.60 74.02 -20.27
N PHE A 704 -6.09 74.26 -21.49
CA PHE A 704 -5.87 73.22 -22.47
C PHE A 704 -4.84 72.21 -21.97
N ILE A 705 -3.76 72.73 -21.37
CA ILE A 705 -2.69 71.90 -20.81
C ILE A 705 -3.24 71.06 -19.65
N LEU A 706 -4.05 71.68 -18.78
CA LEU A 706 -4.62 70.99 -17.64
C LEU A 706 -5.55 69.85 -18.09
N ILE A 707 -6.33 70.08 -19.16
CA ILE A 707 -7.21 69.07 -19.73
C ILE A 707 -6.36 67.92 -20.29
N CYS A 708 -5.29 68.28 -21.02
CA CYS A 708 -4.40 67.30 -21.65
C CYS A 708 -3.68 66.45 -20.59
N ILE A 709 -3.51 67.00 -19.37
CA ILE A 709 -2.90 66.26 -18.27
C ILE A 709 -3.75 65.03 -17.96
N GLN A 710 -5.06 65.24 -17.76
CA GLN A 710 -5.97 64.16 -17.42
C GLN A 710 -6.18 63.24 -18.62
N LEU A 711 -6.14 63.80 -19.84
CA LEU A 711 -6.23 62.98 -21.04
C LEU A 711 -5.06 62.00 -21.10
N GLY A 712 -3.85 62.50 -20.80
CA GLY A 712 -2.64 61.69 -20.70
C GLY A 712 -2.74 60.65 -19.59
N ILE A 713 -3.39 61.02 -18.48
CA ILE A 713 -3.62 60.11 -17.36
C ILE A 713 -4.47 58.93 -17.84
N ILE A 714 -5.54 59.24 -18.59
CA ILE A 714 -6.44 58.23 -19.13
C ILE A 714 -5.69 57.31 -20.10
N VAL A 715 -4.84 57.91 -20.95
CA VAL A 715 -4.07 57.17 -21.94
C VAL A 715 -3.09 56.22 -21.23
N ALA A 716 -2.44 56.71 -20.17
CA ALA A 716 -1.48 55.91 -19.40
C ALA A 716 -2.20 54.76 -18.69
N LEU A 717 -3.42 55.02 -18.18
CA LEU A 717 -4.21 53.99 -17.53
C LEU A 717 -4.64 52.93 -18.54
N PHE A 718 -4.93 53.36 -19.79
CA PHE A 718 -5.22 52.42 -20.86
C PHE A 718 -4.01 51.54 -21.18
N ILE A 719 -2.81 52.15 -21.19
CA ILE A 719 -1.58 51.43 -21.51
C ILE A 719 -1.29 50.41 -20.42
N MET A 720 -1.42 50.83 -19.16
CA MET A 720 -1.09 49.99 -18.01
C MET A 720 -2.07 48.81 -17.92
N GLU A 721 -3.37 49.12 -17.84
CA GLU A 721 -4.40 48.11 -17.75
C GLU A 721 -5.39 48.32 -18.90
N PRO A 722 -5.17 47.68 -20.08
CA PRO A 722 -6.07 47.82 -21.22
C PRO A 722 -7.49 47.36 -20.85
N PRO A 723 -8.54 48.13 -21.23
CA PRO A 723 -9.92 47.79 -20.91
C PRO A 723 -10.38 46.49 -21.58
N ASP A 724 -11.19 45.71 -20.83
CA ASP A 724 -11.85 44.52 -21.34
C ASP A 724 -13.13 44.29 -20.56
N ILE A 725 -14.09 43.61 -21.19
CA ILE A 725 -15.42 43.40 -20.64
C ILE A 725 -15.33 42.34 -19.54
N MET A 726 -15.43 42.80 -18.29
CA MET A 726 -15.28 41.92 -17.13
C MET A 726 -16.64 41.40 -16.69
N HIS A 727 -16.70 40.08 -16.48
CA HIS A 727 -17.79 39.42 -15.79
C HIS A 727 -17.55 39.54 -14.29
N ASP A 728 -17.98 40.68 -13.72
CA ASP A 728 -17.79 40.97 -12.31
C ASP A 728 -18.65 40.03 -11.48
N TYR A 729 -18.06 39.52 -10.39
CA TYR A 729 -18.71 38.54 -9.52
C TYR A 729 -18.74 39.07 -8.09
N PRO A 730 -19.75 39.89 -7.71
CA PRO A 730 -19.91 40.32 -6.32
C PRO A 730 -20.07 39.12 -5.39
N SER A 731 -20.81 38.11 -5.87
CA SER A 731 -20.88 36.79 -5.25
C SER A 731 -20.72 35.73 -6.32
N ILE A 732 -20.79 34.45 -5.92
CA ILE A 732 -20.67 33.33 -6.85
C ILE A 732 -22.03 33.05 -7.51
N ARG A 733 -23.12 33.49 -6.87
CA ARG A 733 -24.47 33.31 -7.37
C ARG A 733 -24.98 34.57 -8.07
N GLU A 734 -24.12 35.59 -8.18
CA GLU A 734 -24.47 36.83 -8.86
C GLU A 734 -23.41 37.17 -9.91
N VAL A 735 -23.87 37.43 -11.14
CA VAL A 735 -22.98 37.76 -12.25
C VAL A 735 -23.42 39.09 -12.85
N TYR A 736 -22.53 40.08 -12.75
CA TYR A 736 -22.72 41.39 -13.35
C TYR A 736 -21.70 41.63 -14.45
N LEU A 737 -21.94 42.65 -15.27
CA LEU A 737 -21.03 43.00 -16.35
C LEU A 737 -20.50 44.42 -16.14
N ILE A 738 -19.22 44.54 -15.78
CA ILE A 738 -18.57 45.81 -15.53
C ILE A 738 -17.26 45.83 -16.32
N CYS A 739 -16.77 47.04 -16.64
CA CYS A 739 -15.44 47.22 -17.21
C CYS A 739 -14.39 46.86 -16.17
N ASN A 740 -13.10 46.94 -16.54
CA ASN A 740 -12.02 46.54 -15.66
C ASN A 740 -11.46 47.73 -14.88
N THR A 741 -12.31 48.72 -14.59
CA THR A 741 -11.91 49.87 -13.79
C THR A 741 -11.70 49.43 -12.34
N THR A 742 -10.42 49.28 -11.98
CA THR A 742 -10.03 48.87 -10.63
C THR A 742 -9.98 50.08 -9.71
N ASN A 743 -9.45 49.90 -8.50
CA ASN A 743 -9.30 50.96 -7.52
C ASN A 743 -8.42 52.09 -8.06
N LEU A 744 -7.30 51.72 -8.70
CA LEU A 744 -6.36 52.70 -9.25
C LEU A 744 -7.06 53.50 -10.36
N GLY A 745 -7.81 52.80 -11.22
CA GLY A 745 -8.46 53.36 -12.38
C GLY A 745 -9.55 54.38 -12.04
N VAL A 746 -10.01 54.37 -10.77
CA VAL A 746 -11.02 55.30 -10.31
C VAL A 746 -10.39 56.39 -9.43
N VAL A 747 -9.36 56.02 -8.66
CA VAL A 747 -8.72 56.94 -7.72
C VAL A 747 -7.92 57.98 -8.48
N ALA A 748 -7.20 57.56 -9.53
CA ALA A 748 -6.30 58.44 -10.28
C ALA A 748 -7.05 59.66 -10.83
N PRO A 749 -8.15 59.51 -11.61
CA PRO A 749 -8.98 60.66 -11.99
C PRO A 749 -9.52 61.42 -10.78
N LEU A 750 -9.94 60.68 -9.75
CA LEU A 750 -10.43 61.28 -8.51
C LEU A 750 -9.30 62.02 -7.79
N GLY A 751 -8.07 61.47 -7.87
CA GLY A 751 -6.90 62.09 -7.29
C GLY A 751 -6.60 63.44 -7.93
N TYR A 752 -6.63 63.48 -9.27
CA TYR A 752 -6.36 64.70 -10.02
C TYR A 752 -7.46 65.73 -9.76
N ASN A 753 -8.72 65.27 -9.74
CA ASN A 753 -9.87 66.11 -9.46
C ASN A 753 -9.74 66.73 -8.07
N GLY A 754 -9.34 65.90 -7.09
CA GLY A 754 -9.11 66.33 -5.72
C GLY A 754 -8.01 67.38 -5.61
N LEU A 755 -6.94 67.20 -6.38
CA LEU A 755 -5.83 68.14 -6.42
C LEU A 755 -6.34 69.50 -6.91
N LEU A 756 -7.11 69.50 -8.01
CA LEU A 756 -7.65 70.73 -8.58
C LEU A 756 -8.64 71.37 -7.60
N ILE A 757 -9.43 70.55 -6.89
CA ILE A 757 -10.43 71.04 -5.95
C ILE A 757 -9.74 71.72 -4.77
N LEU A 758 -8.65 71.11 -4.27
CA LEU A 758 -7.90 71.69 -3.17
C LEU A 758 -7.25 73.01 -3.60
N ALA A 759 -6.77 73.07 -4.84
CA ALA A 759 -6.21 74.30 -5.39
C ALA A 759 -7.28 75.40 -5.42
N CYS A 760 -8.48 75.04 -5.89
CA CYS A 760 -9.61 75.97 -5.96
C CYS A 760 -9.99 76.45 -4.56
N THR A 761 -10.00 75.52 -3.59
CA THR A 761 -10.34 75.82 -2.21
C THR A 761 -9.35 76.84 -1.64
N PHE A 762 -8.05 76.61 -1.89
CA PHE A 762 -7.00 77.47 -1.39
C PHE A 762 -7.12 78.87 -1.98
N TYR A 763 -7.41 78.94 -3.28
CA TYR A 763 -7.43 80.22 -3.99
C TYR A 763 -8.76 80.96 -3.81
N ALA A 764 -9.78 80.28 -3.28
CA ALA A 764 -11.09 80.90 -3.10
C ALA A 764 -11.39 81.23 -1.64
N PHE A 765 -10.78 80.50 -0.70
CA PHE A 765 -10.93 80.77 0.72
C PHE A 765 -10.36 82.15 1.08
N LYS A 766 -9.40 82.61 0.27
CA LYS A 766 -8.79 83.92 0.44
C LYS A 766 -9.84 85.01 0.17
N THR A 767 -10.82 84.72 -0.69
CA THR A 767 -11.85 85.67 -1.08
C THR A 767 -13.23 85.19 -0.63
N ARG A 768 -13.32 84.69 0.61
CA ARG A 768 -14.54 84.11 1.16
C ARG A 768 -15.59 85.20 1.45
N ASN A 769 -15.15 86.46 1.57
CA ASN A 769 -16.00 87.53 2.07
C ASN A 769 -15.95 88.72 1.11
N VAL A 770 -16.10 88.43 -0.20
CA VAL A 770 -16.14 89.48 -1.20
C VAL A 770 -17.56 89.63 -1.70
N PRO A 771 -18.30 90.68 -1.27
CA PRO A 771 -19.68 90.89 -1.72
C PRO A 771 -19.79 91.58 -3.08
N ALA A 772 -18.69 91.64 -3.83
CA ALA A 772 -18.66 92.30 -5.13
C ALA A 772 -19.59 91.59 -6.11
N ASN A 773 -20.18 92.37 -7.04
CA ASN A 773 -21.12 91.90 -8.04
C ASN A 773 -22.32 91.25 -7.38
N PHE A 774 -22.88 91.95 -6.37
CA PHE A 774 -24.12 91.61 -5.69
C PHE A 774 -24.00 90.24 -5.00
N ASN A 775 -23.07 90.16 -4.03
CA ASN A 775 -22.87 89.01 -3.16
C ASN A 775 -22.57 87.76 -4.00
N GLU A 776 -21.44 87.79 -4.69
CA GLU A 776 -21.05 86.73 -5.62
C GLU A 776 -20.17 85.70 -4.92
N ALA A 777 -19.05 86.16 -4.35
CA ALA A 777 -17.97 85.29 -3.90
C ALA A 777 -18.35 84.52 -2.63
N LYS A 778 -19.21 85.11 -1.79
CA LYS A 778 -19.61 84.53 -0.52
C LYS A 778 -20.37 83.22 -0.73
N TYR A 779 -21.41 83.29 -1.58
CA TYR A 779 -22.23 82.13 -1.90
C TYR A 779 -21.44 81.08 -2.66
N ILE A 780 -20.51 81.54 -3.52
CA ILE A 780 -19.62 80.65 -4.27
C ILE A 780 -18.75 79.85 -3.29
N ALA A 781 -18.20 80.53 -2.28
CA ALA A 781 -17.36 79.90 -1.27
C ALA A 781 -18.16 78.88 -0.48
N PHE A 782 -19.39 79.25 -0.09
CA PHE A 782 -20.26 78.36 0.68
C PHE A 782 -20.58 77.10 -0.12
N ALA A 783 -20.89 77.29 -1.41
CA ALA A 783 -21.25 76.19 -2.29
C ALA A 783 -20.04 75.27 -2.51
N MET A 784 -18.85 75.85 -2.64
CA MET A 784 -17.63 75.08 -2.84
C MET A 784 -17.32 74.27 -1.59
N TYR A 785 -17.58 74.84 -0.41
CA TYR A 785 -17.41 74.13 0.85
C TYR A 785 -18.36 72.94 0.93
N THR A 786 -19.61 73.16 0.50
CA THR A 786 -20.62 72.11 0.47
C THR A 786 -20.20 71.00 -0.49
N THR A 787 -19.63 71.39 -1.64
CA THR A 787 -19.17 70.45 -2.66
C THR A 787 -18.04 69.59 -2.11
N CYS A 788 -17.09 70.22 -1.39
CA CYS A 788 -15.97 69.51 -0.79
C CYS A 788 -16.48 68.51 0.25
N ILE A 789 -17.45 68.93 1.07
CA ILE A 789 -18.05 68.07 2.08
C ILE A 789 -18.70 66.86 1.41
N ILE A 790 -19.44 67.12 0.32
CA ILE A 790 -20.15 66.09 -0.44
C ILE A 790 -19.16 65.08 -1.01
N TRP A 791 -18.04 65.58 -1.57
CA TRP A 791 -17.01 64.74 -2.14
C TRP A 791 -16.41 63.82 -1.08
N LEU A 792 -16.03 64.40 0.07
CA LEU A 792 -15.41 63.65 1.16
C LEU A 792 -16.39 62.67 1.79
N ALA A 793 -17.70 62.92 1.64
CA ALA A 793 -18.72 62.04 2.19
C ALA A 793 -19.05 60.90 1.23
N PHE A 794 -18.98 61.16 -0.09
CA PHE A 794 -19.43 60.21 -1.09
C PHE A 794 -18.30 59.30 -1.58
N VAL A 795 -17.04 59.68 -1.35
CA VAL A 795 -15.92 58.81 -1.67
C VAL A 795 -16.03 57.51 -0.88
N PRO A 796 -16.20 57.51 0.47
CA PRO A 796 -16.35 56.27 1.22
C PRO A 796 -17.65 55.53 0.92
N ILE A 797 -18.72 56.27 0.58
CA ILE A 797 -19.99 55.68 0.18
C ILE A 797 -19.80 54.93 -1.14
N TYR A 798 -18.99 55.52 -2.05
CA TYR A 798 -18.61 54.85 -3.29
C TYR A 798 -17.85 53.56 -2.98
N PHE A 799 -16.79 53.66 -2.16
CA PHE A 799 -15.91 52.53 -1.90
C PHE A 799 -16.59 51.49 -1.00
N GLY A 800 -17.63 51.91 -0.27
CA GLY A 800 -18.34 51.03 0.65
C GLY A 800 -19.67 50.54 0.09
N SER A 801 -19.72 50.37 -1.24
CA SER A 801 -20.91 49.88 -1.94
C SER A 801 -20.50 49.25 -3.27
N ASN A 802 -21.47 48.64 -3.95
CA ASN A 802 -21.23 47.91 -5.19
C ASN A 802 -22.04 48.50 -6.36
N TYR A 803 -22.89 49.50 -6.07
CA TYR A 803 -23.64 50.20 -7.09
C TYR A 803 -22.76 51.30 -7.69
N LYS A 804 -21.66 50.86 -8.32
CA LYS A 804 -20.56 51.72 -8.72
C LYS A 804 -21.02 52.72 -9.79
N ALA A 805 -21.71 52.22 -10.82
CA ALA A 805 -22.18 53.01 -11.94
C ALA A 805 -23.13 54.10 -11.46
N ILE A 806 -24.07 53.72 -10.59
CA ILE A 806 -25.09 54.62 -10.06
C ILE A 806 -24.41 55.70 -9.21
N THR A 807 -23.42 55.28 -8.40
CA THR A 807 -22.71 56.21 -7.52
C THR A 807 -21.95 57.24 -8.34
N MET A 808 -21.27 56.80 -9.41
CA MET A 808 -20.52 57.69 -10.28
C MET A 808 -21.47 58.67 -10.96
N CYS A 809 -22.61 58.15 -11.46
CA CYS A 809 -23.62 58.95 -12.12
C CYS A 809 -24.09 60.08 -11.20
N PHE A 810 -24.51 59.71 -9.99
CA PHE A 810 -25.03 60.67 -9.03
C PHE A 810 -23.95 61.68 -8.62
N SER A 811 -22.72 61.19 -8.38
CA SER A 811 -21.63 62.05 -7.95
C SER A 811 -21.35 63.14 -8.98
N VAL A 812 -21.15 62.74 -10.23
CA VAL A 812 -20.79 63.67 -11.29
C VAL A 812 -21.96 64.60 -11.58
N SER A 813 -23.18 64.04 -11.64
CA SER A 813 -24.37 64.81 -11.96
C SER A 813 -24.61 65.89 -10.92
N LEU A 814 -24.51 65.53 -9.63
CA LEU A 814 -24.77 66.46 -8.54
C LEU A 814 -23.64 67.48 -8.43
N SER A 815 -22.39 67.08 -8.73
CA SER A 815 -21.26 67.99 -8.76
C SER A 815 -21.53 69.11 -9.78
N ALA A 816 -21.84 68.71 -11.02
CA ALA A 816 -22.12 69.65 -12.09
C ALA A 816 -23.37 70.49 -11.75
N THR A 817 -24.36 69.85 -11.10
CA THR A 817 -25.62 70.50 -10.76
C THR A 817 -25.40 71.63 -9.76
N VAL A 818 -24.67 71.32 -8.67
CA VAL A 818 -24.40 72.30 -7.64
C VAL A 818 -23.56 73.44 -8.21
N LEU A 819 -22.56 73.10 -9.04
CA LEU A 819 -21.70 74.09 -9.67
C LEU A 819 -22.54 75.06 -10.49
N LEU A 820 -23.35 74.52 -11.42
CA LEU A 820 -24.13 75.31 -12.34
C LEU A 820 -25.17 76.15 -11.58
N GLY A 821 -25.84 75.51 -10.63
CA GLY A 821 -26.94 76.10 -9.87
C GLY A 821 -26.48 77.12 -8.83
N CYS A 822 -25.16 77.18 -8.58
CA CYS A 822 -24.65 78.09 -7.56
C CYS A 822 -23.80 79.21 -8.16
N MET A 823 -23.30 79.02 -9.39
CA MET A 823 -22.49 80.07 -10.02
C MET A 823 -23.32 80.86 -11.03
N PHE A 824 -24.42 80.25 -11.52
CA PHE A 824 -25.14 80.81 -12.65
C PHE A 824 -26.57 81.23 -12.31
N VAL A 825 -27.19 80.60 -11.30
CA VAL A 825 -28.57 80.91 -10.92
C VAL A 825 -28.70 82.39 -10.49
N PRO A 826 -27.81 82.95 -9.63
CA PRO A 826 -27.83 84.38 -9.34
C PRO A 826 -27.72 85.25 -10.59
N LYS A 827 -26.87 84.84 -11.54
CA LYS A 827 -26.64 85.59 -12.77
C LYS A 827 -27.91 85.63 -13.62
N VAL A 828 -28.59 84.47 -13.74
CA VAL A 828 -29.81 84.36 -14.51
C VAL A 828 -30.92 85.17 -13.84
N TYR A 829 -30.99 85.10 -12.51
CA TYR A 829 -31.99 85.83 -11.74
C TYR A 829 -31.81 87.35 -11.91
N ILE A 830 -30.55 87.80 -11.97
CA ILE A 830 -30.24 89.21 -12.13
C ILE A 830 -30.60 89.67 -13.56
N ILE A 831 -30.19 88.88 -14.56
CA ILE A 831 -30.34 89.24 -15.95
C ILE A 831 -31.82 89.22 -16.36
N LEU A 832 -32.63 88.39 -15.67
CA LEU A 832 -34.03 88.23 -16.00
C LEU A 832 -34.86 88.08 -14.71
N ARG B 31 6.92 -59.40 -5.90
CA ARG B 31 7.81 -60.49 -6.38
C ARG B 31 9.28 -60.11 -6.15
N ARG B 32 9.57 -58.81 -6.32
CA ARG B 32 10.93 -58.26 -6.24
C ARG B 32 11.56 -58.61 -4.89
N VAL B 33 12.85 -58.96 -4.95
CA VAL B 33 13.56 -59.55 -3.83
C VAL B 33 13.80 -58.47 -2.77
N VAL B 34 13.57 -58.85 -1.50
CA VAL B 34 13.67 -57.94 -0.37
C VAL B 34 14.68 -58.50 0.62
N ALA B 35 15.65 -57.67 1.02
CA ALA B 35 16.62 -58.08 2.03
C ALA B 35 15.94 -58.01 3.40
N HIS B 36 15.71 -59.18 4.00
CA HIS B 36 14.87 -59.28 5.18
C HIS B 36 15.70 -59.74 6.38
N MET B 37 15.92 -58.82 7.33
CA MET B 37 16.54 -59.17 8.59
C MET B 37 15.45 -59.33 9.66
N PRO B 38 15.38 -60.49 10.35
CA PRO B 38 14.35 -60.71 11.37
C PRO B 38 14.55 -59.82 12.60
N GLY B 39 13.44 -59.54 13.30
CA GLY B 39 13.46 -58.72 14.50
C GLY B 39 12.09 -58.66 15.15
N ASP B 40 11.95 -57.75 16.13
CA ASP B 40 10.72 -57.54 16.88
C ASP B 40 10.09 -56.20 16.49
N ILE B 41 10.91 -55.14 16.44
CA ILE B 41 10.49 -53.85 15.93
C ILE B 41 11.22 -53.63 14.61
N ILE B 42 10.44 -53.49 13.54
CA ILE B 42 10.95 -53.66 12.19
C ILE B 42 10.94 -52.31 11.47
N ILE B 43 12.15 -51.87 11.10
CA ILE B 43 12.37 -50.61 10.40
C ILE B 43 12.63 -50.90 8.92
N GLY B 44 11.71 -50.45 8.05
CA GLY B 44 11.91 -50.56 6.61
C GLY B 44 12.89 -49.52 6.11
N ALA B 45 13.35 -49.68 4.86
CA ALA B 45 14.21 -48.70 4.21
C ALA B 45 14.17 -48.85 2.70
N LEU B 46 14.41 -47.73 2.01
CA LEU B 46 14.50 -47.67 0.57
C LEU B 46 15.87 -47.14 0.17
N PHE B 47 16.65 -47.98 -0.52
CA PHE B 47 17.96 -47.62 -1.01
C PHE B 47 18.02 -47.82 -2.53
N SER B 48 18.63 -46.83 -3.21
CA SER B 48 18.71 -46.81 -4.66
C SER B 48 19.70 -47.87 -5.14
N VAL B 49 19.24 -49.13 -5.14
CA VAL B 49 20.10 -50.26 -5.43
C VAL B 49 20.45 -50.28 -6.91
N HIS B 50 19.43 -50.20 -7.77
CA HIS B 50 19.64 -50.24 -9.21
C HIS B 50 19.60 -48.83 -9.79
N HIS B 51 20.04 -48.69 -11.04
CA HIS B 51 19.97 -47.43 -11.78
C HIS B 51 18.52 -47.09 -12.12
N GLN B 52 18.31 -45.83 -12.49
CA GLN B 52 17.02 -45.36 -12.98
C GLN B 52 16.70 -46.05 -14.29
N PRO B 53 15.53 -46.72 -14.42
CA PRO B 53 15.12 -47.30 -15.70
C PRO B 53 14.80 -46.19 -16.69
N THR B 54 15.12 -46.45 -17.97
CA THR B 54 14.93 -45.48 -19.04
C THR B 54 13.45 -45.34 -19.37
N VAL B 55 13.15 -44.52 -20.37
CA VAL B 55 11.79 -44.17 -20.75
C VAL B 55 11.04 -45.40 -21.29
N ASP B 56 11.78 -46.35 -21.88
CA ASP B 56 11.18 -47.48 -22.58
C ASP B 56 10.56 -48.47 -21.59
N LYS B 57 11.06 -48.49 -20.35
CA LYS B 57 10.62 -49.47 -19.37
C LYS B 57 10.08 -48.77 -18.11
N VAL B 58 9.27 -47.74 -18.31
CA VAL B 58 8.65 -47.02 -17.20
C VAL B 58 7.42 -47.77 -16.72
N HIS B 59 6.79 -48.56 -17.61
CA HIS B 59 5.59 -49.31 -17.28
C HIS B 59 5.92 -50.76 -16.90
N GLU B 60 6.86 -51.36 -17.63
CA GLU B 60 7.40 -52.67 -17.30
C GLU B 60 8.18 -52.60 -15.99
N ARG B 61 8.94 -51.51 -15.80
CA ARG B 61 9.71 -51.22 -14.60
C ARG B 61 10.80 -52.28 -14.40
N LYS B 62 11.63 -52.46 -15.43
CA LYS B 62 12.85 -53.24 -15.31
C LYS B 62 14.02 -52.27 -15.22
N CYS B 63 14.64 -52.24 -14.03
CA CYS B 63 15.68 -51.27 -13.72
C CYS B 63 17.01 -51.66 -14.36
N GLY B 64 17.97 -50.73 -14.32
CA GLY B 64 19.26 -50.88 -14.99
C GLY B 64 20.31 -51.54 -14.10
N ALA B 65 21.57 -51.18 -14.34
CA ALA B 65 22.73 -51.77 -13.69
C ALA B 65 22.73 -51.45 -12.20
N VAL B 66 23.41 -52.28 -11.42
CA VAL B 66 23.49 -52.13 -9.98
C VAL B 66 24.42 -50.96 -9.65
N ARG B 67 23.93 -50.03 -8.85
CA ARG B 67 24.73 -48.91 -8.36
C ARG B 67 25.65 -49.41 -7.26
N GLU B 68 26.93 -49.01 -7.35
CA GLU B 68 27.94 -49.43 -6.39
C GLU B 68 27.99 -48.46 -5.21
N GLN B 69 28.23 -47.18 -5.52
CA GLN B 69 28.51 -46.16 -4.51
C GLN B 69 27.24 -45.80 -3.75
N TYR B 70 26.09 -45.70 -4.44
CA TYR B 70 24.91 -45.15 -3.81
C TYR B 70 24.08 -46.27 -3.18
N GLY B 71 24.34 -47.51 -3.62
CA GLY B 71 23.42 -48.61 -3.39
C GLY B 71 23.86 -49.55 -2.27
N ILE B 72 24.52 -50.64 -2.66
CA ILE B 72 24.74 -51.80 -1.81
C ILE B 72 25.60 -51.45 -0.60
N GLN B 73 26.43 -50.42 -0.72
CA GLN B 73 27.14 -49.87 0.42
C GLN B 73 26.14 -49.56 1.54
N ARG B 74 24.99 -48.98 1.18
CA ARG B 74 24.02 -48.51 2.15
C ARG B 74 23.24 -49.67 2.76
N VAL B 75 22.90 -50.69 1.96
CA VAL B 75 22.19 -51.85 2.48
C VAL B 75 23.07 -52.59 3.47
N GLU B 76 24.35 -52.79 3.11
CA GLU B 76 25.33 -53.40 4.00
C GLU B 76 25.46 -52.54 5.26
N ALA B 77 25.45 -51.22 5.07
CA ALA B 77 25.53 -50.26 6.15
C ALA B 77 24.44 -50.53 7.19
N MET B 78 23.18 -50.59 6.73
CA MET B 78 22.09 -50.66 7.68
C MET B 78 21.99 -52.05 8.29
N LEU B 79 22.33 -53.08 7.52
CA LEU B 79 22.35 -54.44 8.04
C LEU B 79 23.32 -54.55 9.21
N HIS B 80 24.56 -54.07 9.00
CA HIS B 80 25.59 -54.11 10.04
C HIS B 80 25.19 -53.21 11.22
N THR B 81 24.60 -52.06 10.92
CA THR B 81 24.22 -51.09 11.95
C THR B 81 23.13 -51.68 12.86
N LEU B 82 22.16 -52.36 12.24
CA LEU B 82 21.08 -52.99 12.99
C LEU B 82 21.61 -54.16 13.82
N GLU B 83 22.61 -54.89 13.28
CA GLU B 83 23.27 -55.94 14.04
C GLU B 83 23.94 -55.36 15.28
N ARG B 84 24.62 -54.21 15.09
CA ARG B 84 25.38 -53.58 16.17
C ARG B 84 24.42 -53.04 17.25
N ILE B 85 23.33 -52.40 16.82
CA ILE B 85 22.31 -51.90 17.75
C ILE B 85 21.69 -53.09 18.51
N ASN B 86 21.50 -54.21 17.80
CA ASN B 86 21.02 -55.45 18.42
C ASN B 86 22.01 -55.95 19.45
N SER B 87 23.31 -55.68 19.23
CA SER B 87 24.39 -56.16 20.07
C SER B 87 24.81 -55.12 21.12
N ASP B 88 24.11 -53.97 21.15
CA ASP B 88 24.42 -52.91 22.10
C ASP B 88 23.39 -52.90 23.22
N PRO B 89 23.77 -53.25 24.46
CA PRO B 89 22.85 -53.16 25.61
C PRO B 89 22.53 -51.73 26.05
N THR B 90 23.15 -50.74 25.40
CA THR B 90 23.07 -49.34 25.80
C THR B 90 21.67 -48.78 25.54
N LEU B 91 20.99 -49.31 24.52
CA LEU B 91 19.65 -48.89 24.16
C LEU B 91 18.85 -50.06 23.61
N LEU B 92 17.54 -50.05 23.84
CA LEU B 92 16.62 -51.11 23.46
C LEU B 92 17.16 -52.45 23.95
N PRO B 93 17.11 -52.74 25.28
CA PRO B 93 17.77 -53.92 25.84
C PRO B 93 17.20 -55.24 25.31
N ASN B 94 15.88 -55.43 25.45
CA ASN B 94 15.23 -56.67 25.09
C ASN B 94 14.41 -56.49 23.81
N ILE B 95 14.96 -55.71 22.88
CA ILE B 95 14.29 -55.42 21.61
C ILE B 95 15.25 -55.74 20.47
N THR B 96 14.79 -56.54 19.51
CA THR B 96 15.54 -56.91 18.33
C THR B 96 14.94 -56.20 17.11
N LEU B 97 15.81 -55.55 16.32
CA LEU B 97 15.37 -54.75 15.19
C LEU B 97 15.68 -55.47 13.88
N GLY B 98 14.62 -55.79 13.14
CA GLY B 98 14.73 -56.28 11.78
C GLY B 98 14.52 -55.17 10.75
N CYS B 99 14.64 -55.53 9.47
CA CYS B 99 14.47 -54.56 8.40
C CYS B 99 14.08 -55.26 7.10
N GLU B 100 13.46 -54.48 6.20
CA GLU B 100 13.25 -54.89 4.82
C GLU B 100 13.87 -53.86 3.90
N ILE B 101 14.76 -54.33 3.03
CA ILE B 101 15.36 -53.51 1.99
C ILE B 101 14.65 -53.82 0.69
N ARG B 102 14.06 -52.78 0.11
CA ARG B 102 13.41 -52.86 -1.18
C ARG B 102 14.09 -51.88 -2.13
N ASP B 103 14.35 -52.36 -3.35
CA ASP B 103 14.97 -51.56 -4.39
C ASP B 103 14.12 -50.31 -4.64
N SER B 104 14.79 -49.16 -4.69
CA SER B 104 14.12 -47.89 -4.95
C SER B 104 14.31 -47.42 -6.39
N CYS B 105 15.36 -47.92 -7.06
CA CYS B 105 15.63 -47.69 -8.47
C CYS B 105 15.72 -46.21 -8.83
N TRP B 106 15.78 -45.32 -7.82
CA TRP B 106 15.97 -43.89 -8.02
C TRP B 106 14.79 -43.28 -8.77
N HIS B 107 13.77 -44.10 -9.07
CA HIS B 107 12.61 -43.66 -9.82
C HIS B 107 11.37 -43.70 -8.94
N SER B 108 10.47 -42.73 -9.16
CA SER B 108 9.31 -42.53 -8.31
C SER B 108 8.39 -43.74 -8.33
N ALA B 109 8.19 -44.33 -9.52
CA ALA B 109 7.21 -45.40 -9.71
C ALA B 109 7.57 -46.63 -8.89
N VAL B 110 8.84 -47.04 -8.95
CA VAL B 110 9.31 -48.24 -8.29
C VAL B 110 9.26 -48.03 -6.77
N ALA B 111 9.68 -46.84 -6.32
CA ALA B 111 9.64 -46.50 -4.90
C ALA B 111 8.20 -46.56 -4.39
N LEU B 112 7.25 -46.08 -5.20
CA LEU B 112 5.85 -46.08 -4.81
C LEU B 112 5.32 -47.52 -4.73
N GLU B 113 5.74 -48.39 -5.67
CA GLU B 113 5.35 -49.79 -5.64
C GLU B 113 5.81 -50.43 -4.33
N GLN B 114 7.07 -50.22 -3.99
CA GLN B 114 7.67 -50.81 -2.80
C GLN B 114 7.00 -50.26 -1.53
N SER B 115 6.69 -48.96 -1.53
CA SER B 115 6.04 -48.33 -0.40
C SER B 115 4.63 -48.89 -0.21
N ILE B 116 3.95 -49.19 -1.33
CA ILE B 116 2.65 -49.85 -1.29
C ILE B 116 2.78 -51.21 -0.62
N GLU B 117 3.85 -51.94 -0.96
CA GLU B 117 4.10 -53.24 -0.37
C GLU B 117 4.28 -53.10 1.15
N PHE B 118 5.06 -52.09 1.56
CA PHE B 118 5.28 -51.79 2.97
C PHE B 118 3.95 -51.55 3.68
N ILE B 119 3.13 -50.66 3.12
CA ILE B 119 1.88 -50.23 3.74
C ILE B 119 0.93 -51.42 3.87
N ARG B 120 0.82 -52.24 2.81
CA ARG B 120 -0.10 -53.37 2.85
C ARG B 120 0.35 -54.40 3.88
N ASP B 121 1.68 -54.63 3.98
CA ASP B 121 2.21 -55.52 5.01
C ASP B 121 1.82 -55.03 6.40
N SER B 122 1.99 -53.72 6.63
CA SER B 122 1.67 -53.12 7.92
C SER B 122 0.18 -53.23 8.22
N LEU B 123 -0.66 -53.10 7.18
CA LEU B 123 -2.11 -53.12 7.34
C LEU B 123 -2.59 -54.54 7.68
N ILE B 124 -2.12 -55.54 6.91
CA ILE B 124 -2.54 -56.91 7.11
C ILE B 124 -1.94 -57.47 8.40
N SER B 125 -0.89 -56.82 8.90
CA SER B 125 -0.29 -57.20 10.18
C SER B 125 -1.27 -56.98 11.33
N SER B 126 -2.02 -55.87 11.26
CA SER B 126 -2.98 -55.48 12.29
C SER B 126 -4.14 -56.48 12.35
N LYS B 146 5.18 -59.22 6.67
CA LYS B 146 4.35 -60.10 7.54
C LYS B 146 4.28 -59.51 8.96
N LYS B 147 5.09 -58.47 9.20
CA LYS B 147 5.13 -57.77 10.47
C LYS B 147 5.03 -56.27 10.23
N PRO B 148 4.42 -55.48 11.16
CA PRO B 148 4.16 -54.06 10.91
C PRO B 148 5.45 -53.25 10.83
N ILE B 149 5.57 -52.46 9.77
CA ILE B 149 6.69 -51.55 9.61
C ILE B 149 6.47 -50.35 10.53
N VAL B 150 7.46 -50.07 11.38
CA VAL B 150 7.35 -49.02 12.37
C VAL B 150 7.73 -47.68 11.74
N GLY B 151 8.75 -47.72 10.89
CA GLY B 151 9.26 -46.53 10.21
C GLY B 151 10.08 -46.91 8.97
N VAL B 152 10.53 -45.91 8.23
CA VAL B 152 11.17 -46.12 6.95
C VAL B 152 12.28 -45.09 6.77
N ILE B 153 13.40 -45.55 6.19
CA ILE B 153 14.50 -44.68 5.83
C ILE B 153 14.27 -44.20 4.41
N GLY B 154 14.16 -42.86 4.26
CA GLY B 154 13.70 -42.21 3.05
C GLY B 154 14.58 -42.51 1.84
N PRO B 155 14.02 -42.43 0.60
CA PRO B 155 14.82 -42.61 -0.61
C PRO B 155 15.83 -41.47 -0.77
N GLY B 156 16.81 -41.69 -1.66
CA GLY B 156 17.89 -40.75 -1.88
C GLY B 156 17.40 -39.39 -2.40
N SER B 157 16.95 -39.39 -3.66
CA SER B 157 16.54 -38.18 -4.34
C SER B 157 15.37 -37.52 -3.61
N SER B 158 15.32 -36.19 -3.67
CA SER B 158 14.26 -35.43 -3.04
C SER B 158 12.95 -35.57 -3.82
N SER B 159 13.06 -35.62 -5.15
CA SER B 159 11.90 -35.70 -6.04
C SER B 159 11.18 -37.05 -5.88
N VAL B 160 11.86 -38.01 -5.25
CA VAL B 160 11.26 -39.31 -4.98
C VAL B 160 10.76 -39.35 -3.53
N ALA B 161 11.56 -38.78 -2.62
CA ALA B 161 11.21 -38.73 -1.20
C ALA B 161 9.93 -37.96 -0.97
N ILE B 162 9.69 -36.92 -1.79
CA ILE B 162 8.49 -36.09 -1.69
C ILE B 162 7.23 -36.94 -1.92
N GLN B 163 7.24 -37.77 -2.97
CA GLN B 163 6.10 -38.58 -3.32
C GLN B 163 5.93 -39.72 -2.32
N VAL B 164 7.04 -40.31 -1.89
CA VAL B 164 7.00 -41.39 -0.91
C VAL B 164 6.42 -40.86 0.39
N GLN B 165 6.72 -39.59 0.71
CA GLN B 165 6.16 -38.94 1.88
C GLN B 165 4.67 -38.70 1.71
N ASN B 166 4.25 -38.26 0.51
CA ASN B 166 2.85 -38.06 0.22
C ASN B 166 2.05 -39.35 0.44
N LEU B 167 2.70 -40.50 0.19
CA LEU B 167 2.04 -41.78 0.37
C LEU B 167 2.02 -42.20 1.83
N LEU B 168 3.15 -42.02 2.53
CA LEU B 168 3.35 -42.53 3.88
C LEU B 168 2.58 -41.68 4.91
N GLN B 169 2.36 -40.39 4.61
CA GLN B 169 1.70 -39.47 5.52
C GLN B 169 0.31 -39.96 5.90
N LEU B 170 -0.31 -40.77 5.03
CA LEU B 170 -1.70 -41.19 5.22
C LEU B 170 -1.79 -42.38 6.17
N PHE B 171 -0.65 -42.98 6.54
CA PHE B 171 -0.68 -44.21 7.33
C PHE B 171 0.12 -44.09 8.63
N ASN B 172 0.55 -42.86 8.96
CA ASN B 172 1.30 -42.62 10.18
C ASN B 172 2.56 -43.46 10.20
N ILE B 173 3.37 -43.30 9.14
CA ILE B 173 4.63 -44.02 9.01
C ILE B 173 5.76 -42.99 8.97
N PRO B 174 6.52 -42.81 10.08
CA PRO B 174 7.61 -41.84 10.13
C PRO B 174 8.72 -42.20 9.15
N GLN B 175 9.10 -41.22 8.33
CA GLN B 175 10.15 -41.40 7.34
C GLN B 175 11.33 -40.49 7.68
N ILE B 176 12.54 -41.05 7.59
CA ILE B 176 13.76 -40.28 7.79
C ILE B 176 14.59 -40.35 6.51
N ALA B 177 14.96 -39.18 5.99
CA ALA B 177 15.74 -39.08 4.76
C ALA B 177 17.21 -38.81 5.08
N TYR B 178 18.09 -39.27 4.18
CA TYR B 178 19.53 -39.10 4.34
C TYR B 178 20.12 -38.35 3.15
N SER B 179 19.33 -38.10 2.09
CA SER B 179 19.83 -37.38 0.93
C SER B 179 18.87 -36.31 0.43
N ALA B 180 17.62 -36.32 0.89
CA ALA B 180 16.63 -35.34 0.45
C ALA B 180 16.96 -33.97 1.02
N THR B 181 17.42 -33.06 0.15
CA THR B 181 17.88 -31.75 0.59
C THR B 181 17.00 -30.63 0.04
N SER B 182 15.89 -30.97 -0.61
CA SER B 182 14.97 -29.97 -1.13
C SER B 182 14.28 -29.25 0.04
N MET B 183 14.11 -27.94 -0.09
CA MET B 183 13.60 -27.13 1.01
C MET B 183 12.09 -27.02 0.98
N ASP B 184 11.43 -27.66 0.01
CA ASP B 184 9.98 -27.72 0.01
C ASP B 184 9.49 -28.81 0.97
N LEU B 185 10.44 -29.59 1.52
CA LEU B 185 10.16 -30.63 2.50
C LEU B 185 10.22 -30.09 3.93
N SER B 186 10.54 -28.79 4.08
CA SER B 186 10.61 -28.16 5.40
C SER B 186 9.22 -27.96 6.00
N ASP B 187 8.20 -27.91 5.14
CA ASP B 187 6.82 -27.69 5.56
C ASP B 187 6.33 -28.87 6.40
N LYS B 188 5.48 -28.56 7.37
CA LYS B 188 4.83 -29.59 8.19
C LYS B 188 3.32 -29.60 7.97
N THR B 189 2.82 -28.58 7.27
CA THR B 189 1.44 -28.53 6.81
C THR B 189 1.22 -29.59 5.74
N LEU B 190 2.27 -29.84 4.92
CA LEU B 190 2.16 -30.70 3.76
C LEU B 190 2.81 -32.06 4.02
N PHE B 191 4.00 -32.06 4.64
CA PHE B 191 4.73 -33.29 4.91
C PHE B 191 4.99 -33.40 6.41
N LYS B 192 4.02 -33.96 7.12
CA LYS B 192 4.08 -33.99 8.58
C LYS B 192 5.15 -34.99 9.04
N TYR B 193 5.16 -36.18 8.43
CA TYR B 193 5.96 -37.28 8.94
C TYR B 193 7.29 -37.39 8.20
N PHE B 194 8.08 -36.31 8.24
CA PHE B 194 9.33 -36.27 7.51
C PHE B 194 10.46 -35.79 8.41
N MET B 195 11.57 -36.53 8.39
CA MET B 195 12.72 -36.22 9.22
C MET B 195 13.97 -36.24 8.37
N ARG B 196 14.81 -35.21 8.53
CA ARG B 196 16.03 -35.09 7.75
C ARG B 196 17.23 -35.00 8.68
N VAL B 197 18.20 -35.90 8.45
CA VAL B 197 19.49 -35.84 9.12
C VAL B 197 20.45 -35.00 8.29
N VAL B 198 20.00 -34.60 7.09
CA VAL B 198 20.75 -33.68 6.26
C VAL B 198 20.08 -32.30 6.31
N PRO B 199 20.85 -31.20 6.25
CA PRO B 199 20.25 -29.86 6.16
C PRO B 199 19.77 -29.56 4.75
N SER B 200 18.70 -28.76 4.67
CA SER B 200 18.12 -28.35 3.40
C SER B 200 19.08 -27.43 2.64
N ASP B 201 18.76 -27.19 1.36
CA ASP B 201 19.51 -26.26 0.53
C ASP B 201 19.41 -24.84 1.07
N ALA B 202 18.35 -24.55 1.84
CA ALA B 202 18.21 -23.26 2.50
C ALA B 202 19.43 -22.97 3.36
N GLN B 203 20.00 -24.01 3.99
CA GLN B 203 21.16 -23.82 4.85
C GLN B 203 22.44 -23.70 4.04
N GLN B 204 22.47 -24.25 2.82
CA GLN B 204 23.56 -23.96 1.89
C GLN B 204 23.55 -22.46 1.56
N ALA B 205 22.35 -21.91 1.31
CA ALA B 205 22.19 -20.49 1.04
C ALA B 205 22.63 -19.68 2.25
N ARG B 206 22.29 -20.17 3.45
CA ARG B 206 22.67 -19.52 4.70
C ARG B 206 24.20 -19.48 4.83
N ALA B 207 24.86 -20.59 4.49
CA ALA B 207 26.31 -20.66 4.58
C ALA B 207 26.97 -19.70 3.59
N MET B 208 26.44 -19.63 2.37
CA MET B 208 26.98 -18.75 1.34
C MET B 208 26.83 -17.29 1.77
N VAL B 209 25.66 -16.93 2.29
CA VAL B 209 25.42 -15.56 2.73
C VAL B 209 26.31 -15.23 3.92
N ASP B 210 26.58 -16.23 4.77
CA ASP B 210 27.45 -16.04 5.93
C ASP B 210 28.88 -15.76 5.50
N ILE B 211 29.39 -16.50 4.52
CA ILE B 211 30.76 -16.31 4.08
C ILE B 211 30.88 -14.97 3.33
N VAL B 212 29.84 -14.58 2.59
CA VAL B 212 29.83 -13.30 1.91
C VAL B 212 29.88 -12.18 2.95
N LYS B 213 29.09 -12.33 4.02
CA LYS B 213 29.09 -11.40 5.14
C LYS B 213 30.48 -11.32 5.76
N ARG B 214 31.14 -12.48 5.90
CA ARG B 214 32.48 -12.59 6.48
C ARG B 214 33.48 -11.79 5.64
N TYR B 215 33.37 -11.91 4.31
CA TYR B 215 34.28 -11.23 3.40
C TYR B 215 33.81 -9.82 3.06
N ASN B 216 32.64 -9.43 3.58
CA ASN B 216 32.18 -8.05 3.61
C ASN B 216 31.94 -7.53 2.19
N TRP B 217 31.07 -8.22 1.46
CA TRP B 217 30.69 -7.82 0.10
C TRP B 217 29.22 -7.43 0.07
N THR B 218 28.87 -6.52 -0.85
CA THR B 218 27.51 -6.01 -0.92
C THR B 218 26.91 -6.27 -2.30
N TYR B 219 27.58 -5.81 -3.36
CA TYR B 219 27.04 -5.88 -4.71
C TYR B 219 27.61 -7.10 -5.44
N VAL B 220 26.98 -8.25 -5.20
CA VAL B 220 27.43 -9.51 -5.77
C VAL B 220 26.42 -9.96 -6.82
N SER B 221 26.93 -10.58 -7.90
CA SER B 221 26.07 -11.16 -8.93
C SER B 221 25.55 -12.51 -8.44
N ALA B 222 24.37 -12.88 -8.94
CA ALA B 222 23.72 -14.13 -8.54
C ALA B 222 23.14 -14.83 -9.76
N VAL B 223 23.62 -16.05 -10.01
CA VAL B 223 23.06 -16.91 -11.03
C VAL B 223 22.68 -18.23 -10.36
N HIS B 224 21.76 -18.96 -10.99
CA HIS B 224 21.25 -20.21 -10.43
C HIS B 224 20.76 -21.11 -11.55
N THR B 225 20.98 -22.43 -11.39
CA THR B 225 20.39 -23.40 -12.28
C THR B 225 18.87 -23.29 -12.20
N GLU B 226 18.20 -23.42 -13.35
CA GLU B 226 16.75 -23.39 -13.41
C GLU B 226 16.21 -24.80 -13.23
N GLY B 227 15.20 -24.91 -12.37
CA GLY B 227 14.59 -26.19 -12.01
C GLY B 227 14.16 -26.18 -10.55
N ASN B 228 14.01 -27.38 -9.98
CA ASN B 228 13.56 -27.55 -8.61
C ASN B 228 14.64 -27.05 -7.65
N TYR B 229 15.90 -27.35 -7.97
CA TYR B 229 17.03 -27.14 -7.07
C TYR B 229 17.44 -25.68 -7.04
N GLY B 230 17.97 -25.21 -8.18
CA GLY B 230 18.60 -23.90 -8.28
C GLY B 230 17.64 -22.75 -8.02
N GLU B 231 16.42 -22.87 -8.54
CA GLU B 231 15.43 -21.81 -8.46
C GLU B 231 15.08 -21.55 -6.98
N SER B 232 14.74 -22.62 -6.26
CA SER B 232 14.38 -22.52 -4.85
C SER B 232 15.58 -22.08 -4.02
N GLY B 233 16.79 -22.54 -4.40
CA GLY B 233 18.02 -22.15 -3.74
C GLY B 233 18.26 -20.65 -3.81
N MET B 234 18.08 -20.08 -5.01
CA MET B 234 18.24 -18.65 -5.22
C MET B 234 17.15 -17.87 -4.48
N GLU B 235 15.93 -18.42 -4.41
CA GLU B 235 14.88 -17.78 -3.63
C GLU B 235 15.29 -17.68 -2.16
N ALA B 236 15.84 -18.77 -1.62
CA ALA B 236 16.30 -18.79 -0.24
C ALA B 236 17.46 -17.81 -0.03
N PHE B 237 18.38 -17.77 -1.01
CA PHE B 237 19.57 -16.93 -0.90
C PHE B 237 19.19 -15.45 -0.88
N LYS B 238 18.27 -15.06 -1.78
CA LYS B 238 17.84 -13.67 -1.87
C LYS B 238 16.92 -13.33 -0.72
N ASP B 239 16.26 -14.34 -0.12
CA ASP B 239 15.48 -14.16 1.10
C ASP B 239 16.42 -13.77 2.24
N MET B 240 17.56 -14.47 2.35
CA MET B 240 18.48 -14.25 3.45
C MET B 240 19.48 -13.13 3.14
N SER B 241 19.45 -12.61 1.91
CA SER B 241 20.29 -11.48 1.53
C SER B 241 19.70 -10.16 2.04
N ALA B 242 18.37 -10.04 2.02
CA ALA B 242 17.70 -8.83 2.46
C ALA B 242 17.89 -8.61 3.97
N LYS B 243 18.15 -9.71 4.70
CA LYS B 243 18.40 -9.65 6.13
C LYS B 243 19.84 -9.22 6.42
N GLU B 244 20.66 -9.09 5.37
CA GLU B 244 22.07 -8.73 5.51
C GLU B 244 22.42 -7.49 4.69
N GLY B 245 21.48 -7.01 3.88
CA GLY B 245 21.66 -5.82 3.06
C GLY B 245 22.54 -6.06 1.82
N ILE B 246 22.82 -7.34 1.53
CA ILE B 246 23.61 -7.69 0.36
C ILE B 246 22.76 -7.49 -0.89
N CYS B 247 23.31 -6.73 -1.85
CA CYS B 247 22.64 -6.48 -3.12
C CYS B 247 22.90 -7.61 -4.10
N ILE B 248 22.03 -7.71 -5.09
CA ILE B 248 22.13 -8.68 -6.17
C ILE B 248 22.17 -7.92 -7.50
N ALA B 249 23.18 -8.23 -8.33
CA ALA B 249 23.32 -7.62 -9.65
C ALA B 249 22.10 -7.97 -10.50
N HIS B 250 21.94 -9.26 -10.82
CA HIS B 250 20.85 -9.73 -11.67
C HIS B 250 20.75 -11.26 -11.56
N SER B 251 19.57 -11.72 -11.14
CA SER B 251 19.32 -13.14 -10.93
C SER B 251 19.21 -13.86 -12.27
N TYR B 252 20.36 -14.12 -12.91
CA TYR B 252 20.42 -14.83 -14.17
C TYR B 252 19.96 -16.27 -13.97
N LYS B 253 19.45 -16.87 -15.04
CA LYS B 253 18.76 -18.15 -14.97
C LYS B 253 18.96 -18.89 -16.30
N ILE B 254 19.78 -19.95 -16.27
CA ILE B 254 20.11 -20.72 -17.45
C ILE B 254 19.95 -22.21 -17.14
N TYR B 255 19.91 -23.02 -18.21
CA TYR B 255 19.88 -24.47 -18.10
C TYR B 255 21.29 -25.03 -18.10
N SER B 256 21.38 -26.36 -17.97
CA SER B 256 22.61 -27.11 -18.13
C SER B 256 22.73 -27.62 -19.57
N ASN B 257 21.67 -27.45 -20.36
CA ASN B 257 21.62 -27.92 -21.74
C ASN B 257 21.64 -26.75 -22.73
N ALA B 258 21.78 -25.52 -22.22
CA ALA B 258 21.81 -24.33 -23.05
C ALA B 258 23.05 -24.35 -23.95
N GLY B 259 22.90 -23.76 -25.15
CA GLY B 259 23.94 -23.70 -26.14
C GLY B 259 25.14 -22.88 -25.67
N GLU B 260 26.31 -23.15 -26.27
CA GLU B 260 27.54 -22.43 -26.02
C GLU B 260 27.32 -20.93 -26.23
N GLN B 261 26.51 -20.59 -27.24
CA GLN B 261 26.11 -19.22 -27.52
C GLN B 261 25.31 -18.64 -26.36
N SER B 262 24.41 -19.46 -25.79
CA SER B 262 23.59 -19.07 -24.66
C SER B 262 24.47 -18.79 -23.44
N PHE B 263 25.46 -19.65 -23.22
CA PHE B 263 26.40 -19.51 -22.11
C PHE B 263 27.24 -18.25 -22.30
N ASP B 264 27.65 -17.96 -23.54
CA ASP B 264 28.43 -16.78 -23.86
C ASP B 264 27.61 -15.52 -23.59
N LYS B 265 26.32 -15.57 -23.95
CA LYS B 265 25.39 -14.46 -23.71
C LYS B 265 25.24 -14.23 -22.21
N LEU B 266 25.14 -15.32 -21.44
CA LEU B 266 25.02 -15.23 -19.99
C LEU B 266 26.27 -14.62 -19.39
N LEU B 267 27.45 -15.02 -19.90
CA LEU B 267 28.72 -14.49 -19.40
C LEU B 267 28.82 -12.99 -19.70
N LYS B 268 28.37 -12.58 -20.90
CA LYS B 268 28.37 -11.17 -21.29
C LYS B 268 27.45 -10.38 -20.38
N LYS B 269 26.27 -10.95 -20.07
CA LYS B 269 25.30 -10.31 -19.19
C LYS B 269 25.88 -10.12 -17.79
N LEU B 270 26.60 -11.13 -17.29
CA LEU B 270 27.22 -11.05 -15.97
C LEU B 270 28.34 -10.02 -15.97
N THR B 271 29.15 -9.99 -17.05
CA THR B 271 30.29 -9.10 -17.16
C THR B 271 29.86 -7.66 -17.45
N SER B 272 28.58 -7.46 -17.80
CA SER B 272 28.06 -6.12 -18.02
C SER B 272 28.25 -5.24 -16.79
N HIS B 273 28.29 -5.87 -15.61
CA HIS B 273 28.53 -5.19 -14.34
C HIS B 273 29.82 -5.69 -13.69
N LEU B 274 30.77 -6.20 -14.50
CA LEU B 274 32.01 -6.80 -14.03
C LEU B 274 32.83 -5.85 -13.15
N PRO B 275 33.09 -4.58 -13.55
CA PRO B 275 33.88 -3.67 -12.71
C PRO B 275 33.35 -3.50 -11.29
N LYS B 276 32.01 -3.49 -11.14
CA LYS B 276 31.39 -3.25 -9.85
C LYS B 276 31.18 -4.57 -9.11
N ALA B 277 30.71 -5.60 -9.82
CA ALA B 277 30.39 -6.89 -9.23
C ALA B 277 31.40 -7.93 -9.69
N ARG B 278 32.09 -8.55 -8.72
CA ARG B 278 33.15 -9.50 -9.00
C ARG B 278 32.81 -10.89 -8.47
N VAL B 279 32.14 -10.95 -7.32
CA VAL B 279 31.74 -12.21 -6.71
C VAL B 279 30.40 -12.64 -7.30
N VAL B 280 30.43 -13.71 -8.10
CA VAL B 280 29.23 -14.28 -8.68
C VAL B 280 28.87 -15.56 -7.92
N ALA B 281 27.75 -15.53 -7.21
CA ALA B 281 27.26 -16.71 -6.51
C ALA B 281 26.36 -17.50 -7.46
N CYS B 282 26.86 -18.69 -7.87
CA CYS B 282 26.02 -19.63 -8.60
C CYS B 282 25.46 -20.67 -7.63
N PHE B 283 24.14 -20.66 -7.43
CA PHE B 283 23.46 -21.82 -6.86
C PHE B 283 23.30 -22.85 -7.97
N CYS B 284 24.42 -23.45 -8.36
CA CYS B 284 24.62 -24.00 -9.69
C CYS B 284 24.80 -25.50 -9.62
N GLU B 285 24.32 -26.18 -10.67
CA GLU B 285 24.70 -27.55 -11.00
C GLU B 285 26.08 -27.53 -11.66
N GLY B 286 26.80 -28.65 -11.56
CA GLY B 286 28.14 -28.82 -12.12
C GLY B 286 28.20 -28.50 -13.62
N MET B 287 27.17 -28.92 -14.37
CA MET B 287 27.15 -28.69 -15.80
C MET B 287 27.02 -27.20 -16.11
N THR B 288 26.28 -26.46 -15.27
CA THR B 288 26.20 -25.01 -15.36
C THR B 288 27.59 -24.41 -15.16
N VAL B 289 28.35 -24.97 -14.21
CA VAL B 289 29.69 -24.50 -13.92
C VAL B 289 30.58 -24.69 -15.14
N ARG B 290 30.50 -25.87 -15.77
CA ARG B 290 31.30 -26.19 -16.95
C ARG B 290 30.92 -25.26 -18.10
N GLY B 291 29.62 -24.95 -18.23
CA GLY B 291 29.12 -24.02 -19.23
C GLY B 291 29.71 -22.62 -19.05
N LEU B 292 29.69 -22.14 -17.80
CA LEU B 292 30.25 -20.84 -17.46
C LEU B 292 31.75 -20.82 -17.71
N LEU B 293 32.42 -21.95 -17.52
CA LEU B 293 33.86 -22.02 -17.72
C LEU B 293 34.20 -22.03 -19.21
N MET B 294 33.40 -22.74 -20.01
CA MET B 294 33.45 -22.65 -21.46
C MET B 294 33.35 -21.19 -21.89
N ALA B 295 32.37 -20.48 -21.33
CA ALA B 295 32.10 -19.09 -21.67
C ALA B 295 33.27 -18.20 -21.26
N MET B 296 33.87 -18.46 -20.09
CA MET B 296 34.96 -17.66 -19.58
C MET B 296 36.22 -17.84 -20.43
N ARG B 297 36.48 -19.08 -20.88
CA ARG B 297 37.63 -19.34 -21.73
C ARG B 297 37.43 -18.68 -23.10
N ARG B 298 36.20 -18.74 -23.62
CA ARG B 298 35.87 -18.15 -24.92
C ARG B 298 36.04 -16.64 -24.86
N LEU B 299 35.42 -15.99 -23.88
CA LEU B 299 35.42 -14.54 -23.76
C LEU B 299 36.74 -14.03 -23.20
N GLY B 300 37.44 -14.87 -22.43
CA GLY B 300 38.70 -14.52 -21.80
C GLY B 300 38.56 -13.40 -20.77
N LEU B 301 37.42 -13.41 -20.06
CA LEU B 301 37.11 -12.39 -19.06
C LEU B 301 37.33 -12.95 -17.65
N ALA B 302 38.34 -13.81 -17.51
CA ALA B 302 38.66 -14.46 -16.24
C ALA B 302 39.22 -13.43 -15.25
N GLY B 303 39.56 -13.92 -14.05
CA GLY B 303 40.22 -13.11 -13.04
C GLY B 303 39.23 -12.43 -12.09
N GLU B 304 38.44 -11.51 -12.65
CA GLU B 304 37.49 -10.72 -11.85
C GLU B 304 36.31 -11.55 -11.40
N PHE B 305 35.95 -12.56 -12.22
CA PHE B 305 34.83 -13.44 -11.91
C PHE B 305 35.22 -14.41 -10.80
N LEU B 306 34.75 -14.10 -9.59
CA LEU B 306 34.91 -15.02 -8.47
C LEU B 306 33.71 -15.96 -8.43
N LEU B 307 33.97 -17.23 -8.77
CA LEU B 307 32.91 -18.22 -8.84
C LEU B 307 32.65 -18.80 -7.45
N LEU B 308 31.71 -18.18 -6.74
CA LEU B 308 31.22 -18.73 -5.49
C LEU B 308 30.08 -19.70 -5.79
N GLY B 309 30.36 -20.98 -5.62
CA GLY B 309 29.41 -22.03 -5.98
C GLY B 309 28.87 -22.77 -4.77
N SER B 310 27.60 -23.18 -4.86
CA SER B 310 26.98 -24.09 -3.91
C SER B 310 27.41 -25.52 -4.22
N ASP B 311 26.69 -26.50 -3.68
CA ASP B 311 27.06 -27.91 -3.80
C ASP B 311 26.90 -28.37 -5.25
N GLY B 312 27.64 -27.72 -6.15
CA GLY B 312 27.80 -28.14 -7.52
C GLY B 312 29.16 -28.79 -7.71
N TRP B 313 30.12 -27.99 -8.18
CA TRP B 313 31.51 -28.39 -8.25
C TRP B 313 32.12 -28.39 -6.84
N ALA B 314 31.62 -29.30 -6.00
CA ALA B 314 32.00 -29.34 -4.60
C ALA B 314 33.40 -29.93 -4.46
N ASP B 315 33.56 -31.19 -4.87
CA ASP B 315 34.87 -31.82 -4.98
C ASP B 315 35.02 -32.46 -6.36
N ARG B 316 33.98 -32.31 -7.19
CA ARG B 316 33.89 -32.94 -8.49
C ARG B 316 34.86 -32.25 -9.45
N TYR B 317 36.13 -32.70 -9.44
CA TYR B 317 37.16 -32.11 -10.29
C TYR B 317 36.84 -32.35 -11.76
N ASP B 318 36.03 -33.37 -12.05
CA ASP B 318 35.61 -33.68 -13.42
C ASP B 318 34.84 -32.52 -14.02
N VAL B 319 34.26 -31.67 -13.16
CA VAL B 319 33.57 -30.47 -13.58
C VAL B 319 34.58 -29.51 -14.21
N THR B 320 35.77 -29.41 -13.61
CA THR B 320 36.74 -28.38 -13.97
C THR B 320 38.02 -28.97 -14.55
N ASP B 321 38.02 -30.27 -14.89
CA ASP B 321 39.16 -30.87 -15.56
C ASP B 321 39.36 -30.20 -16.92
N GLY B 322 40.61 -29.81 -17.18
CA GLY B 322 40.98 -29.10 -18.40
C GLY B 322 40.88 -27.58 -18.27
N TYR B 323 40.15 -27.12 -17.23
CA TYR B 323 39.92 -25.70 -17.00
C TYR B 323 40.44 -25.28 -15.62
N GLN B 324 41.60 -25.83 -15.25
CA GLN B 324 42.21 -25.57 -13.95
C GLN B 324 42.50 -24.08 -13.80
N ARG B 325 43.06 -23.48 -14.86
CA ARG B 325 43.43 -22.06 -14.87
C ARG B 325 42.20 -21.17 -14.99
N GLU B 326 41.05 -21.75 -15.39
CA GLU B 326 39.88 -20.98 -15.77
C GLU B 326 39.23 -20.34 -14.54
N ALA B 327 39.01 -21.13 -13.48
CA ALA B 327 38.23 -20.69 -12.33
C ALA B 327 38.98 -20.95 -11.03
N VAL B 328 40.27 -20.60 -11.02
CA VAL B 328 41.07 -20.65 -9.81
C VAL B 328 40.51 -19.66 -8.79
N GLY B 329 40.60 -20.02 -7.51
CA GLY B 329 40.23 -19.13 -6.42
C GLY B 329 38.74 -19.17 -6.09
N GLY B 330 37.98 -20.03 -6.78
CA GLY B 330 36.56 -20.22 -6.54
C GLY B 330 36.30 -20.83 -5.16
N ILE B 331 35.10 -20.57 -4.63
CA ILE B 331 34.70 -21.06 -3.32
C ILE B 331 33.47 -21.94 -3.46
N THR B 332 33.53 -23.14 -2.84
CA THR B 332 32.47 -24.12 -2.90
C THR B 332 32.22 -24.68 -1.49
N ILE B 333 31.12 -25.43 -1.38
CA ILE B 333 30.68 -26.00 -0.11
C ILE B 333 30.41 -27.49 -0.29
N LYS B 334 30.77 -28.27 0.74
CA LYS B 334 30.40 -29.67 0.81
C LYS B 334 29.70 -29.95 2.15
N LEU B 335 28.88 -31.00 2.16
CA LEU B 335 28.40 -31.59 3.41
C LEU B 335 29.58 -32.25 4.11
N GLN B 336 29.64 -32.10 5.45
CA GLN B 336 30.66 -32.76 6.25
C GLN B 336 30.42 -34.26 6.23
N SER B 337 31.41 -35.01 5.72
CA SER B 337 31.29 -36.45 5.53
C SER B 337 32.44 -37.17 6.24
N PRO B 338 32.35 -37.39 7.58
CA PRO B 338 33.38 -38.15 8.29
C PRO B 338 33.45 -39.59 7.80
N ASP B 339 34.62 -39.97 7.29
CA ASP B 339 34.86 -41.33 6.80
C ASP B 339 34.72 -42.31 7.96
N VAL B 340 33.62 -43.07 7.93
CA VAL B 340 33.31 -43.99 9.03
C VAL B 340 34.05 -45.30 8.79
N LYS B 341 34.90 -45.67 9.76
CA LYS B 341 35.70 -46.89 9.68
C LYS B 341 34.87 -48.12 10.05
N TRP B 342 33.74 -47.91 10.73
CA TRP B 342 32.83 -49.00 11.09
C TRP B 342 32.46 -49.80 9.84
N PHE B 343 31.98 -49.09 8.82
CA PHE B 343 31.56 -49.69 7.57
C PHE B 343 32.76 -50.27 6.81
N ASP B 344 33.93 -49.61 6.94
CA ASP B 344 35.15 -50.08 6.29
C ASP B 344 35.51 -51.48 6.79
N ASP B 345 35.40 -51.70 8.10
CA ASP B 345 35.70 -53.00 8.69
C ASP B 345 34.58 -54.00 8.40
N TYR B 346 33.33 -53.54 8.45
CA TYR B 346 32.17 -54.41 8.28
C TYR B 346 32.01 -54.86 6.82
N TYR B 347 32.65 -54.14 5.89
CA TYR B 347 32.35 -54.28 4.47
C TYR B 347 33.49 -54.89 3.66
N LEU B 348 34.74 -54.61 4.04
CA LEU B 348 35.89 -55.08 3.29
C LEU B 348 36.08 -56.58 3.45
N LYS B 349 35.48 -57.17 4.49
CA LYS B 349 35.62 -58.59 4.79
C LYS B 349 34.39 -59.36 4.30
N LEU B 350 33.69 -58.81 3.30
CA LEU B 350 32.47 -59.42 2.79
C LEU B 350 32.75 -60.14 1.47
N ARG B 351 32.60 -61.46 1.51
CA ARG B 351 32.75 -62.31 0.34
C ARG B 351 31.36 -62.73 -0.15
N PRO B 352 31.16 -62.97 -1.47
CA PRO B 352 29.86 -63.36 -2.01
C PRO B 352 29.24 -64.59 -1.33
N GLU B 353 30.07 -65.57 -0.97
CA GLU B 353 29.58 -66.81 -0.40
C GLU B 353 29.10 -66.60 1.04
N THR B 354 29.83 -65.77 1.79
CA THR B 354 29.57 -65.56 3.22
C THR B 354 28.33 -64.69 3.39
N ASN B 355 28.22 -63.66 2.54
CA ASN B 355 27.17 -62.65 2.65
C ASN B 355 25.91 -63.16 1.96
N LEU B 356 25.21 -64.08 2.63
CA LEU B 356 24.03 -64.74 2.09
C LEU B 356 22.77 -63.92 2.32
N ARG B 357 22.78 -63.08 3.38
CA ARG B 357 21.62 -62.33 3.82
C ARG B 357 21.23 -61.27 2.79
N ASN B 358 22.23 -60.66 2.15
CA ASN B 358 21.98 -59.68 1.10
C ASN B 358 21.78 -60.42 -0.22
N PRO B 359 20.56 -60.36 -0.83
CA PRO B 359 20.26 -61.17 -2.01
C PRO B 359 21.00 -60.76 -3.29
N TRP B 360 20.99 -59.47 -3.61
CA TRP B 360 21.54 -59.00 -4.87
C TRP B 360 23.05 -58.74 -4.77
N PHE B 361 23.59 -58.78 -3.55
CA PHE B 361 25.02 -58.57 -3.35
C PHE B 361 25.84 -59.47 -4.28
N GLN B 362 25.49 -60.76 -4.30
CA GLN B 362 26.09 -61.74 -5.19
C GLN B 362 26.16 -61.20 -6.61
N GLU B 363 25.00 -60.76 -7.13
CA GLU B 363 24.89 -60.22 -8.48
C GLU B 363 25.86 -59.06 -8.64
N PHE B 364 25.87 -58.16 -7.65
CA PHE B 364 26.75 -57.01 -7.62
C PHE B 364 28.19 -57.43 -7.90
N TRP B 365 28.61 -58.55 -7.28
CA TRP B 365 29.96 -59.08 -7.43
C TRP B 365 30.29 -59.22 -8.92
N GLN B 366 29.42 -59.92 -9.66
CA GLN B 366 29.65 -60.19 -11.08
C GLN B 366 29.75 -58.88 -11.87
N HIS B 367 29.07 -57.83 -11.40
CA HIS B 367 29.12 -56.56 -12.09
C HIS B 367 30.31 -55.72 -11.61
N ARG B 368 30.72 -55.93 -10.35
CA ARG B 368 31.77 -55.13 -9.76
C ARG B 368 33.12 -55.45 -10.41
N PHE B 369 33.32 -56.72 -10.78
CA PHE B 369 34.60 -57.20 -11.27
C PHE B 369 34.52 -57.75 -12.70
N GLN B 370 33.34 -57.68 -13.32
CA GLN B 370 33.11 -58.14 -14.69
C GLN B 370 33.49 -59.61 -14.84
N CYS B 371 33.36 -60.38 -13.76
CA CYS B 371 33.64 -61.80 -13.76
C CYS B 371 32.35 -62.57 -13.46
N ARG B 372 32.15 -63.68 -14.18
CA ARG B 372 30.98 -64.53 -13.97
C ARG B 372 31.34 -65.65 -13.00
N LEU B 373 30.76 -65.59 -11.79
CA LEU B 373 30.94 -66.66 -10.82
C LEU B 373 29.97 -67.79 -11.14
N GLU B 374 30.45 -68.75 -11.95
CA GLU B 374 29.67 -69.88 -12.43
C GLU B 374 29.21 -70.75 -11.26
N GLY B 375 30.11 -70.93 -10.27
CA GLY B 375 29.84 -71.70 -9.06
C GLY B 375 28.66 -71.13 -8.27
N PHE B 376 28.61 -69.79 -8.19
CA PHE B 376 27.54 -69.09 -7.48
C PHE B 376 26.22 -69.27 -8.22
N PRO B 377 25.07 -69.35 -7.50
CA PRO B 377 23.76 -69.50 -8.14
C PRO B 377 23.43 -68.41 -9.15
N GLN B 378 23.88 -67.18 -8.86
CA GLN B 378 23.69 -66.04 -9.75
C GLN B 378 24.77 -66.05 -10.84
N GLU B 379 24.77 -67.13 -11.65
CA GLU B 379 25.74 -67.31 -12.71
C GLU B 379 25.29 -66.55 -13.95
N ASN B 380 25.50 -65.23 -13.91
CA ASN B 380 25.18 -64.33 -15.01
C ASN B 380 26.07 -64.64 -16.21
N SER B 381 25.45 -64.69 -17.39
CA SER B 381 26.12 -65.10 -18.62
C SER B 381 26.82 -63.93 -19.32
N LYS B 382 26.60 -62.71 -18.79
CA LYS B 382 27.11 -61.47 -19.37
C LYS B 382 28.63 -61.47 -19.37
N TYR B 383 29.22 -61.85 -18.22
CA TYR B 383 30.66 -61.84 -18.04
C TYR B 383 31.27 -63.12 -18.62
N ASN B 384 32.39 -62.95 -19.32
CA ASN B 384 33.07 -64.06 -19.98
C ASN B 384 33.91 -64.83 -18.97
N LYS B 385 34.87 -64.15 -18.36
CA LYS B 385 35.85 -64.74 -17.46
C LYS B 385 35.16 -65.18 -16.16
N THR B 386 35.83 -66.09 -15.43
CA THR B 386 35.36 -66.57 -14.13
C THR B 386 35.93 -65.69 -13.02
N CYS B 387 35.45 -65.90 -11.79
CA CYS B 387 35.89 -65.13 -10.63
C CYS B 387 36.92 -65.93 -9.84
N ASN B 388 38.14 -65.38 -9.76
CA ASN B 388 39.22 -65.96 -8.98
C ASN B 388 38.97 -65.71 -7.50
N SER B 389 39.25 -66.73 -6.67
CA SER B 389 39.07 -66.67 -5.22
C SER B 389 40.02 -65.64 -4.60
N SER B 390 41.14 -65.36 -5.28
CA SER B 390 42.15 -64.43 -4.81
C SER B 390 41.69 -62.98 -4.93
N LEU B 391 40.63 -62.74 -5.72
CA LEU B 391 40.16 -61.39 -6.03
C LEU B 391 39.38 -60.83 -4.85
N THR B 392 39.99 -59.83 -4.19
CA THR B 392 39.43 -59.18 -3.02
C THR B 392 38.70 -57.90 -3.43
N LEU B 393 38.17 -57.18 -2.43
CA LEU B 393 37.29 -56.04 -2.66
C LEU B 393 37.95 -54.72 -2.26
N LYS B 394 39.04 -54.79 -1.49
CA LYS B 394 39.72 -53.63 -0.92
C LYS B 394 40.25 -52.68 -2.00
N THR B 395 40.49 -53.22 -3.19
CA THR B 395 41.00 -52.44 -4.31
C THR B 395 39.94 -51.44 -4.77
N HIS B 396 40.37 -50.19 -4.99
CA HIS B 396 39.56 -49.10 -5.51
C HIS B 396 38.36 -48.82 -4.59
N HIS B 397 38.51 -49.11 -3.29
CA HIS B 397 37.42 -48.96 -2.34
C HIS B 397 37.23 -47.48 -1.96
N VAL B 398 36.14 -46.89 -2.46
CA VAL B 398 35.75 -45.55 -2.08
C VAL B 398 34.29 -45.62 -1.63
N GLN B 399 34.07 -45.34 -0.34
CA GLN B 399 32.73 -45.35 0.22
C GLN B 399 31.99 -44.08 -0.22
N ASP B 400 30.66 -44.11 -0.07
CA ASP B 400 29.79 -43.02 -0.48
C ASP B 400 30.05 -41.78 0.38
N SER B 401 29.70 -40.63 -0.18
CA SER B 401 29.93 -39.33 0.45
C SER B 401 28.84 -38.99 1.48
N LYS B 402 27.89 -39.90 1.68
CA LYS B 402 26.77 -39.64 2.60
C LYS B 402 26.59 -40.79 3.58
N MET B 403 27.69 -41.52 3.83
CA MET B 403 27.71 -42.68 4.71
C MET B 403 27.33 -42.29 6.13
N GLY B 404 27.95 -41.21 6.63
CA GLY B 404 27.68 -40.67 7.95
C GLY B 404 26.19 -40.37 8.13
N PHE B 405 25.58 -39.84 7.07
CA PHE B 405 24.18 -39.45 7.08
C PHE B 405 23.27 -40.66 7.22
N VAL B 406 23.60 -41.74 6.50
CA VAL B 406 22.81 -42.96 6.55
C VAL B 406 22.85 -43.52 7.97
N ILE B 407 24.06 -43.62 8.54
CA ILE B 407 24.24 -44.19 9.87
C ILE B 407 23.53 -43.31 10.90
N ASN B 408 23.61 -41.98 10.69
CA ASN B 408 22.97 -41.02 11.57
C ASN B 408 21.45 -41.18 11.56
N ALA B 409 20.88 -41.42 10.37
CA ALA B 409 19.45 -41.63 10.23
C ALA B 409 19.02 -42.89 10.97
N ILE B 410 19.82 -43.96 10.84
CA ILE B 410 19.49 -45.23 11.47
C ILE B 410 19.49 -45.06 12.99
N TYR B 411 20.56 -44.47 13.53
CA TYR B 411 20.65 -44.17 14.95
C TYR B 411 19.54 -43.21 15.39
N SER B 412 19.13 -42.31 14.50
CA SER B 412 18.08 -41.35 14.82
C SER B 412 16.77 -42.08 15.10
N MET B 413 16.42 -43.03 14.24
CA MET B 413 15.21 -43.82 14.42
C MET B 413 15.35 -44.71 15.65
N ALA B 414 16.54 -45.29 15.86
CA ALA B 414 16.78 -46.15 17.02
C ALA B 414 16.58 -45.38 18.32
N TYR B 415 17.10 -44.14 18.36
CA TYR B 415 16.99 -43.30 19.54
C TYR B 415 15.57 -42.78 19.74
N GLY B 416 14.85 -42.53 18.62
CA GLY B 416 13.44 -42.20 18.68
C GLY B 416 12.63 -43.30 19.36
N LEU B 417 12.87 -44.55 18.93
CA LEU B 417 12.20 -45.72 19.49
C LEU B 417 12.59 -45.87 20.95
N HIS B 418 13.87 -45.67 21.28
CA HIS B 418 14.36 -45.82 22.64
C HIS B 418 13.72 -44.78 23.56
N ASN B 419 13.63 -43.54 23.07
CA ASN B 419 13.06 -42.43 23.85
C ASN B 419 11.58 -42.68 24.12
N MET B 420 10.86 -43.13 23.08
CA MET B 420 9.44 -43.42 23.23
C MET B 420 9.22 -44.59 24.18
N GLN B 421 10.11 -45.60 24.10
CA GLN B 421 10.08 -46.75 24.99
C GLN B 421 10.24 -46.30 26.44
N MET B 422 11.23 -45.44 26.69
CA MET B 422 11.48 -44.92 28.03
C MET B 422 10.32 -44.06 28.51
N SER B 423 9.62 -43.40 27.58
CA SER B 423 8.50 -42.53 27.91
C SER B 423 7.25 -43.33 28.28
N LEU B 424 7.06 -44.51 27.65
CA LEU B 424 5.81 -45.23 27.78
C LEU B 424 5.98 -46.63 28.40
N CYS B 425 7.19 -47.21 28.31
CA CYS B 425 7.42 -48.55 28.81
C CYS B 425 8.62 -48.55 29.76
N PRO B 426 8.51 -47.96 30.98
CA PRO B 426 9.64 -47.95 31.92
C PRO B 426 9.69 -49.22 32.78
N GLY B 427 8.92 -50.23 32.39
CA GLY B 427 8.81 -51.49 33.11
C GLY B 427 9.65 -52.58 32.44
N TYR B 428 8.96 -53.45 31.68
CA TYR B 428 9.61 -54.57 31.00
C TYR B 428 10.66 -54.05 30.03
N ALA B 429 11.82 -54.72 30.04
CA ALA B 429 12.96 -54.39 29.21
C ALA B 429 12.64 -54.56 27.73
N GLY B 430 11.58 -55.32 27.43
CA GLY B 430 11.16 -55.55 26.05
C GLY B 430 10.00 -54.64 25.66
N LEU B 431 8.93 -55.26 25.15
CA LEU B 431 7.76 -54.55 24.67
C LEU B 431 6.69 -54.53 25.76
N CYS B 432 6.27 -53.32 26.16
CA CYS B 432 5.21 -53.17 27.13
C CYS B 432 3.84 -53.24 26.44
N ASP B 433 2.77 -53.03 27.22
CA ASP B 433 1.41 -53.09 26.72
C ASP B 433 1.14 -51.94 25.76
N ALA B 434 1.64 -50.75 26.10
CA ALA B 434 1.31 -49.52 25.40
C ALA B 434 2.18 -49.34 24.14
N MET B 435 2.81 -50.42 23.67
CA MET B 435 3.67 -50.35 22.50
C MET B 435 3.28 -51.39 21.45
N LYS B 436 2.58 -52.45 21.87
CA LYS B 436 2.20 -53.54 20.96
C LYS B 436 1.51 -53.00 19.71
N PRO B 437 0.45 -52.14 19.81
CA PRO B 437 -0.05 -51.43 18.63
C PRO B 437 0.67 -50.09 18.45
N ILE B 438 1.95 -50.17 18.07
CA ILE B 438 2.79 -49.00 17.88
C ILE B 438 2.17 -48.09 16.83
N ASP B 439 2.07 -46.80 17.18
CA ASP B 439 1.42 -45.80 16.35
C ASP B 439 2.42 -44.72 15.98
N GLY B 440 2.27 -44.18 14.77
CA GLY B 440 3.21 -43.25 14.17
C GLY B 440 3.21 -41.88 14.84
N ARG B 441 2.08 -41.50 15.44
CA ARG B 441 1.91 -40.18 16.05
C ARG B 441 2.91 -39.99 17.19
N LYS B 442 2.92 -40.96 18.11
CA LYS B 442 3.75 -40.90 19.30
C LYS B 442 5.22 -41.11 18.94
N LEU B 443 5.48 -41.96 17.94
CA LEU B 443 6.83 -42.17 17.47
C LEU B 443 7.39 -40.88 16.88
N LEU B 444 6.58 -40.16 16.10
CA LEU B 444 7.03 -38.89 15.55
C LEU B 444 7.22 -37.85 16.64
N GLU B 445 6.35 -37.88 17.67
CA GLU B 445 6.47 -36.96 18.79
C GLU B 445 7.80 -37.16 19.50
N SER B 446 8.20 -38.43 19.69
CA SER B 446 9.48 -38.77 20.28
C SER B 446 10.62 -38.32 19.38
N LEU B 447 10.48 -38.53 18.06
CA LEU B 447 11.50 -38.20 17.09
C LEU B 447 11.72 -36.68 16.98
N MET B 448 10.67 -35.89 17.24
CA MET B 448 10.83 -34.44 17.20
C MET B 448 11.72 -33.99 18.34
N LYS B 449 11.46 -34.51 19.55
CA LYS B 449 12.20 -34.15 20.74
C LYS B 449 13.26 -35.22 21.06
N THR B 450 14.17 -35.44 20.10
CA THR B 450 15.28 -36.35 20.29
C THR B 450 16.60 -35.66 19.93
N ALA B 451 17.66 -36.10 20.62
CA ALA B 451 19.02 -35.64 20.38
C ALA B 451 19.98 -36.69 20.93
N PHE B 452 21.16 -36.79 20.29
CA PHE B 452 22.19 -37.75 20.67
C PHE B 452 23.48 -37.43 19.92
N THR B 453 24.57 -38.06 20.34
CA THR B 453 25.86 -37.96 19.66
C THR B 453 25.88 -38.96 18.51
N GLY B 454 25.94 -38.44 17.29
CA GLY B 454 25.90 -39.26 16.09
C GLY B 454 27.23 -39.96 15.80
N VAL B 455 27.21 -40.85 14.81
CA VAL B 455 28.38 -41.60 14.39
C VAL B 455 29.44 -40.65 13.83
N SER B 456 28.99 -39.51 13.28
CA SER B 456 29.87 -38.49 12.73
C SER B 456 30.76 -37.89 13.82
N GLY B 457 30.21 -37.73 15.03
CA GLY B 457 30.96 -37.20 16.15
C GLY B 457 30.20 -36.13 16.93
N ASP B 458 29.39 -35.35 16.21
CA ASP B 458 28.63 -34.27 16.82
C ASP B 458 27.19 -34.72 17.09
N THR B 459 26.42 -33.82 17.70
CA THR B 459 25.04 -34.06 18.08
C THR B 459 24.12 -33.86 16.88
N ILE B 460 22.90 -34.43 16.98
CA ILE B 460 21.87 -34.27 15.98
C ILE B 460 20.61 -33.74 16.67
N LEU B 461 20.22 -32.52 16.31
CA LEU B 461 19.03 -31.89 16.84
C LEU B 461 17.99 -31.72 15.73
N PHE B 462 16.72 -31.95 16.09
CA PHE B 462 15.60 -31.76 15.18
C PHE B 462 14.76 -30.58 15.64
N ASP B 463 14.75 -29.52 14.83
CA ASP B 463 13.97 -28.32 15.13
C ASP B 463 12.50 -28.57 14.79
N GLU B 464 11.69 -27.50 14.80
CA GLU B 464 10.26 -27.55 14.58
C GLU B 464 9.92 -28.15 13.22
N ASN B 465 10.82 -27.97 12.24
CA ASN B 465 10.57 -28.36 10.86
C ASN B 465 11.24 -29.68 10.52
N GLY B 466 11.64 -30.46 11.54
CA GLY B 466 12.24 -31.77 11.34
C GLY B 466 13.48 -31.74 10.45
N ASP B 467 14.41 -30.82 10.75
CA ASP B 467 15.66 -30.67 10.02
C ASP B 467 16.82 -30.71 10.99
N SER B 468 17.88 -31.44 10.60
CA SER B 468 19.14 -31.42 11.34
C SER B 468 19.88 -30.13 11.04
N PRO B 469 20.71 -29.61 11.98
CA PRO B 469 21.47 -28.38 11.72
C PRO B 469 22.54 -28.60 10.66
N GLY B 470 22.89 -27.52 9.96
CA GLY B 470 23.88 -27.53 8.90
C GLY B 470 25.27 -27.90 9.42
N ARG B 471 26.04 -28.58 8.56
CA ARG B 471 27.40 -28.97 8.86
C ARG B 471 28.18 -29.06 7.55
N TYR B 472 28.88 -27.96 7.22
CA TYR B 472 29.47 -27.78 5.91
C TYR B 472 30.97 -27.54 6.01
N GLU B 473 31.69 -27.93 4.95
CA GLU B 473 33.10 -27.62 4.79
C GLU B 473 33.27 -26.71 3.57
N ILE B 474 33.89 -25.55 3.80
CA ILE B 474 34.18 -24.58 2.77
C ILE B 474 35.51 -24.97 2.11
N MET B 475 35.52 -25.01 0.78
CA MET B 475 36.73 -25.37 0.07
C MET B 475 37.00 -24.40 -1.08
N ASN B 476 38.29 -24.28 -1.41
CA ASN B 476 38.80 -23.38 -2.43
C ASN B 476 39.55 -24.19 -3.49
N PHE B 477 39.32 -23.82 -4.75
CA PHE B 477 40.04 -24.39 -5.86
C PHE B 477 41.32 -23.59 -6.10
N LYS B 478 42.37 -23.96 -5.35
CA LYS B 478 43.62 -23.21 -5.35
C LYS B 478 44.61 -23.85 -6.32
N GLU B 479 45.64 -23.07 -6.68
CA GLU B 479 46.68 -23.51 -7.60
C GLU B 479 47.93 -23.90 -6.83
N MET B 480 48.50 -25.05 -7.21
CA MET B 480 49.78 -25.50 -6.66
C MET B 480 50.93 -24.78 -7.39
N GLY B 481 52.15 -25.28 -7.19
CA GLY B 481 53.36 -24.73 -7.81
C GLY B 481 53.25 -24.72 -9.34
N LYS B 482 53.19 -25.92 -9.92
CA LYS B 482 52.99 -26.08 -11.35
C LYS B 482 51.49 -26.13 -11.65
N ASP B 483 51.14 -26.54 -12.87
CA ASP B 483 49.74 -26.66 -13.29
C ASP B 483 49.13 -27.90 -12.64
N TYR B 484 48.92 -27.80 -11.32
CA TYR B 484 48.39 -28.89 -10.51
C TYR B 484 47.37 -28.35 -9.51
N PHE B 485 46.51 -27.44 -9.97
CA PHE B 485 45.48 -26.83 -9.15
C PHE B 485 44.50 -27.89 -8.66
N ASP B 486 44.12 -27.79 -7.38
CA ASP B 486 43.22 -28.75 -6.74
C ASP B 486 42.40 -28.06 -5.65
N TYR B 487 41.47 -28.83 -5.06
CA TYR B 487 40.64 -28.35 -3.97
C TYR B 487 41.36 -28.50 -2.64
N ILE B 488 41.26 -27.46 -1.80
CA ILE B 488 41.78 -27.48 -0.45
C ILE B 488 40.73 -26.94 0.50
N ASN B 489 40.63 -27.58 1.68
CA ASN B 489 39.73 -27.14 2.73
C ASN B 489 40.22 -25.81 3.29
N VAL B 490 39.28 -24.89 3.52
CA VAL B 490 39.61 -23.56 4.00
C VAL B 490 38.72 -23.20 5.20
N GLY B 491 38.17 -24.22 5.86
CA GLY B 491 37.40 -24.02 7.07
C GLY B 491 36.04 -24.70 7.02
N SER B 492 35.24 -24.44 8.06
CA SER B 492 33.96 -25.11 8.25
C SER B 492 32.88 -24.09 8.61
N TRP B 493 31.62 -24.53 8.43
CA TRP B 493 30.43 -23.82 8.84
C TRP B 493 29.56 -24.80 9.62
N ASP B 494 29.07 -24.37 10.79
CA ASP B 494 28.36 -25.30 11.66
C ASP B 494 27.27 -24.56 12.44
N ASN B 495 26.01 -24.90 12.13
CA ASN B 495 24.85 -24.52 12.91
C ASN B 495 24.69 -23.00 13.03
N GLY B 496 25.52 -22.24 12.30
CA GLY B 496 25.50 -20.79 12.38
C GLY B 496 26.88 -20.17 12.57
N GLU B 497 27.74 -20.84 13.34
CA GLU B 497 29.10 -20.35 13.57
C GLU B 497 29.99 -20.74 12.40
N LEU B 498 30.62 -19.72 11.81
CA LEU B 498 31.53 -19.93 10.69
C LEU B 498 32.97 -19.81 11.19
N LYS B 499 33.74 -20.89 10.97
CA LYS B 499 35.15 -20.92 11.32
C LYS B 499 35.95 -21.11 10.03
N MET B 500 36.25 -19.98 9.38
CA MET B 500 36.97 -19.99 8.12
C MET B 500 38.44 -19.72 8.37
N ASP B 501 39.29 -20.15 7.43
CA ASP B 501 40.73 -19.92 7.48
C ASP B 501 41.09 -18.87 6.44
N ASP B 502 41.00 -17.59 6.84
CA ASP B 502 41.17 -16.46 5.94
C ASP B 502 42.59 -16.38 5.40
N ASP B 503 43.57 -16.69 6.27
CA ASP B 503 44.99 -16.64 5.94
C ASP B 503 45.31 -17.65 4.82
N GLU B 504 44.47 -18.68 4.68
CA GLU B 504 44.70 -19.74 3.71
C GLU B 504 44.42 -19.25 2.29
N VAL B 505 43.51 -18.27 2.17
CA VAL B 505 43.02 -17.84 0.87
C VAL B 505 43.65 -16.49 0.51
N TRP B 506 44.20 -16.43 -0.71
CA TRP B 506 44.94 -15.30 -1.28
C TRP B 506 46.36 -15.19 -0.72
N SER B 507 46.60 -15.84 0.44
CA SER B 507 47.88 -15.88 1.14
C SER B 507 48.42 -14.49 1.48
N LYS B 508 47.58 -13.46 1.26
CA LYS B 508 47.91 -12.06 1.52
C LYS B 508 46.62 -11.25 1.64
N LYS B 509 46.75 -9.94 1.81
CA LYS B 509 45.61 -9.04 1.97
C LYS B 509 45.19 -8.45 0.62
N SER B 510 45.49 -9.18 -0.46
CA SER B 510 45.21 -8.74 -1.82
C SER B 510 44.03 -9.52 -2.41
N ASN B 511 42.99 -9.71 -1.58
CA ASN B 511 41.81 -10.47 -1.96
C ASN B 511 41.03 -9.72 -3.05
N ILE B 512 39.95 -10.34 -3.53
CA ILE B 512 39.02 -9.68 -4.42
C ILE B 512 38.41 -8.49 -3.67
N ILE B 513 38.46 -7.32 -4.31
CA ILE B 513 37.96 -6.08 -3.72
C ILE B 513 36.48 -6.26 -3.38
N ARG B 514 36.03 -5.52 -2.36
CA ARG B 514 34.65 -5.57 -1.89
C ARG B 514 33.74 -5.08 -3.01
N SER B 515 33.07 -6.03 -3.67
CA SER B 515 32.15 -5.73 -4.76
C SER B 515 30.97 -4.92 -4.22
N VAL B 516 31.07 -3.60 -4.37
CA VAL B 516 30.08 -2.68 -3.82
C VAL B 516 29.80 -1.58 -4.85
N CYS B 517 28.56 -1.08 -4.81
CA CYS B 517 28.12 0.01 -5.67
C CYS B 517 28.30 1.35 -4.96
N SER B 518 28.71 1.31 -3.68
CA SER B 518 28.82 2.51 -2.86
C SER B 518 30.16 2.53 -2.14
N GLU B 519 31.09 3.35 -2.66
CA GLU B 519 32.33 3.67 -1.96
C GLU B 519 31.98 4.43 -0.67
N PRO B 520 32.72 4.25 0.44
CA PRO B 520 32.42 4.94 1.69
C PRO B 520 32.43 6.45 1.50
N CYS B 521 31.30 7.09 1.83
CA CYS B 521 31.11 8.52 1.63
C CYS B 521 32.00 9.32 2.58
N GLU B 522 32.34 10.54 2.16
CA GLU B 522 33.11 11.48 2.96
C GLU B 522 32.33 11.86 4.22
N LYS B 523 33.02 11.80 5.35
CA LYS B 523 32.44 12.02 6.68
C LYS B 523 31.97 13.46 6.87
N GLY B 524 32.43 14.36 5.98
CA GLY B 524 32.12 15.78 6.04
C GLY B 524 30.64 16.06 5.79
N GLN B 525 30.21 15.93 4.53
CA GLN B 525 28.83 16.25 4.15
C GLN B 525 28.30 15.31 3.08
N ILE B 526 29.09 14.32 2.66
CA ILE B 526 28.68 13.42 1.58
C ILE B 526 27.54 12.53 2.07
N LYS B 527 26.39 12.63 1.39
CA LYS B 527 25.20 11.88 1.75
C LYS B 527 24.87 10.88 0.64
N VAL B 528 24.32 9.73 1.03
CA VAL B 528 23.93 8.68 0.11
C VAL B 528 22.71 9.13 -0.71
N ILE B 529 22.54 8.53 -1.89
CA ILE B 529 21.41 8.80 -2.76
C ILE B 529 20.74 7.48 -3.12
N ARG B 530 19.69 7.56 -3.95
CA ARG B 530 18.97 6.40 -4.45
C ARG B 530 18.80 6.53 -5.97
N LYS B 531 19.65 5.79 -6.70
CA LYS B 531 19.68 5.82 -8.16
C LYS B 531 18.48 5.08 -8.74
N GLY B 532 17.82 4.25 -7.92
CA GLY B 532 16.63 3.50 -8.31
C GLY B 532 16.97 2.11 -8.87
N GLU B 533 18.27 1.82 -9.02
CA GLU B 533 18.74 0.56 -9.57
C GLU B 533 18.76 -0.51 -8.48
N VAL B 534 19.54 -0.25 -7.41
CA VAL B 534 19.67 -1.15 -6.29
C VAL B 534 19.53 -0.37 -4.98
N SER B 535 19.66 -1.08 -3.86
CA SER B 535 19.50 -0.52 -2.53
C SER B 535 20.86 -0.15 -1.91
N CYS B 536 21.93 -0.25 -2.71
CA CYS B 536 23.27 0.06 -2.23
C CYS B 536 24.09 0.77 -3.30
N CYS B 537 23.43 1.56 -4.16
CA CYS B 537 24.11 2.36 -5.16
C CYS B 537 24.08 3.83 -4.74
N TRP B 538 25.08 4.23 -3.94
CA TRP B 538 25.16 5.59 -3.44
C TRP B 538 25.99 6.45 -4.37
N THR B 539 25.50 7.69 -4.58
CA THR B 539 26.31 8.76 -5.14
C THR B 539 26.53 9.77 -4.02
N CYS B 540 27.73 9.77 -3.44
CA CYS B 540 28.04 10.49 -2.21
C CYS B 540 28.10 12.00 -2.49
N THR B 541 26.96 12.57 -2.87
CA THR B 541 26.85 14.01 -3.11
C THR B 541 26.87 14.73 -1.77
N PRO B 542 27.67 15.81 -1.61
CA PRO B 542 27.74 16.53 -0.34
C PRO B 542 26.44 17.27 -0.03
N CYS B 543 26.17 17.44 1.26
CA CYS B 543 25.05 18.23 1.73
C CYS B 543 25.37 19.71 1.58
N LYS B 544 24.33 20.55 1.71
CA LYS B 544 24.46 22.00 1.62
C LYS B 544 25.40 22.51 2.72
N GLU B 545 26.04 23.65 2.44
CA GLU B 545 26.99 24.29 3.34
C GLU B 545 26.37 24.55 4.71
N ASN B 546 25.05 24.75 4.74
CA ASN B 546 24.31 25.03 5.96
C ASN B 546 23.64 23.77 6.52
N GLU B 547 23.81 22.64 5.81
CA GLU B 547 23.15 21.39 6.19
C GLU B 547 24.06 20.55 7.09
N TYR B 548 23.44 19.58 7.77
CA TYR B 548 24.13 18.68 8.69
C TYR B 548 23.78 17.23 8.32
N VAL B 549 24.53 16.30 8.93
CA VAL B 549 24.34 14.88 8.70
C VAL B 549 23.20 14.38 9.59
N PHE B 550 21.97 14.46 9.05
CA PHE B 550 20.78 14.01 9.77
C PHE B 550 20.77 12.49 9.88
N ASP B 551 21.05 11.82 8.75
CA ASP B 551 21.05 10.37 8.66
C ASP B 551 22.09 9.94 7.63
N GLU B 552 22.36 8.63 7.58
CA GLU B 552 23.29 8.04 6.64
C GLU B 552 22.78 8.20 5.21
N TYR B 553 21.47 8.02 5.02
CA TYR B 553 20.83 8.05 3.71
C TYR B 553 19.97 9.31 3.55
N THR B 554 19.70 10.00 4.65
CA THR B 554 18.86 11.20 4.64
C THR B 554 19.64 12.39 5.19
N CYS B 555 19.48 13.54 4.54
CA CYS B 555 20.18 14.76 4.91
C CYS B 555 19.16 15.85 5.25
N LYS B 556 19.57 16.80 6.11
CA LYS B 556 18.74 17.91 6.53
C LYS B 556 19.61 19.10 6.95
N ALA B 557 18.99 20.28 6.98
CA ALA B 557 19.60 21.50 7.49
C ALA B 557 18.79 21.99 8.70
N CYS B 558 19.50 22.31 9.79
CA CYS B 558 18.86 22.65 11.05
C CYS B 558 18.28 24.07 11.00
N GLN B 559 17.83 24.55 12.16
CA GLN B 559 17.10 25.80 12.31
C GLN B 559 17.98 27.00 11.92
N LEU B 560 17.35 28.18 11.85
CA LEU B 560 18.01 29.42 11.47
C LEU B 560 19.04 29.81 12.53
N GLY B 561 20.12 30.45 12.07
CA GLY B 561 21.17 30.95 12.95
C GLY B 561 22.23 29.88 13.25
N SER B 562 21.77 28.65 13.53
CA SER B 562 22.67 27.54 13.84
C SER B 562 23.43 27.13 12.57
N TRP B 563 24.74 26.92 12.74
CA TRP B 563 25.64 26.58 11.64
C TRP B 563 26.33 25.27 11.96
N PRO B 564 26.55 24.37 10.97
CA PRO B 564 27.11 23.05 11.24
C PRO B 564 28.54 23.09 11.79
N THR B 565 28.93 21.99 12.44
CA THR B 565 30.25 21.83 13.04
C THR B 565 31.29 21.55 11.95
N ASP B 566 32.51 21.17 12.38
CA ASP B 566 33.62 20.87 11.49
C ASP B 566 33.28 19.71 10.56
N ASP B 567 32.75 18.62 11.15
CA ASP B 567 32.46 17.39 10.43
C ASP B 567 30.96 17.24 10.18
N LEU B 568 30.20 18.32 10.43
CA LEU B 568 28.74 18.40 10.28
C LEU B 568 28.05 17.28 11.06
N THR B 569 28.59 16.98 12.25
CA THR B 569 27.97 16.07 13.20
C THR B 569 26.61 16.61 13.63
N GLY B 570 26.56 17.93 13.90
CA GLY B 570 25.34 18.64 14.23
C GLY B 570 25.41 20.08 13.74
N CYS B 571 24.91 21.00 14.59
CA CYS B 571 25.06 22.43 14.38
C CYS B 571 25.01 23.15 15.72
N ASP B 572 25.56 24.38 15.76
CA ASP B 572 25.61 25.18 16.97
C ASP B 572 25.30 26.63 16.62
N LEU B 573 24.79 27.38 17.62
CA LEU B 573 24.37 28.76 17.44
C LEU B 573 25.59 29.68 17.52
N ILE B 574 25.78 30.47 16.45
CA ILE B 574 26.89 31.40 16.34
C ILE B 574 26.69 32.54 17.33
N PRO B 575 27.76 33.10 17.94
CA PRO B 575 27.63 34.24 18.84
C PRO B 575 27.13 35.49 18.10
N VAL B 576 26.37 36.31 18.83
CA VAL B 576 25.78 37.53 18.29
C VAL B 576 26.84 38.61 18.20
N GLN B 577 26.54 39.69 17.46
CA GLN B 577 27.44 40.82 17.30
C GLN B 577 27.59 41.57 18.61
N TYR B 578 28.74 42.26 18.75
CA TYR B 578 29.12 42.95 19.97
C TYR B 578 28.89 44.46 19.84
N LEU B 579 29.22 45.02 18.66
CA LEU B 579 28.98 46.41 18.29
C LEU B 579 29.64 47.40 19.25
N ARG B 580 30.80 47.01 19.78
CA ARG B 580 31.72 47.92 20.43
C ARG B 580 33.13 47.54 20.01
N TRP B 581 33.57 48.11 18.88
CA TRP B 581 34.74 47.63 18.15
C TRP B 581 35.67 48.78 17.81
N GLY B 582 36.93 48.44 17.53
CA GLY B 582 37.93 49.38 17.04
C GLY B 582 37.91 49.51 15.52
N ASP B 583 36.79 49.08 14.91
CA ASP B 583 36.58 49.17 13.48
C ASP B 583 36.69 50.64 13.04
N PRO B 584 37.31 50.93 11.87
CA PRO B 584 37.54 52.31 11.42
C PRO B 584 36.31 53.22 11.42
N GLU B 585 35.16 52.69 11.01
CA GLU B 585 33.94 53.48 10.91
C GLU B 585 33.40 53.83 12.30
N PRO B 586 33.21 52.86 13.24
CA PRO B 586 32.84 53.18 14.61
C PRO B 586 33.79 54.16 15.30
N ILE B 587 35.09 53.98 15.10
CA ILE B 587 36.08 54.85 15.74
C ILE B 587 36.04 56.25 15.13
N ALA B 588 35.77 56.35 13.81
CA ALA B 588 35.61 57.62 13.15
C ALA B 588 34.40 58.36 13.72
N ALA B 589 33.30 57.63 13.94
CA ALA B 589 32.10 58.18 14.54
C ALA B 589 32.38 58.68 15.95
N VAL B 590 33.16 57.90 16.73
CA VAL B 590 33.50 58.25 18.10
C VAL B 590 34.34 59.52 18.12
N VAL B 591 35.30 59.62 17.19
CA VAL B 591 36.19 60.77 17.09
C VAL B 591 35.37 62.02 16.75
N PHE B 592 34.45 61.89 15.78
CA PHE B 592 33.59 62.98 15.36
C PHE B 592 32.73 63.45 16.53
N ALA B 593 32.17 62.50 17.29
CA ALA B 593 31.32 62.80 18.43
C ALA B 593 32.10 63.52 19.52
N CYS B 594 33.34 63.08 19.78
CA CYS B 594 34.19 63.70 20.79
C CYS B 594 34.54 65.13 20.40
N LEU B 595 34.88 65.34 19.11
CA LEU B 595 35.21 66.66 18.60
C LEU B 595 33.99 67.58 18.73
N GLY B 596 32.81 67.05 18.39
CA GLY B 596 31.55 67.77 18.48
C GLY B 596 31.24 68.18 19.92
N LEU B 597 31.48 67.25 20.86
CA LEU B 597 31.24 67.50 22.28
C LEU B 597 32.17 68.61 22.78
N LEU B 598 33.44 68.56 22.38
CA LEU B 598 34.41 69.57 22.81
C LEU B 598 34.00 70.95 22.27
N ALA B 599 33.61 71.00 20.98
CA ALA B 599 33.21 72.24 20.34
C ALA B 599 31.95 72.81 21.00
N THR B 600 30.97 71.93 21.27
CA THR B 600 29.71 72.30 21.89
C THR B 600 29.94 72.87 23.28
N LEU B 601 30.81 72.20 24.06
CA LEU B 601 31.10 72.62 25.42
C LEU B 601 31.77 73.99 25.41
N PHE B 602 32.73 74.19 24.48
CA PHE B 602 33.45 75.44 24.37
C PHE B 602 32.48 76.58 24.04
N VAL B 603 31.64 76.37 23.02
CA VAL B 603 30.73 77.41 22.56
C VAL B 603 29.66 77.69 23.62
N THR B 604 29.24 76.64 24.36
CA THR B 604 28.25 76.78 25.42
C THR B 604 28.81 77.67 26.53
N VAL B 605 30.06 77.41 26.93
CA VAL B 605 30.73 78.17 27.97
C VAL B 605 30.87 79.63 27.53
N VAL B 606 31.32 79.84 26.29
CA VAL B 606 31.56 81.17 25.75
C VAL B 606 30.27 81.97 25.72
N PHE B 607 29.18 81.33 25.27
CA PHE B 607 27.88 81.98 25.14
C PHE B 607 27.23 82.23 26.50
N ILE B 608 27.50 81.36 27.48
CA ILE B 608 26.98 81.53 28.84
C ILE B 608 27.64 82.74 29.49
N ILE B 609 28.97 82.85 29.34
CA ILE B 609 29.74 83.94 29.92
C ILE B 609 29.31 85.25 29.25
N TYR B 610 29.53 85.34 27.93
CA TYR B 610 29.19 86.54 27.18
C TYR B 610 27.75 86.46 26.70
N ARG B 611 26.83 86.85 27.58
CA ARG B 611 25.40 86.74 27.33
C ARG B 611 24.76 88.11 27.07
N ASP B 612 25.59 89.11 26.70
CA ASP B 612 25.12 90.47 26.51
C ASP B 612 25.73 91.15 25.28
N THR B 613 26.68 90.46 24.63
CA THR B 613 27.38 91.01 23.48
C THR B 613 26.43 91.17 22.29
N PRO B 614 26.64 92.17 21.40
CA PRO B 614 25.78 92.37 20.23
C PRO B 614 25.67 91.14 19.32
N VAL B 615 26.78 90.40 19.17
CA VAL B 615 26.81 89.18 18.37
C VAL B 615 25.88 88.13 18.98
N VAL B 616 25.95 87.98 20.31
CA VAL B 616 25.07 87.07 21.03
C VAL B 616 23.64 87.64 21.04
N LYS B 617 23.52 88.95 21.22
CA LYS B 617 22.23 89.65 21.24
C LYS B 617 21.55 89.57 19.87
N SER B 618 22.34 89.36 18.80
CA SER B 618 21.83 89.24 17.45
C SER B 618 20.83 88.09 17.34
N SER B 619 21.09 87.00 18.08
CA SER B 619 20.21 85.84 18.17
C SER B 619 19.50 85.84 19.51
N SER B 620 18.54 84.92 19.67
CA SER B 620 17.80 84.75 20.92
C SER B 620 18.76 84.30 22.02
N ARG B 621 18.95 85.16 23.03
CA ARG B 621 19.90 84.91 24.10
C ARG B 621 19.33 83.94 25.14
N GLU B 622 18.16 83.36 24.85
CA GLU B 622 17.51 82.44 25.79
C GLU B 622 17.22 81.09 25.15
N LEU B 623 16.88 81.09 23.85
CA LEU B 623 16.44 79.89 23.16
C LEU B 623 17.63 79.05 22.68
N CYS B 624 18.83 79.63 22.67
CA CYS B 624 20.03 78.95 22.20
C CYS B 624 20.44 77.82 23.15
N TYR B 625 20.01 77.88 24.41
CA TYR B 625 20.29 76.84 25.38
C TYR B 625 19.60 75.54 24.99
N ILE B 626 18.38 75.66 24.43
CA ILE B 626 17.63 74.52 23.92
C ILE B 626 18.41 73.89 22.77
N ILE B 627 18.95 74.72 21.87
CA ILE B 627 19.76 74.27 20.74
C ILE B 627 20.97 73.48 21.26
N LEU B 628 21.66 74.04 22.26
CA LEU B 628 22.88 73.45 22.79
C LEU B 628 22.58 72.10 23.44
N ALA B 629 21.48 72.03 24.21
CA ALA B 629 21.09 70.79 24.88
C ALA B 629 20.73 69.72 23.86
N GLY B 630 19.98 70.12 22.82
CA GLY B 630 19.62 69.23 21.73
C GLY B 630 20.85 68.67 21.01
N ILE B 631 21.81 69.55 20.73
CA ILE B 631 23.04 69.18 20.02
C ILE B 631 23.85 68.20 20.86
N CYS B 632 23.97 68.46 22.16
CA CYS B 632 24.76 67.63 23.04
C CYS B 632 24.11 66.24 23.18
N LEU B 633 22.78 66.21 23.29
CA LEU B 633 22.06 64.95 23.39
C LEU B 633 22.20 64.14 22.10
N GLY B 634 22.14 64.84 20.95
CA GLY B 634 22.37 64.22 19.65
C GLY B 634 23.75 63.59 19.53
N TYR B 635 24.77 64.30 20.06
CA TYR B 635 26.13 63.79 20.06
C TYR B 635 26.24 62.54 20.94
N LEU B 636 25.63 62.57 22.12
CA LEU B 636 25.65 61.44 23.05
C LEU B 636 24.87 60.25 22.49
N CYS B 637 23.96 60.50 21.53
CA CYS B 637 23.23 59.44 20.87
C CYS B 637 24.18 58.48 20.15
N THR B 638 25.26 59.03 19.57
CA THR B 638 26.27 58.24 18.85
C THR B 638 26.89 57.21 19.79
N PHE B 639 27.27 57.66 20.99
CA PHE B 639 27.81 56.79 22.03
C PHE B 639 26.74 55.82 22.53
N CYS B 640 25.47 56.25 22.54
CA CYS B 640 24.37 55.42 23.00
C CYS B 640 24.22 54.19 22.10
N LEU B 641 24.28 54.40 20.77
CA LEU B 641 24.08 53.32 19.81
C LEU B 641 25.23 52.32 19.88
N ILE B 642 26.47 52.83 20.00
CA ILE B 642 27.65 51.98 19.95
C ILE B 642 27.95 51.45 21.35
N ALA B 643 27.32 50.31 21.67
CA ALA B 643 27.50 49.58 22.91
C ALA B 643 26.83 48.20 22.77
N LYS B 644 26.82 47.44 23.89
CA LYS B 644 26.07 46.21 23.97
C LYS B 644 24.58 46.55 23.94
N PRO B 645 23.81 46.02 22.95
CA PRO B 645 22.40 46.39 22.79
C PRO B 645 21.49 45.77 23.84
N LYS B 646 21.56 46.30 25.06
CA LYS B 646 20.78 45.85 26.19
C LYS B 646 19.33 46.34 26.03
N GLN B 647 18.43 45.76 26.82
CA GLN B 647 17.02 46.15 26.83
C GLN B 647 16.89 47.62 27.24
N ILE B 648 17.60 47.99 28.32
CA ILE B 648 17.65 49.37 28.80
C ILE B 648 18.26 50.27 27.73
N TYR B 649 19.30 49.79 27.05
CA TYR B 649 19.93 50.52 25.96
C TYR B 649 18.99 50.57 24.76
N CYS B 650 18.22 49.51 24.54
CA CYS B 650 17.19 49.49 23.50
C CYS B 650 16.17 50.60 23.74
N TYR B 651 15.86 50.87 25.02
CA TYR B 651 15.01 52.00 25.38
C TYR B 651 15.73 53.32 25.08
N LEU B 652 16.91 53.50 25.68
CA LEU B 652 17.58 54.80 25.76
C LEU B 652 17.98 55.31 24.38
N GLN B 653 18.43 54.40 23.51
CA GLN B 653 18.92 54.74 22.18
C GLN B 653 17.79 55.38 21.36
N ARG B 654 16.63 54.71 21.32
CA ARG B 654 15.47 55.19 20.59
C ARG B 654 14.98 56.50 21.20
N ILE B 655 14.99 56.57 22.55
CA ILE B 655 14.54 57.76 23.27
C ILE B 655 15.36 58.96 22.81
N GLY B 656 16.70 58.81 22.81
CA GLY B 656 17.62 59.87 22.45
C GLY B 656 17.47 60.29 21.00
N ILE B 657 17.47 59.31 20.10
CA ILE B 657 17.45 59.56 18.66
C ILE B 657 16.10 60.16 18.25
N GLY B 658 15.08 59.94 19.08
CA GLY B 658 13.78 60.56 18.87
C GLY B 658 13.75 62.00 19.37
N LEU B 659 14.25 62.22 20.59
CA LEU B 659 14.06 63.48 21.30
C LEU B 659 15.00 64.56 20.75
N SER B 660 16.30 64.27 20.71
CA SER B 660 17.32 65.28 20.43
C SER B 660 17.09 65.99 19.09
N PRO B 661 16.90 65.30 17.94
CA PRO B 661 16.66 65.98 16.68
C PRO B 661 15.35 66.77 16.68
N ALA B 662 14.31 66.18 17.28
CA ALA B 662 13.00 66.83 17.36
C ALA B 662 13.11 68.13 18.16
N MET B 663 13.83 68.09 19.29
CA MET B 663 14.02 69.23 20.17
C MET B 663 14.78 70.34 19.44
N SER B 664 15.89 69.96 18.78
CA SER B 664 16.73 70.91 18.06
C SER B 664 15.93 71.61 16.96
N TYR B 665 15.19 70.82 16.17
CA TYR B 665 14.44 71.36 15.04
C TYR B 665 13.20 72.12 15.49
N SER B 666 12.66 71.78 16.67
CA SER B 666 11.56 72.53 17.26
C SER B 666 12.02 73.93 17.63
N ALA B 667 13.21 74.02 18.25
CA ALA B 667 13.80 75.31 18.56
C ALA B 667 14.08 76.08 17.27
N LEU B 668 14.54 75.37 16.22
CA LEU B 668 14.85 75.98 14.93
C LEU B 668 13.59 76.56 14.30
N VAL B 669 12.47 75.82 14.36
CA VAL B 669 11.23 76.25 13.75
C VAL B 669 10.65 77.44 14.52
N THR B 670 10.82 77.45 15.85
CA THR B 670 10.38 78.58 16.65
C THR B 670 11.19 79.82 16.27
N LYS B 671 12.50 79.67 16.08
CA LYS B 671 13.37 80.76 15.69
C LYS B 671 12.98 81.31 14.32
N THR B 672 12.67 80.40 13.38
CA THR B 672 12.29 80.78 12.03
C THR B 672 10.95 81.52 12.03
N ASN B 673 10.02 81.07 12.89
CA ASN B 673 8.73 81.73 13.07
C ASN B 673 8.93 83.13 13.64
N ARG B 674 9.87 83.28 14.58
CA ARG B 674 10.19 84.57 15.16
C ARG B 674 10.73 85.51 14.08
N ILE B 675 11.61 84.99 13.21
CA ILE B 675 12.18 85.75 12.10
C ILE B 675 11.07 86.16 11.13
N ALA B 676 10.13 85.24 10.85
CA ALA B 676 9.00 85.52 9.98
C ALA B 676 8.12 86.63 10.54
N ARG B 677 7.92 86.62 11.86
CA ARG B 677 7.20 87.68 12.55
C ARG B 677 7.96 89.01 12.43
N ILE B 678 9.30 88.94 12.44
CA ILE B 678 10.14 90.11 12.27
C ILE B 678 10.02 90.61 10.82
N LEU B 679 10.24 89.71 9.85
CA LEU B 679 10.20 90.06 8.44
C LEU B 679 9.10 89.23 7.75
N ALA B 696 10.57 86.51 26.59
CA ALA B 696 9.92 85.63 25.59
C ALA B 696 9.41 84.35 26.26
N CYS B 697 8.25 84.49 26.91
CA CYS B 697 7.61 83.40 27.63
C CYS B 697 6.48 82.78 26.81
N ALA B 698 6.68 82.74 25.47
CA ALA B 698 5.68 82.24 24.54
C ALA B 698 6.18 80.97 23.85
N GLN B 699 7.36 81.07 23.22
CA GLN B 699 7.88 80.03 22.34
C GLN B 699 8.42 78.85 23.15
N LEU B 700 8.69 79.06 24.45
CA LEU B 700 9.19 78.00 25.33
C LEU B 700 8.16 76.89 25.44
N VAL B 701 6.88 77.27 25.61
CA VAL B 701 5.79 76.32 25.75
C VAL B 701 5.58 75.58 24.42
N ILE B 702 5.74 76.30 23.30
CA ILE B 702 5.61 75.72 21.97
C ILE B 702 6.69 74.64 21.79
N ALA B 703 7.93 74.95 22.18
CA ALA B 703 9.04 74.02 22.07
C ALA B 703 8.81 72.80 22.94
N PHE B 704 8.31 73.02 24.16
CA PHE B 704 8.04 71.94 25.11
C PHE B 704 6.99 70.99 24.55
N ILE B 705 5.92 71.56 23.97
CA ILE B 705 4.84 70.80 23.38
C ILE B 705 5.37 69.98 22.19
N LEU B 706 6.21 70.60 21.35
CA LEU B 706 6.76 69.93 20.19
C LEU B 706 7.65 68.75 20.60
N ILE B 707 8.43 68.92 21.69
CA ILE B 707 9.26 67.86 22.21
C ILE B 707 8.38 66.72 22.73
N CYS B 708 7.31 67.07 23.46
CA CYS B 708 6.40 66.11 24.04
C CYS B 708 5.66 65.33 22.95
N ILE B 709 5.50 65.92 21.75
CA ILE B 709 4.88 65.24 20.63
C ILE B 709 5.70 64.00 20.26
N GLN B 710 7.02 64.18 20.08
CA GLN B 710 7.90 63.08 19.72
C GLN B 710 8.07 62.11 20.88
N LEU B 711 8.03 62.63 22.12
CA LEU B 711 8.09 61.76 23.30
C LEU B 711 6.88 60.81 23.31
N GLY B 712 5.70 61.37 23.02
CA GLY B 712 4.47 60.60 22.88
C GLY B 712 4.53 59.60 21.72
N ILE B 713 5.21 59.99 20.63
CA ILE B 713 5.43 59.12 19.48
C ILE B 713 6.23 57.89 19.92
N ILE B 714 7.30 58.13 20.69
CA ILE B 714 8.17 57.08 21.20
C ILE B 714 7.37 56.15 22.13
N VAL B 715 6.54 56.74 22.99
CA VAL B 715 5.73 55.99 23.95
C VAL B 715 4.74 55.10 23.20
N ALA B 716 4.10 55.65 22.15
CA ALA B 716 3.14 54.92 21.34
C ALA B 716 3.82 53.77 20.59
N LEU B 717 5.05 54.01 20.10
CA LEU B 717 5.82 52.98 19.42
C LEU B 717 6.21 51.86 20.40
N PHE B 718 6.49 52.23 21.66
CA PHE B 718 6.75 51.25 22.71
C PHE B 718 5.51 50.40 22.97
N ILE B 719 4.33 51.04 23.00
CA ILE B 719 3.08 50.36 23.29
C ILE B 719 2.76 49.38 22.15
N MET B 720 2.91 49.84 20.91
CA MET B 720 2.56 49.06 19.73
C MET B 720 3.50 47.86 19.60
N GLU B 721 4.81 48.13 19.55
CA GLU B 721 5.82 47.09 19.42
C GLU B 721 6.81 47.22 20.58
N PRO B 722 6.54 46.55 21.73
CA PRO B 722 7.45 46.62 22.88
C PRO B 722 8.86 46.13 22.51
N PRO B 723 9.93 46.84 22.94
CA PRO B 723 11.30 46.47 22.60
C PRO B 723 11.70 45.13 23.22
N ASP B 724 12.49 44.37 22.46
CA ASP B 724 13.12 43.13 22.92
C ASP B 724 14.40 42.88 22.14
N ILE B 725 15.33 42.16 22.76
CA ILE B 725 16.65 41.93 22.21
C ILE B 725 16.54 40.91 21.07
N MET B 726 16.66 41.41 19.83
CA MET B 726 16.50 40.58 18.64
C MET B 726 17.85 40.04 18.19
N HIS B 727 17.87 38.72 17.94
CA HIS B 727 18.94 38.06 17.23
C HIS B 727 18.72 38.24 15.72
N ASP B 728 19.18 39.39 15.22
CA ASP B 728 19.02 39.74 13.81
C ASP B 728 19.86 38.80 12.94
N TYR B 729 19.26 38.35 11.84
CA TYR B 729 19.89 37.39 10.94
C TYR B 729 19.94 37.97 9.53
N PRO B 730 20.99 38.77 9.19
CA PRO B 730 21.17 39.25 7.81
C PRO B 730 21.30 38.08 6.83
N SER B 731 22.00 37.03 7.28
CA SER B 731 22.03 35.74 6.61
C SER B 731 21.83 34.63 7.65
N ILE B 732 21.87 33.37 7.20
CA ILE B 732 21.71 32.23 8.08
C ILE B 732 23.04 31.87 8.74
N ARG B 733 24.15 32.30 8.12
CA ARG B 733 25.49 32.05 8.63
C ARG B 733 26.03 33.27 9.38
N GLU B 734 25.21 34.31 9.53
CA GLU B 734 25.59 35.52 10.25
C GLU B 734 24.54 35.85 11.30
N VAL B 735 24.99 36.05 12.55
CA VAL B 735 24.11 36.37 13.66
C VAL B 735 24.58 37.66 14.31
N TYR B 736 23.72 38.68 14.26
CA TYR B 736 23.96 39.97 14.90
C TYR B 736 22.92 40.18 16.00
N LEU B 737 23.19 41.18 16.86
CA LEU B 737 22.29 41.52 17.95
C LEU B 737 21.81 42.95 17.78
N ILE B 738 20.53 43.12 17.41
CA ILE B 738 19.93 44.42 17.23
C ILE B 738 18.61 44.46 17.99
N CYS B 739 18.15 45.67 18.36
CA CYS B 739 16.83 45.87 18.93
C CYS B 739 15.77 45.58 17.86
N ASN B 740 14.48 45.68 18.23
CA ASN B 740 13.39 45.35 17.33
C ASN B 740 12.88 46.59 16.59
N THR B 741 13.77 47.56 16.34
CA THR B 741 13.42 48.75 15.59
C THR B 741 13.19 48.38 14.12
N THR B 742 11.91 48.29 13.74
CA THR B 742 11.53 47.94 12.38
C THR B 742 11.53 49.19 11.51
N ASN B 743 10.99 49.07 10.29
CA ASN B 743 10.89 50.18 9.34
C ASN B 743 10.04 51.30 9.92
N LEU B 744 8.90 50.95 10.53
CA LEU B 744 8.00 51.93 11.12
C LEU B 744 8.70 52.67 12.26
N GLY B 745 9.42 51.90 13.10
CA GLY B 745 10.09 52.41 14.28
C GLY B 745 11.21 53.41 13.98
N VAL B 746 11.68 53.42 12.73
CA VAL B 746 12.72 54.34 12.31
C VAL B 746 12.13 55.48 11.47
N VAL B 747 11.10 55.17 10.67
CA VAL B 747 10.50 56.15 9.76
C VAL B 747 9.73 57.20 10.56
N ALA B 748 8.99 56.75 11.59
CA ALA B 748 8.11 57.63 12.35
C ALA B 748 8.88 58.81 12.97
N PRO B 749 9.98 58.58 13.75
CA PRO B 749 10.84 59.69 14.17
C PRO B 749 11.41 60.48 13.00
N LEU B 750 11.83 59.77 11.94
CA LEU B 750 12.34 60.40 10.73
C LEU B 750 11.24 61.20 10.04
N GLY B 751 10.00 60.69 10.09
CA GLY B 751 8.84 61.37 9.52
C GLY B 751 8.59 62.70 10.20
N TYR B 752 8.60 62.69 11.55
CA TYR B 752 8.37 63.89 12.34
C TYR B 752 9.50 64.89 12.13
N ASN B 753 10.74 64.39 12.10
CA ASN B 753 11.92 65.21 11.86
C ASN B 753 11.83 65.87 10.49
N GLY B 754 11.41 65.11 9.48
CA GLY B 754 11.21 65.59 8.12
C GLY B 754 10.14 66.69 8.05
N LEU B 755 9.05 66.50 8.81
CA LEU B 755 7.98 67.49 8.88
C LEU B 755 8.52 68.81 9.43
N LEU B 756 9.29 68.74 10.52
CA LEU B 756 9.86 69.93 11.14
C LEU B 756 10.87 70.58 10.20
N ILE B 757 11.65 69.76 9.46
CA ILE B 757 12.67 70.25 8.55
C ILE B 757 12.01 70.99 7.39
N LEU B 758 10.91 70.44 6.85
CA LEU B 758 10.18 71.08 5.77
C LEU B 758 9.57 72.40 6.25
N ALA B 759 9.08 72.44 7.49
CA ALA B 759 8.56 73.66 8.09
C ALA B 759 9.66 74.72 8.17
N CYS B 760 10.85 74.31 8.62
CA CYS B 760 12.00 75.20 8.74
C CYS B 760 12.42 75.71 7.36
N THR B 761 12.40 74.82 6.36
CA THR B 761 12.76 75.16 4.99
C THR B 761 11.81 76.23 4.45
N PHE B 762 10.51 76.03 4.68
CA PHE B 762 9.48 76.95 4.20
C PHE B 762 9.63 78.33 4.86
N TYR B 763 9.91 78.34 6.17
CA TYR B 763 9.98 79.57 6.92
C TYR B 763 11.32 80.28 6.79
N ALA B 764 12.34 79.60 6.22
CA ALA B 764 13.66 80.19 6.08
C ALA B 764 14.00 80.56 4.64
N PHE B 765 13.36 79.88 3.66
CA PHE B 765 13.54 80.20 2.26
C PHE B 765 13.00 81.60 1.95
N LYS B 766 12.05 82.08 2.77
CA LYS B 766 11.50 83.41 2.65
C LYS B 766 12.57 84.45 2.96
N THR B 767 13.53 84.09 3.82
CA THR B 767 14.59 85.00 4.25
C THR B 767 15.96 84.49 3.79
N ARG B 768 16.04 84.04 2.53
CA ARG B 768 17.25 83.45 1.97
C ARG B 768 18.34 84.50 1.73
N ASN B 769 17.94 85.77 1.65
CA ASN B 769 18.82 86.84 1.21
C ASN B 769 18.80 88.00 2.21
N VAL B 770 18.93 87.66 3.49
CA VAL B 770 19.00 88.66 4.54
C VAL B 770 20.42 88.74 5.06
N PRO B 771 21.19 89.79 4.67
CA PRO B 771 22.57 89.94 5.14
C PRO B 771 22.71 90.57 6.53
N ALA B 772 21.60 90.64 7.28
CA ALA B 772 21.58 91.25 8.60
C ALA B 772 22.47 90.47 9.56
N ASN B 773 23.08 91.20 10.51
CA ASN B 773 23.99 90.65 11.51
C ASN B 773 25.19 90.00 10.83
N PHE B 774 25.77 90.71 9.86
CA PHE B 774 27.01 90.37 9.17
C PHE B 774 26.85 89.03 8.43
N ASN B 775 25.92 89.01 7.45
CA ASN B 775 25.70 87.90 6.53
C ASN B 775 25.36 86.64 7.33
N GLU B 776 24.21 86.67 8.02
CA GLU B 776 23.79 85.59 8.90
C GLU B 776 22.88 84.61 8.15
N ALA B 777 21.78 85.13 7.59
CA ALA B 777 20.68 84.32 7.09
C ALA B 777 21.04 83.58 5.80
N LYS B 778 21.93 84.18 5.00
CA LYS B 778 22.31 83.63 3.70
C LYS B 778 23.03 82.30 3.87
N TYR B 779 24.06 82.28 4.73
CA TYR B 779 24.86 81.09 5.01
C TYR B 779 24.01 80.04 5.73
N ILE B 780 23.10 80.49 6.59
CA ILE B 780 22.17 79.62 7.30
C ILE B 780 21.29 78.88 6.29
N ALA B 781 20.76 79.63 5.30
CA ALA B 781 19.91 79.05 4.26
C ALA B 781 20.69 78.04 3.43
N PHE B 782 21.94 78.39 3.07
CA PHE B 782 22.78 77.51 2.27
C PHE B 782 23.04 76.20 3.03
N ALA B 783 23.36 76.32 4.33
CA ALA B 783 23.67 75.18 5.17
C ALA B 783 22.44 74.29 5.35
N MET B 784 21.26 74.91 5.49
CA MET B 784 20.02 74.17 5.65
C MET B 784 19.69 73.41 4.36
N TYR B 785 19.98 74.03 3.21
CA TYR B 785 19.80 73.37 1.91
C TYR B 785 20.71 72.15 1.81
N THR B 786 21.97 72.31 2.24
CA THR B 786 22.95 71.23 2.24
C THR B 786 22.47 70.10 3.16
N THR B 787 21.91 70.46 4.32
CA THR B 787 21.41 69.51 5.30
C THR B 787 20.26 68.70 4.71
N CYS B 788 19.34 69.38 4.01
CA CYS B 788 18.20 68.74 3.37
C CYS B 788 18.68 67.75 2.31
N ILE B 789 19.67 68.18 1.50
CA ILE B 789 20.26 67.34 0.46
C ILE B 789 20.87 66.09 1.09
N ILE B 790 21.60 66.27 2.20
CA ILE B 790 22.27 65.20 2.92
C ILE B 790 21.24 64.21 3.46
N TRP B 791 20.14 64.73 4.01
CA TRP B 791 19.07 63.88 4.55
C TRP B 791 18.46 63.02 3.44
N LEU B 792 18.11 63.66 2.31
CA LEU B 792 17.47 62.98 1.19
C LEU B 792 18.42 61.99 0.53
N ALA B 793 19.73 62.19 0.71
CA ALA B 793 20.74 61.29 0.13
C ALA B 793 21.03 60.11 1.05
N PHE B 794 20.96 60.33 2.36
CA PHE B 794 21.36 59.32 3.34
C PHE B 794 20.20 58.43 3.79
N VAL B 795 18.96 58.87 3.56
CA VAL B 795 17.81 58.02 3.85
C VAL B 795 17.88 56.74 3.00
N PRO B 796 18.06 56.80 1.66
CA PRO B 796 18.19 55.57 0.86
C PRO B 796 19.46 54.78 1.15
N ILE B 797 20.54 55.48 1.51
CA ILE B 797 21.78 54.83 1.91
C ILE B 797 21.56 54.04 3.20
N TYR B 798 20.76 54.61 4.12
CA TYR B 798 20.36 53.91 5.33
C TYR B 798 19.56 52.66 4.97
N PHE B 799 18.51 52.83 4.15
CA PHE B 799 17.59 51.74 3.83
C PHE B 799 18.25 50.71 2.91
N GLY B 800 19.31 51.12 2.19
CA GLY B 800 20.00 50.26 1.25
C GLY B 800 21.30 49.70 1.80
N SER B 801 21.35 49.48 3.11
CA SER B 801 22.50 48.94 3.81
C SER B 801 22.07 48.27 5.11
N ASN B 802 23.01 47.59 5.78
CA ASN B 802 22.74 46.82 6.99
C ASN B 802 23.56 47.35 8.18
N TYR B 803 24.43 48.33 7.93
CA TYR B 803 25.20 48.97 8.99
C TYR B 803 24.35 50.07 9.62
N LYS B 804 23.23 49.65 10.22
CA LYS B 804 22.15 50.53 10.65
C LYS B 804 22.64 51.47 11.76
N ALA B 805 23.30 50.90 12.77
CA ALA B 805 23.79 51.63 13.93
C ALA B 805 24.78 52.71 13.49
N ILE B 806 25.72 52.33 12.62
CA ILE B 806 26.76 53.23 12.13
C ILE B 806 26.12 54.35 11.32
N THR B 807 25.13 54.00 10.50
CA THR B 807 24.46 54.98 9.65
C THR B 807 23.72 56.01 10.50
N MET B 808 23.02 55.54 11.54
CA MET B 808 22.29 56.43 12.43
C MET B 808 23.27 57.35 13.17
N CYS B 809 24.39 56.77 13.65
CA CYS B 809 25.42 57.52 14.35
C CYS B 809 25.92 58.66 13.48
N PHE B 810 26.35 58.33 12.25
CA PHE B 810 26.90 59.31 11.32
C PHE B 810 25.86 60.36 10.96
N SER B 811 24.62 59.93 10.70
CA SER B 811 23.56 60.82 10.28
C SER B 811 23.31 61.89 11.34
N VAL B 812 23.08 61.45 12.59
CA VAL B 812 22.74 62.35 13.68
C VAL B 812 23.94 63.23 14.01
N SER B 813 25.14 62.64 14.06
CA SER B 813 26.35 63.35 14.42
C SER B 813 26.64 64.47 13.41
N LEU B 814 26.54 64.15 12.12
CA LEU B 814 26.83 65.12 11.07
C LEU B 814 25.73 66.18 10.98
N SER B 815 24.48 65.79 11.26
CA SER B 815 23.38 66.75 11.32
C SER B 815 23.67 67.82 12.38
N ALA B 816 23.95 67.36 13.61
CA ALA B 816 24.27 68.25 14.72
C ALA B 816 25.54 69.06 14.42
N THR B 817 26.51 68.42 13.74
CA THR B 817 27.79 69.04 13.45
C THR B 817 27.62 70.21 12.48
N VAL B 818 26.89 69.97 11.39
CA VAL B 818 26.65 70.99 10.38
C VAL B 818 25.84 72.14 10.99
N LEU B 819 24.84 71.80 11.80
CA LEU B 819 24.00 72.79 12.45
C LEU B 819 24.86 73.70 13.32
N LEU B 820 25.64 73.10 14.23
CA LEU B 820 26.45 73.83 15.20
C LEU B 820 27.51 74.67 14.48
N GLY B 821 28.17 74.03 13.50
CA GLY B 821 29.29 74.63 12.78
C GLY B 821 28.88 75.69 11.77
N CYS B 822 27.57 75.81 11.51
CA CYS B 822 27.09 76.77 10.52
C CYS B 822 26.27 77.90 11.17
N MET B 823 25.75 77.68 12.37
CA MET B 823 24.98 78.72 13.04
C MET B 823 25.81 79.44 14.10
N PHE B 824 26.89 78.79 14.56
CA PHE B 824 27.63 79.27 15.72
C PHE B 824 29.07 79.67 15.40
N VAL B 825 29.68 79.05 14.37
CA VAL B 825 31.07 79.34 14.03
C VAL B 825 31.25 80.82 13.65
N PRO B 826 30.38 81.44 12.80
CA PRO B 826 30.45 82.89 12.57
C PRO B 826 30.36 83.70 13.85
N LYS B 827 29.50 83.28 14.79
CA LYS B 827 29.28 84.00 16.03
C LYS B 827 30.54 83.97 16.89
N VAL B 828 31.17 82.78 16.98
CA VAL B 828 32.39 82.60 17.75
C VAL B 828 33.52 83.41 17.12
N TYR B 829 33.61 83.39 15.79
CA TYR B 829 34.63 84.11 15.06
C TYR B 829 34.49 85.62 15.29
N ILE B 830 33.25 86.11 15.35
CA ILE B 830 32.99 87.53 15.56
C ILE B 830 33.35 87.91 17.00
N ILE B 831 32.90 87.10 17.97
CA ILE B 831 33.07 87.41 19.39
C ILE B 831 34.54 87.32 19.80
N LEU B 832 35.32 86.49 19.08
CA LEU B 832 36.72 86.28 19.41
C LEU B 832 37.55 86.15 18.14
C1 NAG C . -34.99 -4.01 -6.13
C2 NAG C . -35.15 -3.74 -7.61
C3 NAG C . -36.35 -4.46 -8.24
C4 NAG C . -37.61 -4.34 -7.41
C5 NAG C . -37.32 -4.66 -5.94
C6 NAG C . -38.23 -5.74 -5.42
C7 NAG C . -35.19 -1.66 -8.95
C8 NAG C . -35.36 -0.17 -8.88
N2 NAG C . -35.28 -2.29 -7.79
O3 NAG C . -36.00 -5.84 -8.43
O4 NAG C . -38.09 -3.00 -7.54
O5 NAG C . -35.94 -5.07 -5.79
O6 NAG C . -37.96 -5.99 -4.03
O7 NAG C . -35.02 -2.22 -10.01
NAA Z99 D . -22.22 -32.61 1.40
OAB Z99 D . -23.25 -36.60 5.30
OAC Z99 D . -19.23 -34.03 2.88
OAD Z99 D . -24.30 -36.47 3.39
OAE Z99 D . -19.69 -33.24 0.91
CAF Z99 D . -23.69 -30.23 7.54
CAG Z99 D . -17.31 -30.65 5.18
CAH Z99 D . -24.24 -30.22 6.24
CAI Z99 D . -17.74 -30.62 3.84
CAJ Z99 D . -22.40 -30.71 7.81
CAK Z99 D . -18.16 -31.01 6.22
CAL Z99 D . -23.56 -30.72 5.14
CAM Z99 D . -19.05 -30.92 3.47
CAN Z99 D . -21.93 -32.88 3.69
CAO Z99 D . -21.55 -36.19 2.18
OAP Z99 D . -20.40 -31.74 6.83
CAQ Z99 D . -23.28 -36.30 4.09
CAR Z99 D . -20.05 -33.61 2.04
CAS Z99 D . -21.69 -31.21 6.73
CAT Z99 D . -19.47 -31.37 5.88
CAU Z99 D . -22.26 -31.17 5.37
CAV Z99 D . -19.92 -31.29 4.48
CAW Z99 D . -21.31 -31.78 4.48
CAX Z99 D . -22.02 -35.69 3.53
CAY Z99 D . -21.54 -33.50 2.36
CAZ Z99 D . -22.30 -34.84 2.27
C1 NAG E . 34.84 -5.49 6.05
C2 NAG E . 35.00 -5.28 7.53
C3 NAG E . 36.16 -6.07 8.14
C4 NAG E . 37.44 -5.96 7.32
C5 NAG E . 37.15 -6.20 5.83
C6 NAG E . 38.03 -7.29 5.28
C7 NAG E . 35.10 -3.27 8.95
C8 NAG E . 35.32 -1.78 8.94
N2 NAG E . 35.17 -3.85 7.76
O3 NAG E . 35.77 -7.44 8.28
O4 NAG E . 37.97 -4.64 7.51
O5 NAG E . 35.75 -6.57 5.66
O6 NAG E . 37.76 -7.49 3.87
O7 NAG E . 34.88 -3.87 10.00
NAA Z99 F . 21.22 -33.37 -2.64
OAB Z99 F . 22.15 -37.23 -6.68
OAC Z99 F . 18.20 -34.62 -4.20
OAD Z99 F . 23.19 -37.21 -4.76
OAE Z99 F . 18.66 -33.93 -2.19
CAF Z99 F . 22.81 -30.81 -8.68
CAG Z99 F . 16.40 -31.10 -6.37
CAH Z99 F . 23.35 -30.87 -7.38
CAI Z99 F . 16.83 -31.14 -5.04
CAJ Z99 F . 21.52 -31.24 -8.98
CAK Z99 F . 17.24 -31.46 -7.42
CAL Z99 F . 22.65 -31.38 -6.30
CAM Z99 F . 18.12 -31.49 -4.67
CAN Z99 F . 20.94 -33.54 -4.94
CAO Z99 F . 20.45 -36.88 -3.56
OAP Z99 F . 19.48 -32.22 -8.05
CAQ Z99 F . 22.17 -36.98 -5.47
CAR Z99 F . 19.03 -34.26 -3.33
CAS Z99 F . 20.78 -31.76 -7.92
CAT Z99 F . 18.54 -31.87 -7.09
CAU Z99 F . 21.34 -31.78 -6.56
CAV Z99 F . 18.99 -31.86 -5.69
CAW Z99 F . 20.36 -32.39 -5.68
CAX Z99 F . 20.94 -36.35 -4.89
CAY Z99 F . 20.52 -34.19 -3.64
CAZ Z99 F . 21.24 -35.57 -3.61
#